data_5OTT
# 
_entry.id   5OTT 
# 
_audit_conform.dict_name       mmcif_pdbx.dic 
_audit_conform.dict_version    5.397 
_audit_conform.dict_location   http://mmcif.pdb.org/dictionaries/ascii/mmcif_pdbx.dic 
# 
loop_
_database_2.database_id 
_database_2.database_code 
_database_2.pdbx_database_accession 
_database_2.pdbx_DOI 
PDB   5OTT         pdb_00005ott 10.2210/pdb5ott/pdb 
WWPDB D_1200004586 ?            ?                   
# 
loop_
_pdbx_audit_revision_history.ordinal 
_pdbx_audit_revision_history.data_content_type 
_pdbx_audit_revision_history.major_revision 
_pdbx_audit_revision_history.minor_revision 
_pdbx_audit_revision_history.revision_date 
1 'Structure model' 1 0 2018-07-04 
2 'Structure model' 1 1 2018-07-25 
3 'Structure model' 1 2 2024-01-17 
4 'Structure model' 1 3 2024-03-06 
5 'Structure model' 1 4 2024-10-23 
# 
_pdbx_audit_revision_details.ordinal             1 
_pdbx_audit_revision_details.revision_ordinal    1 
_pdbx_audit_revision_details.data_content_type   'Structure model' 
_pdbx_audit_revision_details.provider            repository 
_pdbx_audit_revision_details.type                'Initial release' 
_pdbx_audit_revision_details.description         ? 
_pdbx_audit_revision_details.details             ? 
# 
loop_
_pdbx_audit_revision_group.ordinal 
_pdbx_audit_revision_group.revision_ordinal 
_pdbx_audit_revision_group.data_content_type 
_pdbx_audit_revision_group.group 
1 2 'Structure model' 'Data collection'        
2 2 'Structure model' 'Database references'    
3 3 'Structure model' 'Data collection'        
4 3 'Structure model' 'Database references'    
5 3 'Structure model' 'Refinement description' 
6 4 'Structure model' 'Structure summary'      
7 5 'Structure model' 'Structure summary'      
# 
loop_
_pdbx_audit_revision_category.ordinal 
_pdbx_audit_revision_category.revision_ordinal 
_pdbx_audit_revision_category.data_content_type 
_pdbx_audit_revision_category.category 
1 2 'Structure model' citation                      
2 3 'Structure model' chem_comp_atom                
3 3 'Structure model' chem_comp_bond                
4 3 'Structure model' database_2                    
5 3 'Structure model' pdbx_initial_refinement_model 
6 4 'Structure model' chem_comp                     
7 5 'Structure model' pdbx_entry_details            
8 5 'Structure model' pdbx_modification_feature     
# 
loop_
_pdbx_audit_revision_item.ordinal 
_pdbx_audit_revision_item.revision_ordinal 
_pdbx_audit_revision_item.data_content_type 
_pdbx_audit_revision_item.item 
1 2 'Structure model' '_citation.journal_volume'            
2 2 'Structure model' '_citation.page_first'                
3 2 'Structure model' '_citation.page_last'                 
4 3 'Structure model' '_database_2.pdbx_DOI'                
5 3 'Structure model' '_database_2.pdbx_database_accession' 
6 4 'Structure model' '_chem_comp.pdbx_synonyms'            
# 
_pdbx_database_status.status_code                     REL 
_pdbx_database_status.status_code_sf                  REL 
_pdbx_database_status.status_code_mr                  ? 
_pdbx_database_status.entry_id                        5OTT 
_pdbx_database_status.recvd_initial_deposition_date   2017-08-22 
_pdbx_database_status.SG_entry                        N 
_pdbx_database_status.deposit_site                    PDBE 
_pdbx_database_status.process_site                    PDBE 
_pdbx_database_status.status_code_cs                  ? 
_pdbx_database_status.methods_development_category    ? 
_pdbx_database_status.pdb_format_compatible           Y 
_pdbx_database_status.status_code_nmr_data            ? 
# 
_audit_author.name               'Mortensen, S.' 
_audit_author.pdbx_ordinal       1 
_audit_author.identifier_ORCID   0000-0003-1631-6651 
# 
_citation.abstract                  ? 
_citation.abstract_id_CAS           ? 
_citation.book_id_ISBN              ? 
_citation.book_publisher            ? 
_citation.book_publisher_city       ? 
_citation.book_title                ? 
_citation.coordinate_linkage        ? 
_citation.country                   US 
_citation.database_id_Medline       ? 
_citation.details                   ? 
_citation.id                        primary 
_citation.journal_abbrev            Biochemistry 
_citation.journal_id_ASTM           BICHAW 
_citation.journal_id_CSD            0033 
_citation.journal_id_ISSN           1520-4995 
_citation.journal_full              ? 
_citation.journal_issue             ? 
_citation.journal_volume            57 
_citation.language                  ? 
_citation.page_first                4148 
_citation.page_last                 4154 
_citation.title                     
;alpha-Helix or beta-Turn? An Investigation into N-Terminally Constrained Analogues of Glucagon-like Peptide 1 (GLP-1) and Exendin-4.
;
_citation.year                      2018 
_citation.database_id_CSD           ? 
_citation.pdbx_database_id_DOI      10.1021/acs.biochem.8b00105 
_citation.pdbx_database_id_PubMed   29877701 
_citation.unpublished_flag          ? 
# 
loop_
_citation_author.citation_id 
_citation_author.name 
_citation_author.ordinal 
_citation_author.identifier_ORCID 
primary 'Oddo, A.'         1 ? 
primary 'Mortensen, S.'    2 ? 
primary 'Thogersen, H.'    3 ? 
primary 'De Maria, L.'     4 ? 
primary 'Hennen, S.'       5 ? 
primary 'McGuire, J.N.'    6 ? 
primary 'Kofoed, J.'       7 ? 
primary 'Linderoth, L.'    8 ? 
primary 'Reedtz-Runge, S.' 9 ? 
# 
loop_
_entity.id 
_entity.type 
_entity.src_method 
_entity.pdbx_description 
_entity.formula_weight 
_entity.pdbx_number_of_molecules 
_entity.pdbx_ec 
_entity.pdbx_mutation 
_entity.pdbx_fragment 
_entity.details 
1 polymer man 'Glucagon-like peptide 1 receptor' 13547.892 1   ? ?              'extracellular domain, UNP residues 24-139' ? 
2 polymer syn Exendin-4                          4267.772  1   ? 'G2HCS, T5HCS' ?                                           ? 
3 water   nat water                              18.015    118 ? ?              ?                                           ? 
# 
_entity_name_com.entity_id   1 
_entity_name_com.name        GLP-1R 
# 
loop_
_entity_poly.entity_id 
_entity_poly.type 
_entity_poly.nstd_linkage 
_entity_poly.nstd_monomer 
_entity_poly.pdbx_seq_one_letter_code 
_entity_poly.pdbx_seq_one_letter_code_can 
_entity_poly.pdbx_strand_id 
_entity_poly.pdbx_target_identifier 
1 'polypeptide(L)' no no  
;RPQGATVSLWETVQKWREYRRQCQRSLTEDPPPATDLFCNRTFDEYACWPDGEPGSFVNVSCPWYLPWASSVPQGHVYRF
CTAEGLWLQKDNSSLPWRDLSECEESKRGERSSPEE
;
;RPQGATVSLWETVQKWREYRRQCQRSLTEDPPPATDLFCNRTFDEYACWPDGEPGSFVNVSCPWYLPWASSVPQGHVYRF
CTAEGLWLQKDNSSLPWRDLSECEESKRGERSSPEE
;
A ? 
2 'polypeptide(L)' no yes 'H(HCS)EG(HCS)FTSDLSKQMEEEAVRLFIEWLKNGGPSSGAPPPS' HXEGXFTSDLSKQMEEEAVRLFIEWLKNGGPSSGAPPPS B ? 
# 
_pdbx_entity_nonpoly.entity_id   3 
_pdbx_entity_nonpoly.name        water 
_pdbx_entity_nonpoly.comp_id     HOH 
# 
loop_
_entity_poly_seq.entity_id 
_entity_poly_seq.num 
_entity_poly_seq.mon_id 
_entity_poly_seq.hetero 
1 1   ARG n 
1 2   PRO n 
1 3   GLN n 
1 4   GLY n 
1 5   ALA n 
1 6   THR n 
1 7   VAL n 
1 8   SER n 
1 9   LEU n 
1 10  TRP n 
1 11  GLU n 
1 12  THR n 
1 13  VAL n 
1 14  GLN n 
1 15  LYS n 
1 16  TRP n 
1 17  ARG n 
1 18  GLU n 
1 19  TYR n 
1 20  ARG n 
1 21  ARG n 
1 22  GLN n 
1 23  CYS n 
1 24  GLN n 
1 25  ARG n 
1 26  SER n 
1 27  LEU n 
1 28  THR n 
1 29  GLU n 
1 30  ASP n 
1 31  PRO n 
1 32  PRO n 
1 33  PRO n 
1 34  ALA n 
1 35  THR n 
1 36  ASP n 
1 37  LEU n 
1 38  PHE n 
1 39  CYS n 
1 40  ASN n 
1 41  ARG n 
1 42  THR n 
1 43  PHE n 
1 44  ASP n 
1 45  GLU n 
1 46  TYR n 
1 47  ALA n 
1 48  CYS n 
1 49  TRP n 
1 50  PRO n 
1 51  ASP n 
1 52  GLY n 
1 53  GLU n 
1 54  PRO n 
1 55  GLY n 
1 56  SER n 
1 57  PHE n 
1 58  VAL n 
1 59  ASN n 
1 60  VAL n 
1 61  SER n 
1 62  CYS n 
1 63  PRO n 
1 64  TRP n 
1 65  TYR n 
1 66  LEU n 
1 67  PRO n 
1 68  TRP n 
1 69  ALA n 
1 70  SER n 
1 71  SER n 
1 72  VAL n 
1 73  PRO n 
1 74  GLN n 
1 75  GLY n 
1 76  HIS n 
1 77  VAL n 
1 78  TYR n 
1 79  ARG n 
1 80  PHE n 
1 81  CYS n 
1 82  THR n 
1 83  ALA n 
1 84  GLU n 
1 85  GLY n 
1 86  LEU n 
1 87  TRP n 
1 88  LEU n 
1 89  GLN n 
1 90  LYS n 
1 91  ASP n 
1 92  ASN n 
1 93  SER n 
1 94  SER n 
1 95  LEU n 
1 96  PRO n 
1 97  TRP n 
1 98  ARG n 
1 99  ASP n 
1 100 LEU n 
1 101 SER n 
1 102 GLU n 
1 103 CYS n 
1 104 GLU n 
1 105 GLU n 
1 106 SER n 
1 107 LYS n 
1 108 ARG n 
1 109 GLY n 
1 110 GLU n 
1 111 ARG n 
1 112 SER n 
1 113 SER n 
1 114 PRO n 
1 115 GLU n 
1 116 GLU n 
2 1   HIS n 
2 2   HCS n 
2 3   GLU n 
2 4   GLY n 
2 5   HCS n 
2 6   PHE n 
2 7   THR n 
2 8   SER n 
2 9   ASP n 
2 10  LEU n 
2 11  SER n 
2 12  LYS n 
2 13  GLN n 
2 14  MET n 
2 15  GLU n 
2 16  GLU n 
2 17  GLU n 
2 18  ALA n 
2 19  VAL n 
2 20  ARG n 
2 21  LEU n 
2 22  PHE n 
2 23  ILE n 
2 24  GLU n 
2 25  TRP n 
2 26  LEU n 
2 27  LYS n 
2 28  ASN n 
2 29  GLY n 
2 30  GLY n 
2 31  PRO n 
2 32  SER n 
2 33  SER n 
2 34  GLY n 
2 35  ALA n 
2 36  PRO n 
2 37  PRO n 
2 38  PRO n 
2 39  SER n 
# 
_entity_src_gen.entity_id                          1 
_entity_src_gen.pdbx_src_id                        1 
_entity_src_gen.pdbx_alt_source_flag               sample 
_entity_src_gen.pdbx_seq_type                      'Biological sequence' 
_entity_src_gen.pdbx_beg_seq_num                   1 
_entity_src_gen.pdbx_end_seq_num                   116 
_entity_src_gen.gene_src_common_name               Human 
_entity_src_gen.gene_src_genus                     ? 
_entity_src_gen.pdbx_gene_src_gene                 GLP1R 
_entity_src_gen.gene_src_species                   ? 
_entity_src_gen.gene_src_strain                    ? 
_entity_src_gen.gene_src_tissue                    ? 
_entity_src_gen.gene_src_tissue_fraction           ? 
_entity_src_gen.gene_src_details                   ? 
_entity_src_gen.pdbx_gene_src_fragment             ? 
_entity_src_gen.pdbx_gene_src_scientific_name      'Homo sapiens' 
_entity_src_gen.pdbx_gene_src_ncbi_taxonomy_id     9606 
_entity_src_gen.pdbx_gene_src_variant              ? 
_entity_src_gen.pdbx_gene_src_cell_line            ? 
_entity_src_gen.pdbx_gene_src_atcc                 ? 
_entity_src_gen.pdbx_gene_src_organ                ? 
_entity_src_gen.pdbx_gene_src_organelle            ? 
_entity_src_gen.pdbx_gene_src_cell                 ? 
_entity_src_gen.pdbx_gene_src_cellular_location    ? 
_entity_src_gen.host_org_common_name               ? 
_entity_src_gen.pdbx_host_org_scientific_name      'Escherichia coli' 
_entity_src_gen.pdbx_host_org_ncbi_taxonomy_id     562 
_entity_src_gen.host_org_genus                     ? 
_entity_src_gen.pdbx_host_org_gene                 ? 
_entity_src_gen.pdbx_host_org_organ                ? 
_entity_src_gen.host_org_species                   ? 
_entity_src_gen.pdbx_host_org_tissue               ? 
_entity_src_gen.pdbx_host_org_tissue_fraction      ? 
_entity_src_gen.pdbx_host_org_strain               ? 
_entity_src_gen.pdbx_host_org_variant              ? 
_entity_src_gen.pdbx_host_org_cell_line            ? 
_entity_src_gen.pdbx_host_org_atcc                 ? 
_entity_src_gen.pdbx_host_org_culture_collection   ? 
_entity_src_gen.pdbx_host_org_cell                 ? 
_entity_src_gen.pdbx_host_org_organelle            ? 
_entity_src_gen.pdbx_host_org_cellular_location    ? 
_entity_src_gen.pdbx_host_org_vector_type          ? 
_entity_src_gen.pdbx_host_org_vector               ? 
_entity_src_gen.host_org_details                   ? 
_entity_src_gen.expression_system_id               ? 
_entity_src_gen.plasmid_name                       ? 
_entity_src_gen.plasmid_details                    ? 
_entity_src_gen.pdbx_description                   ? 
# 
_pdbx_entity_src_syn.entity_id              2 
_pdbx_entity_src_syn.pdbx_src_id            1 
_pdbx_entity_src_syn.pdbx_alt_source_flag   sample 
_pdbx_entity_src_syn.pdbx_beg_seq_num       1 
_pdbx_entity_src_syn.pdbx_end_seq_num       39 
_pdbx_entity_src_syn.organism_scientific    'Heloderma suspectum' 
_pdbx_entity_src_syn.organism_common_name   'Gila monster' 
_pdbx_entity_src_syn.ncbi_taxonomy_id       8554 
_pdbx_entity_src_syn.details                ? 
# 
loop_
_chem_comp.id 
_chem_comp.type 
_chem_comp.mon_nstd_flag 
_chem_comp.name 
_chem_comp.pdbx_synonyms 
_chem_comp.formula 
_chem_comp.formula_weight 
ALA 'L-peptide linking' y ALANINE                           ?              'C3 H7 N O2'     89.093  
ARG 'L-peptide linking' y ARGININE                          ?              'C6 H15 N4 O2 1' 175.209 
ASN 'L-peptide linking' y ASPARAGINE                        ?              'C4 H8 N2 O3'    132.118 
ASP 'L-peptide linking' y 'ASPARTIC ACID'                   ?              'C4 H7 N O4'     133.103 
CYS 'L-peptide linking' y CYSTEINE                          ?              'C3 H7 N O2 S'   121.158 
GLN 'L-peptide linking' y GLUTAMINE                         ?              'C5 H10 N2 O3'   146.144 
GLU 'L-peptide linking' y 'GLUTAMIC ACID'                   ?              'C5 H9 N O4'     147.129 
GLY 'peptide linking'   y GLYCINE                           ?              'C2 H5 N O2'     75.067  
HCS 'L-peptide linking' . '2-AMINO-4-MERCAPTO-BUTYRIC ACID' L-Homocysteine 'C4 H9 N O2 S'   135.185 
HIS 'L-peptide linking' y HISTIDINE                         ?              'C6 H10 N3 O2 1' 156.162 
HOH non-polymer         . WATER                             ?              'H2 O'           18.015  
ILE 'L-peptide linking' y ISOLEUCINE                        ?              'C6 H13 N O2'    131.173 
LEU 'L-peptide linking' y LEUCINE                           ?              'C6 H13 N O2'    131.173 
LYS 'L-peptide linking' y LYSINE                            ?              'C6 H15 N2 O2 1' 147.195 
MET 'L-peptide linking' y METHIONINE                        ?              'C5 H11 N O2 S'  149.211 
PHE 'L-peptide linking' y PHENYLALANINE                     ?              'C9 H11 N O2'    165.189 
PRO 'L-peptide linking' y PROLINE                           ?              'C5 H9 N O2'     115.130 
SER 'L-peptide linking' y SERINE                            ?              'C3 H7 N O3'     105.093 
THR 'L-peptide linking' y THREONINE                         ?              'C4 H9 N O3'     119.119 
TRP 'L-peptide linking' y TRYPTOPHAN                        ?              'C11 H12 N2 O2'  204.225 
TYR 'L-peptide linking' y TYROSINE                          ?              'C9 H11 N O3'    181.189 
VAL 'L-peptide linking' y VALINE                            ?              'C5 H11 N O2'    117.146 
# 
loop_
_pdbx_poly_seq_scheme.asym_id 
_pdbx_poly_seq_scheme.entity_id 
_pdbx_poly_seq_scheme.seq_id 
_pdbx_poly_seq_scheme.mon_id 
_pdbx_poly_seq_scheme.ndb_seq_num 
_pdbx_poly_seq_scheme.pdb_seq_num 
_pdbx_poly_seq_scheme.auth_seq_num 
_pdbx_poly_seq_scheme.pdb_mon_id 
_pdbx_poly_seq_scheme.auth_mon_id 
_pdbx_poly_seq_scheme.pdb_strand_id 
_pdbx_poly_seq_scheme.pdb_ins_code 
_pdbx_poly_seq_scheme.hetero 
A 1 1   ARG 1   24  ?   ?   ?   A . n 
A 1 2   PRO 2   25  ?   ?   ?   A . n 
A 1 3   GLN 3   26  ?   ?   ?   A . n 
A 1 4   GLY 4   27  ?   ?   ?   A . n 
A 1 5   ALA 5   28  ?   ?   ?   A . n 
A 1 6   THR 6   29  ?   ?   ?   A . n 
A 1 7   VAL 7   30  30  VAL VAL A . n 
A 1 8   SER 8   31  31  SER SER A . n 
A 1 9   LEU 9   32  32  LEU LEU A . n 
A 1 10  TRP 10  33  33  TRP TRP A . n 
A 1 11  GLU 11  34  34  GLU GLU A . n 
A 1 12  THR 12  35  35  THR THR A . n 
A 1 13  VAL 13  36  36  VAL VAL A . n 
A 1 14  GLN 14  37  37  GLN GLN A . n 
A 1 15  LYS 15  38  38  LYS LYS A . n 
A 1 16  TRP 16  39  39  TRP TRP A . n 
A 1 17  ARG 17  40  40  ARG ARG A . n 
A 1 18  GLU 18  41  41  GLU GLU A . n 
A 1 19  TYR 19  42  42  TYR TYR A . n 
A 1 20  ARG 20  43  43  ARG ARG A . n 
A 1 21  ARG 21  44  44  ARG ARG A . n 
A 1 22  GLN 22  45  45  GLN GLN A . n 
A 1 23  CYS 23  46  46  CYS CYS A . n 
A 1 24  GLN 24  47  47  GLN GLN A . n 
A 1 25  ARG 25  48  48  ARG ARG A . n 
A 1 26  SER 26  49  49  SER SER A . n 
A 1 27  LEU 27  50  50  LEU LEU A . n 
A 1 28  THR 28  51  51  THR THR A . n 
A 1 29  GLU 29  52  52  GLU GLU A . n 
A 1 30  ASP 30  53  53  ASP ASP A . n 
A 1 31  PRO 31  54  54  PRO PRO A . n 
A 1 32  PRO 32  55  55  PRO PRO A . n 
A 1 33  PRO 33  56  56  PRO PRO A . n 
A 1 34  ALA 34  57  ?   ?   ?   A . n 
A 1 35  THR 35  58  58  THR THR A . n 
A 1 36  ASP 36  59  59  ASP ASP A . n 
A 1 37  LEU 37  60  60  LEU LEU A . n 
A 1 38  PHE 38  61  61  PHE PHE A . n 
A 1 39  CYS 39  62  62  CYS CYS A . n 
A 1 40  ASN 40  63  63  ASN ASN A . n 
A 1 41  ARG 41  64  64  ARG ARG A . n 
A 1 42  THR 42  65  65  THR THR A . n 
A 1 43  PHE 43  66  66  PHE PHE A . n 
A 1 44  ASP 44  67  67  ASP ASP A . n 
A 1 45  GLU 45  68  68  GLU GLU A . n 
A 1 46  TYR 46  69  69  TYR TYR A . n 
A 1 47  ALA 47  70  70  ALA ALA A . n 
A 1 48  CYS 48  71  71  CYS CYS A . n 
A 1 49  TRP 49  72  72  TRP TRP A . n 
A 1 50  PRO 50  73  73  PRO PRO A . n 
A 1 51  ASP 51  74  74  ASP ASP A . n 
A 1 52  GLY 52  75  75  GLY GLY A . n 
A 1 53  GLU 53  76  76  GLU GLU A . n 
A 1 54  PRO 54  77  77  PRO PRO A . n 
A 1 55  GLY 55  78  78  GLY GLY A . n 
A 1 56  SER 56  79  79  SER SER A . n 
A 1 57  PHE 57  80  80  PHE PHE A . n 
A 1 58  VAL 58  81  81  VAL VAL A . n 
A 1 59  ASN 59  82  82  ASN ASN A . n 
A 1 60  VAL 60  83  83  VAL VAL A . n 
A 1 61  SER 61  84  84  SER SER A . n 
A 1 62  CYS 62  85  85  CYS CYS A . n 
A 1 63  PRO 63  86  86  PRO PRO A . n 
A 1 64  TRP 64  87  87  TRP TRP A . n 
A 1 65  TYR 65  88  88  TYR TYR A . n 
A 1 66  LEU 66  89  89  LEU LEU A . n 
A 1 67  PRO 67  90  90  PRO PRO A . n 
A 1 68  TRP 68  91  91  TRP TRP A . n 
A 1 69  ALA 69  92  92  ALA ALA A . n 
A 1 70  SER 70  93  93  SER SER A . n 
A 1 71  SER 71  94  94  SER SER A . n 
A 1 72  VAL 72  95  95  VAL VAL A . n 
A 1 73  PRO 73  96  96  PRO PRO A . n 
A 1 74  GLN 74  97  97  GLN GLN A . n 
A 1 75  GLY 75  98  98  GLY GLY A . n 
A 1 76  HIS 76  99  99  HIS HIS A . n 
A 1 77  VAL 77  100 100 VAL VAL A . n 
A 1 78  TYR 78  101 101 TYR TYR A . n 
A 1 79  ARG 79  102 102 ARG ARG A . n 
A 1 80  PHE 80  103 103 PHE PHE A . n 
A 1 81  CYS 81  104 104 CYS CYS A . n 
A 1 82  THR 82  105 105 THR THR A . n 
A 1 83  ALA 83  106 106 ALA ALA A . n 
A 1 84  GLU 84  107 107 GLU GLU A . n 
A 1 85  GLY 85  108 108 GLY GLY A . n 
A 1 86  LEU 86  109 109 LEU LEU A . n 
A 1 87  TRP 87  110 110 TRP TRP A . n 
A 1 88  LEU 88  111 111 LEU LEU A . n 
A 1 89  GLN 89  112 112 GLN GLN A . n 
A 1 90  LYS 90  113 113 LYS LYS A . n 
A 1 91  ASP 91  114 114 ASP ASP A . n 
A 1 92  ASN 92  115 115 ASN ASN A . n 
A 1 93  SER 93  116 116 SER SER A . n 
A 1 94  SER 94  117 117 SER SER A . n 
A 1 95  LEU 95  118 118 LEU LEU A . n 
A 1 96  PRO 96  119 119 PRO PRO A . n 
A 1 97  TRP 97  120 120 TRP TRP A . n 
A 1 98  ARG 98  121 121 ARG ARG A . n 
A 1 99  ASP 99  122 122 ASP ASP A . n 
A 1 100 LEU 100 123 123 LEU LEU A . n 
A 1 101 SER 101 124 124 SER SER A . n 
A 1 102 GLU 102 125 125 GLU GLU A . n 
A 1 103 CYS 103 126 126 CYS CYS A . n 
A 1 104 GLU 104 127 127 GLU GLU A . n 
A 1 105 GLU 105 128 128 GLU GLU A . n 
A 1 106 SER 106 129 ?   ?   ?   A . n 
A 1 107 LYS 107 130 ?   ?   ?   A . n 
A 1 108 ARG 108 131 ?   ?   ?   A . n 
A 1 109 GLY 109 132 ?   ?   ?   A . n 
A 1 110 GLU 110 133 ?   ?   ?   A . n 
A 1 111 ARG 111 134 ?   ?   ?   A . n 
A 1 112 SER 112 135 ?   ?   ?   A . n 
A 1 113 SER 113 136 ?   ?   ?   A . n 
A 1 114 PRO 114 137 ?   ?   ?   A . n 
A 1 115 GLU 115 138 ?   ?   ?   A . n 
A 1 116 GLU 116 139 ?   ?   ?   A . n 
B 2 1   HIS 1   1   ?   ?   ?   B . n 
B 2 2   HCS 2   2   2   HCS HCS B . n 
B 2 3   GLU 3   3   3   GLU GLU B . n 
B 2 4   GLY 4   4   4   GLY GLY B . n 
B 2 5   HCS 5   5   5   HCS HCS B . n 
B 2 6   PHE 6   6   6   PHE PHE B . n 
B 2 7   THR 7   7   7   THR THR B . n 
B 2 8   SER 8   8   8   SER SER B . n 
B 2 9   ASP 9   9   9   ASP ASP B . n 
B 2 10  LEU 10  10  10  LEU LEU B . n 
B 2 11  SER 11  11  11  SER SER B . n 
B 2 12  LYS 12  12  12  LYS LYS B . n 
B 2 13  GLN 13  13  13  GLN GLN B . n 
B 2 14  MET 14  14  14  MET MET B . n 
B 2 15  GLU 15  15  15  GLU GLU B . n 
B 2 16  GLU 16  16  16  GLU GLU B . n 
B 2 17  GLU 17  17  17  GLU GLU B . n 
B 2 18  ALA 18  18  18  ALA ALA B . n 
B 2 19  VAL 19  19  19  VAL VAL B . n 
B 2 20  ARG 20  20  20  ARG ARG B . n 
B 2 21  LEU 21  21  21  LEU LEU B . n 
B 2 22  PHE 22  22  22  PHE PHE B . n 
B 2 23  ILE 23  23  23  ILE ILE B . n 
B 2 24  GLU 24  24  24  GLU GLU B . n 
B 2 25  TRP 25  25  25  TRP TRP B . n 
B 2 26  LEU 26  26  26  LEU LEU B . n 
B 2 27  LYS 27  27  27  LYS LYS B . n 
B 2 28  ASN 28  28  28  ASN ASN B . n 
B 2 29  GLY 29  29  29  GLY GLY B . n 
B 2 30  GLY 30  30  30  GLY GLY B . n 
B 2 31  PRO 31  31  31  PRO PRO B . n 
B 2 32  SER 32  32  32  SER SER B . n 
B 2 33  SER 33  33  33  SER SER B . n 
B 2 34  GLY 34  34  34  GLY GLY B . n 
B 2 35  ALA 35  35  35  ALA ALA B . n 
B 2 36  PRO 36  36  36  PRO PRO B . n 
B 2 37  PRO 37  37  37  PRO PRO B . n 
B 2 38  PRO 38  38  ?   ?   ?   B . n 
B 2 39  SER 39  39  ?   ?   ?   B . n 
# 
loop_
_pdbx_nonpoly_scheme.asym_id 
_pdbx_nonpoly_scheme.entity_id 
_pdbx_nonpoly_scheme.mon_id 
_pdbx_nonpoly_scheme.ndb_seq_num 
_pdbx_nonpoly_scheme.pdb_seq_num 
_pdbx_nonpoly_scheme.auth_seq_num 
_pdbx_nonpoly_scheme.pdb_mon_id 
_pdbx_nonpoly_scheme.auth_mon_id 
_pdbx_nonpoly_scheme.pdb_strand_id 
_pdbx_nonpoly_scheme.pdb_ins_code 
C 3 HOH 1   201 99  HOH HOH A . 
C 3 HOH 2   202 97  HOH HOH A . 
C 3 HOH 3   203 30  HOH HOH A . 
C 3 HOH 4   204 88  HOH HOH A . 
C 3 HOH 5   205 101 HOH HOH A . 
C 3 HOH 6   206 106 HOH HOH A . 
C 3 HOH 7   207 5   HOH HOH A . 
C 3 HOH 8   208 26  HOH HOH A . 
C 3 HOH 9   209 2   HOH HOH A . 
C 3 HOH 10  210 1   HOH HOH A . 
C 3 HOH 11  211 21  HOH HOH A . 
C 3 HOH 12  212 28  HOH HOH A . 
C 3 HOH 13  213 61  HOH HOH A . 
C 3 HOH 14  214 43  HOH HOH A . 
C 3 HOH 15  215 42  HOH HOH A . 
C 3 HOH 16  216 20  HOH HOH A . 
C 3 HOH 17  217 6   HOH HOH A . 
C 3 HOH 18  218 100 HOH HOH A . 
C 3 HOH 19  219 55  HOH HOH A . 
C 3 HOH 20  220 4   HOH HOH A . 
C 3 HOH 21  221 7   HOH HOH A . 
C 3 HOH 22  222 51  HOH HOH A . 
C 3 HOH 23  223 3   HOH HOH A . 
C 3 HOH 24  224 71  HOH HOH A . 
C 3 HOH 25  225 56  HOH HOH A . 
C 3 HOH 26  226 113 HOH HOH A . 
C 3 HOH 27  227 38  HOH HOH A . 
C 3 HOH 28  228 23  HOH HOH A . 
C 3 HOH 29  229 50  HOH HOH A . 
C 3 HOH 30  230 65  HOH HOH A . 
C 3 HOH 31  231 80  HOH HOH A . 
C 3 HOH 32  232 85  HOH HOH A . 
C 3 HOH 33  233 27  HOH HOH A . 
C 3 HOH 34  234 18  HOH HOH A . 
C 3 HOH 35  235 41  HOH HOH A . 
C 3 HOH 36  236 49  HOH HOH A . 
C 3 HOH 37  237 8   HOH HOH A . 
C 3 HOH 38  238 66  HOH HOH A . 
C 3 HOH 39  239 73  HOH HOH A . 
C 3 HOH 40  240 29  HOH HOH A . 
C 3 HOH 41  241 37  HOH HOH A . 
C 3 HOH 42  242 16  HOH HOH A . 
C 3 HOH 43  243 24  HOH HOH A . 
C 3 HOH 44  244 25  HOH HOH A . 
C 3 HOH 45  245 94  HOH HOH A . 
C 3 HOH 46  246 86  HOH HOH A . 
C 3 HOH 47  247 78  HOH HOH A . 
C 3 HOH 48  248 9   HOH HOH A . 
C 3 HOH 49  249 34  HOH HOH A . 
C 3 HOH 50  250 12  HOH HOH A . 
C 3 HOH 51  251 32  HOH HOH A . 
C 3 HOH 52  252 84  HOH HOH A . 
C 3 HOH 53  253 22  HOH HOH A . 
C 3 HOH 54  254 115 HOH HOH A . 
C 3 HOH 55  255 13  HOH HOH A . 
C 3 HOH 56  256 116 HOH HOH A . 
C 3 HOH 57  257 53  HOH HOH A . 
C 3 HOH 58  258 14  HOH HOH A . 
C 3 HOH 59  259 11  HOH HOH A . 
C 3 HOH 60  260 10  HOH HOH A . 
C 3 HOH 61  261 17  HOH HOH A . 
C 3 HOH 62  262 39  HOH HOH A . 
C 3 HOH 63  263 75  HOH HOH A . 
C 3 HOH 64  264 31  HOH HOH A . 
C 3 HOH 65  265 107 HOH HOH A . 
C 3 HOH 66  266 95  HOH HOH A . 
C 3 HOH 67  267 45  HOH HOH A . 
C 3 HOH 68  268 44  HOH HOH A . 
C 3 HOH 69  269 93  HOH HOH A . 
C 3 HOH 70  270 35  HOH HOH A . 
C 3 HOH 71  271 102 HOH HOH A . 
C 3 HOH 72  272 36  HOH HOH A . 
C 3 HOH 73  273 70  HOH HOH A . 
C 3 HOH 74  274 67  HOH HOH A . 
C 3 HOH 75  275 46  HOH HOH A . 
C 3 HOH 76  276 117 HOH HOH A . 
C 3 HOH 77  277 87  HOH HOH A . 
C 3 HOH 78  278 40  HOH HOH A . 
C 3 HOH 79  279 15  HOH HOH A . 
C 3 HOH 80  280 63  HOH HOH A . 
C 3 HOH 81  281 69  HOH HOH A . 
C 3 HOH 82  282 83  HOH HOH A . 
C 3 HOH 83  283 64  HOH HOH A . 
C 3 HOH 84  284 90  HOH HOH A . 
C 3 HOH 85  285 76  HOH HOH A . 
C 3 HOH 86  286 89  HOH HOH A . 
C 3 HOH 87  287 59  HOH HOH A . 
C 3 HOH 88  288 19  HOH HOH A . 
C 3 HOH 89  289 77  HOH HOH A . 
C 3 HOH 90  290 104 HOH HOH A . 
C 3 HOH 91  291 110 HOH HOH A . 
C 3 HOH 92  292 33  HOH HOH A . 
C 3 HOH 93  293 58  HOH HOH A . 
C 3 HOH 94  294 52  HOH HOH A . 
C 3 HOH 95  295 47  HOH HOH A . 
C 3 HOH 96  296 114 HOH HOH A . 
C 3 HOH 97  297 81  HOH HOH A . 
C 3 HOH 98  298 103 HOH HOH A . 
C 3 HOH 99  299 54  HOH HOH A . 
C 3 HOH 100 300 105 HOH HOH A . 
C 3 HOH 101 301 72  HOH HOH A . 
C 3 HOH 102 302 91  HOH HOH A . 
C 3 HOH 103 303 48  HOH HOH A . 
C 3 HOH 104 304 109 HOH HOH A . 
C 3 HOH 105 305 98  HOH HOH A . 
D 3 HOH 1   101 108 HOH HOH B . 
D 3 HOH 2   102 60  HOH HOH B . 
D 3 HOH 3   103 82  HOH HOH B . 
D 3 HOH 4   104 57  HOH HOH B . 
D 3 HOH 5   105 96  HOH HOH B . 
D 3 HOH 6   106 62  HOH HOH B . 
D 3 HOH 7   107 68  HOH HOH B . 
D 3 HOH 8   108 92  HOH HOH B . 
D 3 HOH 9   109 112 HOH HOH B . 
D 3 HOH 10  110 111 HOH HOH B . 
D 3 HOH 11  111 79  HOH HOH B . 
D 3 HOH 12  112 118 HOH HOH B . 
D 3 HOH 13  113 74  HOH HOH B . 
# 
loop_
_software.citation_id 
_software.classification 
_software.compiler_name 
_software.compiler_version 
_software.contact_author 
_software.contact_author_email 
_software.date 
_software.description 
_software.dependencies 
_software.hardware 
_software.language 
_software.location 
_software.mods 
_software.name 
_software.os 
_software.os_version 
_software.type 
_software.version 
_software.pdbx_ordinal 
? refinement       ? ? ? ? ? ? ? ? ? ? ? PHENIX ? ? ? '(dev_2689: ???)' 1 
? 'data reduction' ? ? ? ? ? ? ? ? ? ? ? XDS    ? ? ? .                 2 
? 'data scaling'   ? ? ? ? ? ? ? ? ? ? ? XDS    ? ? ? .                 3 
? phasing          ? ? ? ? ? ? ? ? ? ? ? PHASER ? ? ? .                 4 
# 
_cell.angle_alpha                  90.00 
_cell.angle_alpha_esd              ? 
_cell.angle_beta                   90.00 
_cell.angle_beta_esd               ? 
_cell.angle_gamma                  90.00 
_cell.angle_gamma_esd              ? 
_cell.entry_id                     5OTT 
_cell.details                      ? 
_cell.formula_units_Z              ? 
_cell.length_a                     51.690 
_cell.length_a_esd                 ? 
_cell.length_b                     62.920 
_cell.length_b_esd                 ? 
_cell.length_c                     118.550 
_cell.length_c_esd                 ? 
_cell.volume                       ? 
_cell.volume_esd                   ? 
_cell.Z_PDB                        8 
_cell.reciprocal_angle_alpha       ? 
_cell.reciprocal_angle_beta        ? 
_cell.reciprocal_angle_gamma       ? 
_cell.reciprocal_angle_alpha_esd   ? 
_cell.reciprocal_angle_beta_esd    ? 
_cell.reciprocal_angle_gamma_esd   ? 
_cell.reciprocal_length_a          ? 
_cell.reciprocal_length_b          ? 
_cell.reciprocal_length_c          ? 
_cell.reciprocal_length_a_esd      ? 
_cell.reciprocal_length_b_esd      ? 
_cell.reciprocal_length_c_esd      ? 
_cell.pdbx_unique_axis             ? 
# 
_symmetry.entry_id                         5OTT 
_symmetry.cell_setting                     ? 
_symmetry.Int_Tables_number                23 
_symmetry.space_group_name_Hall            ? 
_symmetry.space_group_name_H-M             'I 2 2 2' 
_symmetry.pdbx_full_space_group_name_H-M   ? 
# 
_exptl.absorpt_coefficient_mu     ? 
_exptl.absorpt_correction_T_max   ? 
_exptl.absorpt_correction_T_min   ? 
_exptl.absorpt_correction_type    ? 
_exptl.absorpt_process_details    ? 
_exptl.entry_id                   5OTT 
_exptl.crystals_number            1 
_exptl.details                    ? 
_exptl.method                     'X-RAY DIFFRACTION' 
_exptl.method_details             ? 
# 
_exptl_crystal.colour                      ? 
_exptl_crystal.density_diffrn              ? 
_exptl_crystal.density_Matthews            2.71 
_exptl_crystal.density_method              ? 
_exptl_crystal.density_percent_sol         54.53 
_exptl_crystal.description                 ? 
_exptl_crystal.F_000                       ? 
_exptl_crystal.id                          1 
_exptl_crystal.preparation                 ? 
_exptl_crystal.size_max                    ? 
_exptl_crystal.size_mid                    ? 
_exptl_crystal.size_min                    ? 
_exptl_crystal.size_rad                    ? 
_exptl_crystal.colour_lustre               ? 
_exptl_crystal.colour_modifier             ? 
_exptl_crystal.colour_primary              ? 
_exptl_crystal.density_meas                ? 
_exptl_crystal.density_meas_esd            ? 
_exptl_crystal.density_meas_gt             ? 
_exptl_crystal.density_meas_lt             ? 
_exptl_crystal.density_meas_temp           ? 
_exptl_crystal.density_meas_temp_esd       ? 
_exptl_crystal.density_meas_temp_gt        ? 
_exptl_crystal.density_meas_temp_lt        ? 
_exptl_crystal.pdbx_crystal_image_url      ? 
_exptl_crystal.pdbx_crystal_image_format   ? 
_exptl_crystal.pdbx_mosaicity              ? 
_exptl_crystal.pdbx_mosaicity_esd          ? 
# 
_exptl_crystal_grow.apparatus       ? 
_exptl_crystal_grow.atmosphere      ? 
_exptl_crystal_grow.crystal_id      1 
_exptl_crystal_grow.details         ? 
_exptl_crystal_grow.method          'VAPOR DIFFUSION, SITTING DROP' 
_exptl_crystal_grow.method_ref      ? 
_exptl_crystal_grow.pH              ? 
_exptl_crystal_grow.pressure        ? 
_exptl_crystal_grow.pressure_esd    ? 
_exptl_crystal_grow.seeding         ? 
_exptl_crystal_grow.seeding_ref     ? 
_exptl_crystal_grow.temp            293 
_exptl_crystal_grow.temp_details    ? 
_exptl_crystal_grow.temp_esd        ? 
_exptl_crystal_grow.time            ? 
_exptl_crystal_grow.pdbx_details    '0.1 M Imidazole pH 6.5, 1.0 M Sodium acetate trihydrate' 
_exptl_crystal_grow.pdbx_pH_range   ? 
# 
_diffrn.ambient_environment    ? 
_diffrn.ambient_temp           100 
_diffrn.ambient_temp_details   ? 
_diffrn.ambient_temp_esd       ? 
_diffrn.crystal_id             1 
_diffrn.crystal_support        ? 
_diffrn.crystal_treatment      ? 
_diffrn.details                ? 
_diffrn.id                     1 
_diffrn.ambient_pressure       ? 
_diffrn.ambient_pressure_esd   ? 
_diffrn.ambient_pressure_gt    ? 
_diffrn.ambient_pressure_lt    ? 
_diffrn.ambient_temp_gt        ? 
_diffrn.ambient_temp_lt        ? 
# 
_diffrn_detector.details                      ? 
_diffrn_detector.detector                     PIXEL 
_diffrn_detector.diffrn_id                    1 
_diffrn_detector.type                         'DECTRIS PILATUS3 R 1M' 
_diffrn_detector.area_resol_mean              ? 
_diffrn_detector.dtime                        ? 
_diffrn_detector.pdbx_frames_total            ? 
_diffrn_detector.pdbx_collection_time_total   ? 
_diffrn_detector.pdbx_collection_date         2017-02-24 
# 
_diffrn_radiation.collimation                      ? 
_diffrn_radiation.diffrn_id                        1 
_diffrn_radiation.filter_edge                      ? 
_diffrn_radiation.inhomogeneity                    ? 
_diffrn_radiation.monochromator                    ? 
_diffrn_radiation.polarisn_norm                    ? 
_diffrn_radiation.polarisn_ratio                   ? 
_diffrn_radiation.probe                            ? 
_diffrn_radiation.type                             ? 
_diffrn_radiation.xray_symbol                      ? 
_diffrn_radiation.wavelength_id                    1 
_diffrn_radiation.pdbx_monochromatic_or_laue_m_l   M 
_diffrn_radiation.pdbx_wavelength_list             ? 
_diffrn_radiation.pdbx_wavelength                  ? 
_diffrn_radiation.pdbx_diffrn_protocol             'SINGLE WAVELENGTH' 
_diffrn_radiation.pdbx_analyzer                    ? 
_diffrn_radiation.pdbx_scattering_type             x-ray 
# 
_diffrn_radiation_wavelength.id           1 
_diffrn_radiation_wavelength.wavelength   1.54187 
_diffrn_radiation_wavelength.wt           1.0 
# 
_diffrn_source.current                     ? 
_diffrn_source.details                     ? 
_diffrn_source.diffrn_id                   1 
_diffrn_source.power                       ? 
_diffrn_source.size                        ? 
_diffrn_source.source                      'ROTATING ANODE' 
_diffrn_source.target                      ? 
_diffrn_source.type                        'RIGAKU FR-X' 
_diffrn_source.voltage                     ? 
_diffrn_source.take-off_angle              ? 
_diffrn_source.pdbx_wavelength_list        1.54187 
_diffrn_source.pdbx_wavelength             ? 
_diffrn_source.pdbx_synchrotron_beamline   ? 
_diffrn_source.pdbx_synchrotron_site       ? 
# 
_reflns.B_iso_Wilson_estimate            ? 
_reflns.entry_id                         5OTT 
_reflns.data_reduction_details           ? 
_reflns.data_reduction_method            ? 
_reflns.d_resolution_high                1.92 
_reflns.d_resolution_low                 47.382 
_reflns.details                          ? 
_reflns.limit_h_max                      ? 
_reflns.limit_h_min                      ? 
_reflns.limit_k_max                      ? 
_reflns.limit_k_min                      ? 
_reflns.limit_l_max                      ? 
_reflns.limit_l_min                      ? 
_reflns.number_all                       ? 
_reflns.number_obs                       15019 
_reflns.observed_criterion               ? 
_reflns.observed_criterion_F_max         ? 
_reflns.observed_criterion_F_min         ? 
_reflns.observed_criterion_I_max         ? 
_reflns.observed_criterion_I_min         ? 
_reflns.observed_criterion_sigma_F       ? 
_reflns.observed_criterion_sigma_I       ? 
_reflns.percent_possible_obs             99 
_reflns.R_free_details                   ? 
_reflns.Rmerge_F_all                     ? 
_reflns.Rmerge_F_obs                     ? 
_reflns.Friedel_coverage                 ? 
_reflns.number_gt                        ? 
_reflns.threshold_expression             ? 
_reflns.pdbx_redundancy                  12.9 
_reflns.pdbx_Rmerge_I_obs                0.103 
_reflns.pdbx_Rmerge_I_all                ? 
_reflns.pdbx_Rsym_value                  0.108 
_reflns.pdbx_netI_over_av_sigmaI         ? 
_reflns.pdbx_netI_over_sigmaI            19.8 
_reflns.pdbx_res_netI_over_av_sigmaI_2   ? 
_reflns.pdbx_res_netI_over_sigmaI_2      ? 
_reflns.pdbx_chi_squared                 ? 
_reflns.pdbx_scaling_rejects             ? 
_reflns.pdbx_d_res_high_opt              ? 
_reflns.pdbx_d_res_low_opt               ? 
_reflns.pdbx_d_res_opt_method            ? 
_reflns.phase_calculation_details        ? 
_reflns.pdbx_Rrim_I_all                  ? 
_reflns.pdbx_Rpim_I_all                  0.03 
_reflns.pdbx_d_opt                       ? 
_reflns.pdbx_number_measured_all         ? 
_reflns.pdbx_diffrn_id                   1 
_reflns.pdbx_ordinal                     1 
_reflns.pdbx_CC_half                     0.999 
_reflns.pdbx_R_split                     ? 
# 
_reflns_shell.d_res_high                  1.92 
_reflns_shell.d_res_low                   1.95 
_reflns_shell.meanI_over_sigI_all         ? 
_reflns_shell.meanI_over_sigI_obs         2.3 
_reflns_shell.number_measured_all         ? 
_reflns_shell.number_measured_obs         9519 
_reflns_shell.number_possible             ? 
_reflns_shell.number_unique_all           752 
_reflns_shell.number_unique_obs           ? 
_reflns_shell.percent_possible_all        97.41 
_reflns_shell.percent_possible_obs        ? 
_reflns_shell.Rmerge_F_all                ? 
_reflns_shell.Rmerge_F_obs                ? 
_reflns_shell.Rmerge_I_all                ? 
_reflns_shell.Rmerge_I_obs                1.145 
_reflns_shell.meanI_over_sigI_gt          ? 
_reflns_shell.meanI_over_uI_all           ? 
_reflns_shell.meanI_over_uI_gt            ? 
_reflns_shell.number_measured_gt          ? 
_reflns_shell.number_unique_gt            ? 
_reflns_shell.percent_possible_gt         ? 
_reflns_shell.Rmerge_F_gt                 ? 
_reflns_shell.Rmerge_I_gt                 ? 
_reflns_shell.pdbx_redundancy             12.66 
_reflns_shell.pdbx_Rsym_value             ? 
_reflns_shell.pdbx_chi_squared            ? 
_reflns_shell.pdbx_netI_over_sigmaI_all   ? 
_reflns_shell.pdbx_netI_over_sigmaI_obs   ? 
_reflns_shell.pdbx_Rrim_I_all             1.193 
_reflns_shell.pdbx_Rpim_I_all             0.330 
_reflns_shell.pdbx_rejects                ? 
_reflns_shell.pdbx_ordinal                1 
_reflns_shell.pdbx_diffrn_id              1 
_reflns_shell.pdbx_CC_half                ? 
_reflns_shell.pdbx_R_split                ? 
# 
_refine.aniso_B[1][1]                            ? 
_refine.aniso_B[1][2]                            ? 
_refine.aniso_B[1][3]                            ? 
_refine.aniso_B[2][2]                            ? 
_refine.aniso_B[2][3]                            ? 
_refine.aniso_B[3][3]                            ? 
_refine.B_iso_max                                ? 
_refine.B_iso_mean                               ? 
_refine.B_iso_min                                ? 
_refine.correlation_coeff_Fo_to_Fc               ? 
_refine.correlation_coeff_Fo_to_Fc_free          ? 
_refine.details                                  ? 
_refine.diff_density_max                         ? 
_refine.diff_density_max_esd                     ? 
_refine.diff_density_min                         ? 
_refine.diff_density_min_esd                     ? 
_refine.diff_density_rms                         ? 
_refine.diff_density_rms_esd                     ? 
_refine.entry_id                                 5OTT 
_refine.pdbx_refine_id                           'X-RAY DIFFRACTION' 
_refine.ls_abs_structure_details                 ? 
_refine.ls_abs_structure_Flack                   ? 
_refine.ls_abs_structure_Flack_esd               ? 
_refine.ls_abs_structure_Rogers                  ? 
_refine.ls_abs_structure_Rogers_esd              ? 
_refine.ls_d_res_high                            1.920 
_refine.ls_d_res_low                             47.382 
_refine.ls_extinction_coef                       ? 
_refine.ls_extinction_coef_esd                   ? 
_refine.ls_extinction_expression                 ? 
_refine.ls_extinction_method                     ? 
_refine.ls_goodness_of_fit_all                   ? 
_refine.ls_goodness_of_fit_all_esd               ? 
_refine.ls_goodness_of_fit_obs                   ? 
_refine.ls_goodness_of_fit_obs_esd               ? 
_refine.ls_hydrogen_treatment                    ? 
_refine.ls_matrix_type                           ? 
_refine.ls_number_constraints                    ? 
_refine.ls_number_parameters                     ? 
_refine.ls_number_reflns_all                     ? 
_refine.ls_number_reflns_obs                     15001 
_refine.ls_number_reflns_R_free                  2704 
_refine.ls_number_reflns_R_work                  ? 
_refine.ls_number_restraints                     ? 
_refine.ls_percent_reflns_obs                    99.02 
_refine.ls_percent_reflns_R_free                 9.56 
_refine.ls_R_factor_all                          ? 
_refine.ls_R_factor_obs                          0.1824 
_refine.ls_R_factor_R_free                       0.2088 
_refine.ls_R_factor_R_free_error                 ? 
_refine.ls_R_factor_R_free_error_details         ? 
_refine.ls_R_factor_R_work                       0.1796 
_refine.ls_R_Fsqd_factor_obs                     ? 
_refine.ls_R_I_factor_obs                        ? 
_refine.ls_redundancy_reflns_all                 ? 
_refine.ls_redundancy_reflns_obs                 ? 
_refine.ls_restrained_S_all                      ? 
_refine.ls_restrained_S_obs                      ? 
_refine.ls_shift_over_esd_max                    ? 
_refine.ls_shift_over_esd_mean                   ? 
_refine.ls_structure_factor_coef                 ? 
_refine.ls_weighting_details                     ? 
_refine.ls_weighting_scheme                      ? 
_refine.ls_wR_factor_all                         ? 
_refine.ls_wR_factor_obs                         ? 
_refine.ls_wR_factor_R_free                      ? 
_refine.ls_wR_factor_R_work                      ? 
_refine.occupancy_max                            ? 
_refine.occupancy_min                            ? 
_refine.solvent_model_details                    ? 
_refine.solvent_model_param_bsol                 ? 
_refine.solvent_model_param_ksol                 ? 
_refine.ls_R_factor_gt                           ? 
_refine.ls_goodness_of_fit_gt                    ? 
_refine.ls_goodness_of_fit_ref                   ? 
_refine.ls_shift_over_su_max                     ? 
_refine.ls_shift_over_su_max_lt                  ? 
_refine.ls_shift_over_su_mean                    ? 
_refine.ls_shift_over_su_mean_lt                 ? 
_refine.pdbx_ls_sigma_I                          ? 
_refine.pdbx_ls_sigma_F                          1.34 
_refine.pdbx_ls_sigma_Fsqd                       ? 
_refine.pdbx_data_cutoff_high_absF               ? 
_refine.pdbx_data_cutoff_high_rms_absF           ? 
_refine.pdbx_data_cutoff_low_absF                ? 
_refine.pdbx_isotropic_thermal_model             ? 
_refine.pdbx_ls_cross_valid_method               'FREE R-VALUE' 
_refine.pdbx_method_to_determine_struct          'MOLECULAR REPLACEMENT' 
_refine.pdbx_starting_model                      4ZGM 
_refine.pdbx_stereochemistry_target_values       ? 
_refine.pdbx_R_Free_selection_details            ? 
_refine.pdbx_stereochem_target_val_spec_case     ? 
_refine.pdbx_overall_ESU_R                       ? 
_refine.pdbx_overall_ESU_R_Free                  ? 
_refine.pdbx_solvent_vdw_probe_radii             1.11 
_refine.pdbx_solvent_ion_probe_radii             ? 
_refine.pdbx_solvent_shrinkage_radii             0.90 
_refine.pdbx_real_space_R                        ? 
_refine.pdbx_density_correlation                 ? 
_refine.pdbx_pd_number_of_powder_patterns        ? 
_refine.pdbx_pd_number_of_points                 ? 
_refine.pdbx_pd_meas_number_of_points            ? 
_refine.pdbx_pd_proc_ls_prof_R_factor            ? 
_refine.pdbx_pd_proc_ls_prof_wR_factor           ? 
_refine.pdbx_pd_Marquardt_correlation_coeff      ? 
_refine.pdbx_pd_Fsqrd_R_factor                   ? 
_refine.pdbx_pd_ls_matrix_band_width             ? 
_refine.pdbx_overall_phase_error                 21.35 
_refine.pdbx_overall_SU_R_free_Cruickshank_DPI   ? 
_refine.pdbx_overall_SU_R_free_Blow_DPI          ? 
_refine.pdbx_overall_SU_R_Blow_DPI               ? 
_refine.pdbx_TLS_residual_ADP_flag               ? 
_refine.pdbx_diffrn_id                           1 
_refine.overall_SU_B                             ? 
_refine.overall_SU_ML                            0.17 
_refine.overall_SU_R_Cruickshank_DPI             ? 
_refine.overall_SU_R_free                        ? 
_refine.overall_FOM_free_R_set                   ? 
_refine.overall_FOM_work_R_set                   ? 
_refine.pdbx_average_fsc_overall                 ? 
_refine.pdbx_average_fsc_work                    ? 
_refine.pdbx_average_fsc_free                    ? 
# 
_refine_hist.pdbx_refine_id                   'X-RAY DIFFRACTION' 
_refine_hist.cycle_id                         LAST 
_refine_hist.pdbx_number_atoms_protein        1092 
_refine_hist.pdbx_number_atoms_nucleic_acid   0 
_refine_hist.pdbx_number_atoms_ligand         0 
_refine_hist.number_atoms_solvent             118 
_refine_hist.number_atoms_total               1210 
_refine_hist.d_res_high                       1.920 
_refine_hist.d_res_low                        47.382 
# 
loop_
_refine_ls_restr.pdbx_refine_id 
_refine_ls_restr.criterion 
_refine_ls_restr.dev_ideal 
_refine_ls_restr.dev_ideal_target 
_refine_ls_restr.number 
_refine_ls_restr.rejects 
_refine_ls_restr.type 
_refine_ls_restr.weight 
_refine_ls_restr.pdbx_restraint_function 
'X-RAY DIFFRACTION' ? 0.015 ? 1132 ? f_bond_d           ? ? 
'X-RAY DIFFRACTION' ? 1.253 ? 1542 ? f_angle_d          ? ? 
'X-RAY DIFFRACTION' ? 7.852 ? 660  ? f_dihedral_angle_d ? ? 
'X-RAY DIFFRACTION' ? 0.070 ? 151  ? f_chiral_restr     ? ? 
'X-RAY DIFFRACTION' ? 0.009 ? 201  ? f_plane_restr      ? ? 
# 
loop_
_refine_ls_shell.pdbx_refine_id 
_refine_ls_shell.d_res_high 
_refine_ls_shell.d_res_low 
_refine_ls_shell.number_reflns_all 
_refine_ls_shell.number_reflns_obs 
_refine_ls_shell.number_reflns_R_free 
_refine_ls_shell.number_reflns_R_work 
_refine_ls_shell.percent_reflns_obs 
_refine_ls_shell.percent_reflns_R_free 
_refine_ls_shell.R_factor_all 
_refine_ls_shell.R_factor_obs 
_refine_ls_shell.R_factor_R_free 
_refine_ls_shell.R_factor_R_free_error 
_refine_ls_shell.R_factor_R_work 
_refine_ls_shell.redundancy_reflns_all 
_refine_ls_shell.redundancy_reflns_obs 
_refine_ls_shell.wR_factor_all 
_refine_ls_shell.wR_factor_obs 
_refine_ls_shell.wR_factor_R_free 
_refine_ls_shell.wR_factor_R_work 
_refine_ls_shell.pdbx_total_number_of_bins_used 
_refine_ls_shell.pdbx_phase_error 
_refine_ls_shell.pdbx_fsc_work 
_refine_ls_shell.pdbx_fsc_free 
'X-RAY DIFFRACTION' 1.9200 1.9549  . . 136 1308 97.00  . . . 0.3438 . 0.3435 . . . . . . . . . . 
'X-RAY DIFFRACTION' 1.9549 1.9925  . . 142 1347 97.00  . . . 0.2734 . 0.2282 . . . . . . . . . . 
'X-RAY DIFFRACTION' 1.9925 2.0332  . . 140 1334 100.00 . . . 0.2467 . 0.1956 . . . . . . . . . . 
'X-RAY DIFFRACTION' 2.0332 2.0774  . . 146 1362 99.00  . . . 0.2247 . 0.2106 . . . . . . . . . . 
'X-RAY DIFFRACTION' 2.0774 2.1257  . . 147 1347 100.00 . . . 0.2369 . 0.1869 . . . . . . . . . . 
'X-RAY DIFFRACTION' 2.1257 2.1789  . . 142 1346 99.00  . . . 0.2277 . 0.1889 . . . . . . . . . . 
'X-RAY DIFFRACTION' 2.1789 2.2378  . . 146 1357 100.00 . . . 0.1720 . 0.1638 . . . . . . . . . . 
'X-RAY DIFFRACTION' 2.2378 2.3037  . . 145 1338 100.00 . . . 0.2318 . 0.1887 . . . . . . . . . . 
'X-RAY DIFFRACTION' 2.3037 2.3780  . . 140 1356 100.00 . . . 0.2468 . 0.1785 . . . . . . . . . . 
'X-RAY DIFFRACTION' 2.3780 2.4630  . . 142 1365 100.00 . . . 0.2046 . 0.1743 . . . . . . . . . . 
'X-RAY DIFFRACTION' 2.4630 2.5616  . . 142 1351 99.00  . . . 0.1868 . 0.1713 . . . . . . . . . . 
'X-RAY DIFFRACTION' 2.5616 2.6782  . . 144 1341 100.00 . . . 0.2166 . 0.1703 . . . . . . . . . . 
'X-RAY DIFFRACTION' 2.6782 2.8194  . . 142 1353 99.00  . . . 0.2191 . 0.1799 . . . . . . . . . . 
'X-RAY DIFFRACTION' 2.8194 2.9960  . . 149 1371 100.00 . . . 0.2080 . 0.1898 . . . . . . . . . . 
'X-RAY DIFFRACTION' 2.9960 3.2273  . . 140 1336 99.00  . . . 0.2274 . 0.1788 . . . . . . . . . . 
'X-RAY DIFFRACTION' 3.2273 3.5519  . . 144 1332 98.00  . . . 0.1882 . 0.1610 . . . . . . . . . . 
'X-RAY DIFFRACTION' 3.5519 4.0657  . . 140 1315 98.00  . . . 0.1817 . 0.1566 . . . . . . . . . . 
'X-RAY DIFFRACTION' 4.0657 5.1213  . . 136 1350 98.00  . . . 0.1812 . 0.1585 . . . . . . . . . . 
'X-RAY DIFFRACTION' 5.1213 47.3963 . . 141 1366 100.00 . . . 0.2030 . 0.1961 . . . . . . . . . . 
# 
_struct.entry_id                     5OTT 
_struct.title                        'Extracellular domain of GLP-1 receptor in complex with exendin-4 variant Gly2Hcs/Thr5Hcs' 
_struct.pdbx_model_details           ? 
_struct.pdbx_formula_weight          ? 
_struct.pdbx_formula_weight_method   ? 
_struct.pdbx_model_type_details      ? 
_struct.pdbx_CASP_flag               N 
# 
_struct_keywords.entry_id        5OTT 
_struct_keywords.text            'glucagon-like peptide 1, GPCR, cyclic peptides, signaling protein' 
_struct_keywords.pdbx_keywords   'SIGNALING PROTEIN' 
# 
loop_
_struct_asym.id 
_struct_asym.pdbx_blank_PDB_chainid_flag 
_struct_asym.pdbx_modified 
_struct_asym.entity_id 
_struct_asym.details 
A N N 1 ? 
B N N 2 ? 
C N N 3 ? 
D N N 3 ? 
# 
loop_
_struct_ref.id 
_struct_ref.db_name 
_struct_ref.db_code 
_struct_ref.pdbx_db_accession 
_struct_ref.pdbx_db_isoform 
_struct_ref.entity_id 
_struct_ref.pdbx_seq_one_letter_code 
_struct_ref.pdbx_align_begin 
1 UNP GLP1R_HUMAN P43220 ? 1 
;RPQGATVSLWETVQKWREYRRQCQRSLTEDPPPATDLFCNRTFDEYACWPDGEPGSFVNVSCPWYLPWASSVPQGHVYRF
CTAEGLWLQKDNSSLPWRDLSECEESKRGERSSPEE
;
24 
2 UNP EXE4_HELSU  P26349 ? 2 HGEGTFTSDLSKQMEEEAVRLFIEWLKNGGPSSGAPPPS 48 
# 
loop_
_struct_ref_seq.align_id 
_struct_ref_seq.ref_id 
_struct_ref_seq.pdbx_PDB_id_code 
_struct_ref_seq.pdbx_strand_id 
_struct_ref_seq.seq_align_beg 
_struct_ref_seq.pdbx_seq_align_beg_ins_code 
_struct_ref_seq.seq_align_end 
_struct_ref_seq.pdbx_seq_align_end_ins_code 
_struct_ref_seq.pdbx_db_accession 
_struct_ref_seq.db_align_beg 
_struct_ref_seq.pdbx_db_align_beg_ins_code 
_struct_ref_seq.db_align_end 
_struct_ref_seq.pdbx_db_align_end_ins_code 
_struct_ref_seq.pdbx_auth_seq_align_beg 
_struct_ref_seq.pdbx_auth_seq_align_end 
1 1 5OTT A 1 ? 116 ? P43220 24 ? 139 ? 24 139 
2 2 5OTT B 1 ? 39  ? P26349 48 ? 86  ? 1  39  
# 
loop_
_struct_ref_seq_dif.align_id 
_struct_ref_seq_dif.pdbx_pdb_id_code 
_struct_ref_seq_dif.mon_id 
_struct_ref_seq_dif.pdbx_pdb_strand_id 
_struct_ref_seq_dif.seq_num 
_struct_ref_seq_dif.pdbx_pdb_ins_code 
_struct_ref_seq_dif.pdbx_seq_db_name 
_struct_ref_seq_dif.pdbx_seq_db_accession_code 
_struct_ref_seq_dif.db_mon_id 
_struct_ref_seq_dif.pdbx_seq_db_seq_num 
_struct_ref_seq_dif.details 
_struct_ref_seq_dif.pdbx_auth_seq_num 
_struct_ref_seq_dif.pdbx_ordinal 
2 5OTT HCS B 2 ? UNP P26349 GLY 49 'engineered mutation' 2 1 
2 5OTT HCS B 5 ? UNP P26349 THR 52 'engineered mutation' 5 2 
# 
_pdbx_struct_assembly.id                   1 
_pdbx_struct_assembly.details              author_and_software_defined_assembly 
_pdbx_struct_assembly.method_details       PISA 
_pdbx_struct_assembly.oligomeric_details   dimeric 
_pdbx_struct_assembly.oligomeric_count     2 
# 
loop_
_pdbx_struct_assembly_prop.biol_id 
_pdbx_struct_assembly_prop.type 
_pdbx_struct_assembly_prop.value 
_pdbx_struct_assembly_prop.details 
1 'ABSA (A^2)' 1310 ? 
1 MORE         -12  ? 
1 'SSA (A^2)'  8830 ? 
# 
_pdbx_struct_assembly_gen.assembly_id       1 
_pdbx_struct_assembly_gen.oper_expression   1 
_pdbx_struct_assembly_gen.asym_id_list      A,B,C,D 
# 
_pdbx_struct_assembly_auth_evidence.id                     1 
_pdbx_struct_assembly_auth_evidence.assembly_id            1 
_pdbx_struct_assembly_auth_evidence.experimental_support   'gel filtration' 
_pdbx_struct_assembly_auth_evidence.details                ? 
# 
_pdbx_struct_oper_list.id                   1 
_pdbx_struct_oper_list.type                 'identity operation' 
_pdbx_struct_oper_list.name                 1_555 
_pdbx_struct_oper_list.symmetry_operation   x,y,z 
_pdbx_struct_oper_list.matrix[1][1]         1.0000000000 
_pdbx_struct_oper_list.matrix[1][2]         0.0000000000 
_pdbx_struct_oper_list.matrix[1][3]         0.0000000000 
_pdbx_struct_oper_list.vector[1]            0.0000000000 
_pdbx_struct_oper_list.matrix[2][1]         0.0000000000 
_pdbx_struct_oper_list.matrix[2][2]         1.0000000000 
_pdbx_struct_oper_list.matrix[2][3]         0.0000000000 
_pdbx_struct_oper_list.vector[2]            0.0000000000 
_pdbx_struct_oper_list.matrix[3][1]         0.0000000000 
_pdbx_struct_oper_list.matrix[3][2]         0.0000000000 
_pdbx_struct_oper_list.matrix[3][3]         1.0000000000 
_pdbx_struct_oper_list.vector[3]            0.0000000000 
# 
loop_
_struct_conf.conf_type_id 
_struct_conf.id 
_struct_conf.pdbx_PDB_helix_id 
_struct_conf.beg_label_comp_id 
_struct_conf.beg_label_asym_id 
_struct_conf.beg_label_seq_id 
_struct_conf.pdbx_beg_PDB_ins_code 
_struct_conf.end_label_comp_id 
_struct_conf.end_label_asym_id 
_struct_conf.end_label_seq_id 
_struct_conf.pdbx_end_PDB_ins_code 
_struct_conf.beg_auth_comp_id 
_struct_conf.beg_auth_asym_id 
_struct_conf.beg_auth_seq_id 
_struct_conf.end_auth_comp_id 
_struct_conf.end_auth_asym_id 
_struct_conf.end_auth_seq_id 
_struct_conf.pdbx_PDB_helix_class 
_struct_conf.details 
_struct_conf.pdbx_PDB_helix_length 
HELX_P HELX_P1 AA1 SER A 8   ? ASP A 30  ? SER A 31  ASP A 53  1 ? 23 
HELX_P HELX_P2 AA2 TRP A 68  ? VAL A 72  ? TRP A 91  VAL A 95  5 ? 5  
HELX_P HELX_P3 AA3 LEU A 100 ? GLU A 104 ? LEU A 123 GLU A 127 5 ? 5  
HELX_P HELX_P4 AA4 ASP B 9   ? ASN B 28  ? ASP B 9   ASN B 28  1 ? 20 
HELX_P HELX_P5 AA5 GLY B 29  ? SER B 33  ? GLY B 29  SER B 33  5 ? 5  
# 
_struct_conf_type.id          HELX_P 
_struct_conf_type.criteria    ? 
_struct_conf_type.reference   ? 
# 
loop_
_struct_conn.id 
_struct_conn.conn_type_id 
_struct_conn.pdbx_leaving_atom_flag 
_struct_conn.pdbx_PDB_id 
_struct_conn.ptnr1_label_asym_id 
_struct_conn.ptnr1_label_comp_id 
_struct_conn.ptnr1_label_seq_id 
_struct_conn.ptnr1_label_atom_id 
_struct_conn.pdbx_ptnr1_label_alt_id 
_struct_conn.pdbx_ptnr1_PDB_ins_code 
_struct_conn.pdbx_ptnr1_standard_comp_id 
_struct_conn.ptnr1_symmetry 
_struct_conn.ptnr2_label_asym_id 
_struct_conn.ptnr2_label_comp_id 
_struct_conn.ptnr2_label_seq_id 
_struct_conn.ptnr2_label_atom_id 
_struct_conn.pdbx_ptnr2_label_alt_id 
_struct_conn.pdbx_ptnr2_PDB_ins_code 
_struct_conn.ptnr1_auth_asym_id 
_struct_conn.ptnr1_auth_comp_id 
_struct_conn.ptnr1_auth_seq_id 
_struct_conn.ptnr2_auth_asym_id 
_struct_conn.ptnr2_auth_comp_id 
_struct_conn.ptnr2_auth_seq_id 
_struct_conn.ptnr2_symmetry 
_struct_conn.pdbx_ptnr3_label_atom_id 
_struct_conn.pdbx_ptnr3_label_seq_id 
_struct_conn.pdbx_ptnr3_label_comp_id 
_struct_conn.pdbx_ptnr3_label_asym_id 
_struct_conn.pdbx_ptnr3_label_alt_id 
_struct_conn.pdbx_ptnr3_PDB_ins_code 
_struct_conn.details 
_struct_conn.pdbx_dist_value 
_struct_conn.pdbx_value_order 
_struct_conn.pdbx_role 
disulf1 disulf ?    ? A CYS 23 SG ? ? ? 1_555 A CYS 48  SG ? ? A CYS 46 A CYS 71  1_555 ? ? ? ? ? ? ? 2.129 ? ? 
disulf2 disulf ?    ? A CYS 39 SG ? ? ? 1_555 A CYS 81  SG ? ? A CYS 62 A CYS 104 1_555 ? ? ? ? ? ? ? 2.020 ? ? 
disulf3 disulf ?    ? A CYS 62 SG ? ? ? 1_555 A CYS 103 SG ? ? A CYS 85 A CYS 126 1_555 ? ? ? ? ? ? ? 1.962 ? ? 
disulf4 disulf ?    ? B HCS 2  SD ? ? ? 1_555 B HCS 5   SD ? ? B HCS 2  B HCS 5   1_555 ? ? ? ? ? ? ? 2.010 ? ? 
covale1 covale both ? B HCS 2  C  ? ? ? 1_555 B GLU 3   N  ? ? B HCS 2  B GLU 3   1_555 ? ? ? ? ? ? ? 1.323 ? ? 
covale2 covale both ? B GLY 4  C  ? ? ? 1_555 B HCS 5   N  ? ? B GLY 4  B HCS 5   1_555 ? ? ? ? ? ? ? 1.333 ? ? 
covale3 covale both ? B HCS 5  C  ? ? ? 1_555 B PHE 6   N  ? ? B HCS 5  B PHE 6   1_555 ? ? ? ? ? ? ? 1.328 ? ? 
# 
loop_
_struct_conn_type.id 
_struct_conn_type.criteria 
_struct_conn_type.reference 
disulf ? ? 
covale ? ? 
# 
loop_
_pdbx_modification_feature.ordinal 
_pdbx_modification_feature.label_comp_id 
_pdbx_modification_feature.label_asym_id 
_pdbx_modification_feature.label_seq_id 
_pdbx_modification_feature.label_alt_id 
_pdbx_modification_feature.modified_residue_label_comp_id 
_pdbx_modification_feature.modified_residue_label_asym_id 
_pdbx_modification_feature.modified_residue_label_seq_id 
_pdbx_modification_feature.modified_residue_label_alt_id 
_pdbx_modification_feature.auth_comp_id 
_pdbx_modification_feature.auth_asym_id 
_pdbx_modification_feature.auth_seq_id 
_pdbx_modification_feature.PDB_ins_code 
_pdbx_modification_feature.symmetry 
_pdbx_modification_feature.modified_residue_auth_comp_id 
_pdbx_modification_feature.modified_residue_auth_asym_id 
_pdbx_modification_feature.modified_residue_auth_seq_id 
_pdbx_modification_feature.modified_residue_PDB_ins_code 
_pdbx_modification_feature.modified_residue_symmetry 
_pdbx_modification_feature.comp_id_linking_atom 
_pdbx_modification_feature.modified_residue_id_linking_atom 
_pdbx_modification_feature.modified_residue_id 
_pdbx_modification_feature.ref_pcm_id 
_pdbx_modification_feature.ref_comp_id 
_pdbx_modification_feature.type 
_pdbx_modification_feature.category 
1 HCS B 2  ? .   . .   . HCS B 2  ? 1_555 .   . .   . .     .  .  ? 1 HCS None 'Non-standard residue' 
2 HCS B 5  ? .   . .   . HCS B 5  ? 1_555 .   . .   . .     .  .  ? 1 HCS None 'Non-standard residue' 
3 CYS A 23 ? CYS A 48  ? CYS A 46 ? 1_555 CYS A 71  ? 1_555 SG SG . . .   None 'Disulfide bridge'     
4 CYS A 39 ? CYS A 81  ? CYS A 62 ? 1_555 CYS A 104 ? 1_555 SG SG . . .   None 'Disulfide bridge'     
5 CYS A 62 ? CYS A 103 ? CYS A 85 ? 1_555 CYS A 126 ? 1_555 SG SG . . .   None 'Disulfide bridge'     
6 HCS B 2  ? HCS B 5   ? HCS B 2  ? 1_555 HCS B 5   ? 1_555 SD SD . . .   None 'Disulfide bridge'     
# 
loop_
_struct_sheet.id 
_struct_sheet.type 
_struct_sheet.number_strands 
_struct_sheet.details 
AA1 ? 2 ? 
AA2 ? 2 ? 
# 
loop_
_struct_sheet_order.sheet_id 
_struct_sheet_order.range_id_1 
_struct_sheet_order.range_id_2 
_struct_sheet_order.offset 
_struct_sheet_order.sense 
AA1 1 2 ? anti-parallel 
AA2 1 2 ? anti-parallel 
# 
loop_
_struct_sheet_range.sheet_id 
_struct_sheet_range.id 
_struct_sheet_range.beg_label_comp_id 
_struct_sheet_range.beg_label_asym_id 
_struct_sheet_range.beg_label_seq_id 
_struct_sheet_range.pdbx_beg_PDB_ins_code 
_struct_sheet_range.end_label_comp_id 
_struct_sheet_range.end_label_asym_id 
_struct_sheet_range.end_label_seq_id 
_struct_sheet_range.pdbx_end_PDB_ins_code 
_struct_sheet_range.beg_auth_comp_id 
_struct_sheet_range.beg_auth_asym_id 
_struct_sheet_range.beg_auth_seq_id 
_struct_sheet_range.end_auth_comp_id 
_struct_sheet_range.end_auth_asym_id 
_struct_sheet_range.end_auth_seq_id 
AA1 1 THR A 42 ? PHE A 43 ? THR A 65 PHE A 66  
AA1 2 CYS A 48 ? TRP A 49 ? CYS A 71 TRP A 72  
AA2 1 SER A 56 ? SER A 61 ? SER A 79 SER A 84  
AA2 2 HIS A 76 ? CYS A 81 ? HIS A 99 CYS A 104 
# 
loop_
_pdbx_struct_sheet_hbond.sheet_id 
_pdbx_struct_sheet_hbond.range_id_1 
_pdbx_struct_sheet_hbond.range_id_2 
_pdbx_struct_sheet_hbond.range_1_label_atom_id 
_pdbx_struct_sheet_hbond.range_1_label_comp_id 
_pdbx_struct_sheet_hbond.range_1_label_asym_id 
_pdbx_struct_sheet_hbond.range_1_label_seq_id 
_pdbx_struct_sheet_hbond.range_1_PDB_ins_code 
_pdbx_struct_sheet_hbond.range_1_auth_atom_id 
_pdbx_struct_sheet_hbond.range_1_auth_comp_id 
_pdbx_struct_sheet_hbond.range_1_auth_asym_id 
_pdbx_struct_sheet_hbond.range_1_auth_seq_id 
_pdbx_struct_sheet_hbond.range_2_label_atom_id 
_pdbx_struct_sheet_hbond.range_2_label_comp_id 
_pdbx_struct_sheet_hbond.range_2_label_asym_id 
_pdbx_struct_sheet_hbond.range_2_label_seq_id 
_pdbx_struct_sheet_hbond.range_2_PDB_ins_code 
_pdbx_struct_sheet_hbond.range_2_auth_atom_id 
_pdbx_struct_sheet_hbond.range_2_auth_comp_id 
_pdbx_struct_sheet_hbond.range_2_auth_asym_id 
_pdbx_struct_sheet_hbond.range_2_auth_seq_id 
AA1 1 2 N THR A 42 ? N THR A 65 O TRP A 49 ? O TRP A 72  
AA2 1 2 N VAL A 60 ? N VAL A 83 O VAL A 77 ? O VAL A 100 
# 
_pdbx_entry_details.entry_id                   5OTT 
_pdbx_entry_details.compound_details           ? 
_pdbx_entry_details.source_details             ? 
_pdbx_entry_details.nonpolymer_details         ? 
_pdbx_entry_details.sequence_details           ? 
_pdbx_entry_details.has_ligand_of_interest     ? 
_pdbx_entry_details.has_protein_modification   Y 
# 
loop_
_pdbx_validate_close_contact.id 
_pdbx_validate_close_contact.PDB_model_num 
_pdbx_validate_close_contact.auth_atom_id_1 
_pdbx_validate_close_contact.auth_asym_id_1 
_pdbx_validate_close_contact.auth_comp_id_1 
_pdbx_validate_close_contact.auth_seq_id_1 
_pdbx_validate_close_contact.PDB_ins_code_1 
_pdbx_validate_close_contact.label_alt_id_1 
_pdbx_validate_close_contact.auth_atom_id_2 
_pdbx_validate_close_contact.auth_asym_id_2 
_pdbx_validate_close_contact.auth_comp_id_2 
_pdbx_validate_close_contact.auth_seq_id_2 
_pdbx_validate_close_contact.PDB_ins_code_2 
_pdbx_validate_close_contact.label_alt_id_2 
_pdbx_validate_close_contact.dist 
1 1 N   B HCS 2   ? ? O B HOH 101 ? ? 1.95 
2 1 OE1 A GLN 37  ? ? O A HOH 201 ? ? 1.96 
3 1 O   A HOH 290 ? ? O A HOH 297 ? ? 2.11 
4 1 O   A HOH 232 ? ? O A HOH 277 ? ? 2.17 
5 1 OE1 A GLN 47  ? ? O A HOH 202 ? ? 2.18 
# 
loop_
_pdbx_validate_symm_contact.id 
_pdbx_validate_symm_contact.PDB_model_num 
_pdbx_validate_symm_contact.auth_atom_id_1 
_pdbx_validate_symm_contact.auth_asym_id_1 
_pdbx_validate_symm_contact.auth_comp_id_1 
_pdbx_validate_symm_contact.auth_seq_id_1 
_pdbx_validate_symm_contact.PDB_ins_code_1 
_pdbx_validate_symm_contact.label_alt_id_1 
_pdbx_validate_symm_contact.site_symmetry_1 
_pdbx_validate_symm_contact.auth_atom_id_2 
_pdbx_validate_symm_contact.auth_asym_id_2 
_pdbx_validate_symm_contact.auth_comp_id_2 
_pdbx_validate_symm_contact.auth_seq_id_2 
_pdbx_validate_symm_contact.PDB_ins_code_2 
_pdbx_validate_symm_contact.label_alt_id_2 
_pdbx_validate_symm_contact.site_symmetry_2 
_pdbx_validate_symm_contact.dist 
1 1 O A HOH 245 ? ? 1_555 O A HOH 266 ? ? 8_444 2.01 
2 1 O A HOH 246 ? ? 1_555 O A HOH 273 ? ? 2_555 2.07 
# 
_pdbx_validate_torsion.id              1 
_pdbx_validate_torsion.PDB_model_num   1 
_pdbx_validate_torsion.auth_comp_id    GLU 
_pdbx_validate_torsion.auth_asym_id    A 
_pdbx_validate_torsion.auth_seq_id     68 
_pdbx_validate_torsion.PDB_ins_code    ? 
_pdbx_validate_torsion.label_alt_id    ? 
_pdbx_validate_torsion.phi             83.38 
_pdbx_validate_torsion.psi             -19.43 
# 
loop_
_pdbx_struct_special_symmetry.id 
_pdbx_struct_special_symmetry.PDB_model_num 
_pdbx_struct_special_symmetry.auth_asym_id 
_pdbx_struct_special_symmetry.auth_comp_id 
_pdbx_struct_special_symmetry.auth_seq_id 
_pdbx_struct_special_symmetry.PDB_ins_code 
_pdbx_struct_special_symmetry.label_asym_id 
_pdbx_struct_special_symmetry.label_comp_id 
_pdbx_struct_special_symmetry.label_seq_id 
1 1 A HOH 282 ? C HOH . 
2 1 B HOH 111 ? D HOH . 
# 
loop_
_pdbx_unobs_or_zero_occ_residues.id 
_pdbx_unobs_or_zero_occ_residues.PDB_model_num 
_pdbx_unobs_or_zero_occ_residues.polymer_flag 
_pdbx_unobs_or_zero_occ_residues.occupancy_flag 
_pdbx_unobs_or_zero_occ_residues.auth_asym_id 
_pdbx_unobs_or_zero_occ_residues.auth_comp_id 
_pdbx_unobs_or_zero_occ_residues.auth_seq_id 
_pdbx_unobs_or_zero_occ_residues.PDB_ins_code 
_pdbx_unobs_or_zero_occ_residues.label_asym_id 
_pdbx_unobs_or_zero_occ_residues.label_comp_id 
_pdbx_unobs_or_zero_occ_residues.label_seq_id 
1  1 Y 1 A ARG 24  ? A ARG 1   
2  1 Y 1 A PRO 25  ? A PRO 2   
3  1 Y 1 A GLN 26  ? A GLN 3   
4  1 Y 1 A GLY 27  ? A GLY 4   
5  1 Y 1 A ALA 28  ? A ALA 5   
6  1 Y 1 A THR 29  ? A THR 6   
7  1 Y 1 A ALA 57  ? A ALA 34  
8  1 Y 1 A SER 129 ? A SER 106 
9  1 Y 1 A LYS 130 ? A LYS 107 
10 1 Y 1 A ARG 131 ? A ARG 108 
11 1 Y 1 A GLY 132 ? A GLY 109 
12 1 Y 1 A GLU 133 ? A GLU 110 
13 1 Y 1 A ARG 134 ? A ARG 111 
14 1 Y 1 A SER 135 ? A SER 112 
15 1 Y 1 A SER 136 ? A SER 113 
16 1 Y 1 A PRO 137 ? A PRO 114 
17 1 Y 1 A GLU 138 ? A GLU 115 
18 1 Y 1 A GLU 139 ? A GLU 116 
19 1 Y 1 B HIS 1   ? B HIS 1   
20 1 Y 1 B PRO 38  ? B PRO 38  
21 1 Y 1 B SER 39  ? B SER 39  
# 
loop_
_chem_comp_atom.comp_id 
_chem_comp_atom.atom_id 
_chem_comp_atom.type_symbol 
_chem_comp_atom.pdbx_aromatic_flag 
_chem_comp_atom.pdbx_stereo_config 
_chem_comp_atom.pdbx_ordinal 
ALA N    N N N 1   
ALA CA   C N S 2   
ALA C    C N N 3   
ALA O    O N N 4   
ALA CB   C N N 5   
ALA OXT  O N N 6   
ALA H    H N N 7   
ALA H2   H N N 8   
ALA HA   H N N 9   
ALA HB1  H N N 10  
ALA HB2  H N N 11  
ALA HB3  H N N 12  
ALA HXT  H N N 13  
ARG N    N N N 14  
ARG CA   C N S 15  
ARG C    C N N 16  
ARG O    O N N 17  
ARG CB   C N N 18  
ARG CG   C N N 19  
ARG CD   C N N 20  
ARG NE   N N N 21  
ARG CZ   C N N 22  
ARG NH1  N N N 23  
ARG NH2  N N N 24  
ARG OXT  O N N 25  
ARG H    H N N 26  
ARG H2   H N N 27  
ARG HA   H N N 28  
ARG HB2  H N N 29  
ARG HB3  H N N 30  
ARG HG2  H N N 31  
ARG HG3  H N N 32  
ARG HD2  H N N 33  
ARG HD3  H N N 34  
ARG HE   H N N 35  
ARG HH11 H N N 36  
ARG HH12 H N N 37  
ARG HH21 H N N 38  
ARG HH22 H N N 39  
ARG HXT  H N N 40  
ASN N    N N N 41  
ASN CA   C N S 42  
ASN C    C N N 43  
ASN O    O N N 44  
ASN CB   C N N 45  
ASN CG   C N N 46  
ASN OD1  O N N 47  
ASN ND2  N N N 48  
ASN OXT  O N N 49  
ASN H    H N N 50  
ASN H2   H N N 51  
ASN HA   H N N 52  
ASN HB2  H N N 53  
ASN HB3  H N N 54  
ASN HD21 H N N 55  
ASN HD22 H N N 56  
ASN HXT  H N N 57  
ASP N    N N N 58  
ASP CA   C N S 59  
ASP C    C N N 60  
ASP O    O N N 61  
ASP CB   C N N 62  
ASP CG   C N N 63  
ASP OD1  O N N 64  
ASP OD2  O N N 65  
ASP OXT  O N N 66  
ASP H    H N N 67  
ASP H2   H N N 68  
ASP HA   H N N 69  
ASP HB2  H N N 70  
ASP HB3  H N N 71  
ASP HD2  H N N 72  
ASP HXT  H N N 73  
CYS N    N N N 74  
CYS CA   C N R 75  
CYS C    C N N 76  
CYS O    O N N 77  
CYS CB   C N N 78  
CYS SG   S N N 79  
CYS OXT  O N N 80  
CYS H    H N N 81  
CYS H2   H N N 82  
CYS HA   H N N 83  
CYS HB2  H N N 84  
CYS HB3  H N N 85  
CYS HG   H N N 86  
CYS HXT  H N N 87  
GLN N    N N N 88  
GLN CA   C N S 89  
GLN C    C N N 90  
GLN O    O N N 91  
GLN CB   C N N 92  
GLN CG   C N N 93  
GLN CD   C N N 94  
GLN OE1  O N N 95  
GLN NE2  N N N 96  
GLN OXT  O N N 97  
GLN H    H N N 98  
GLN H2   H N N 99  
GLN HA   H N N 100 
GLN HB2  H N N 101 
GLN HB3  H N N 102 
GLN HG2  H N N 103 
GLN HG3  H N N 104 
GLN HE21 H N N 105 
GLN HE22 H N N 106 
GLN HXT  H N N 107 
GLU N    N N N 108 
GLU CA   C N S 109 
GLU C    C N N 110 
GLU O    O N N 111 
GLU CB   C N N 112 
GLU CG   C N N 113 
GLU CD   C N N 114 
GLU OE1  O N N 115 
GLU OE2  O N N 116 
GLU OXT  O N N 117 
GLU H    H N N 118 
GLU H2   H N N 119 
GLU HA   H N N 120 
GLU HB2  H N N 121 
GLU HB3  H N N 122 
GLU HG2  H N N 123 
GLU HG3  H N N 124 
GLU HE2  H N N 125 
GLU HXT  H N N 126 
GLY N    N N N 127 
GLY CA   C N N 128 
GLY C    C N N 129 
GLY O    O N N 130 
GLY OXT  O N N 131 
GLY H    H N N 132 
GLY H2   H N N 133 
GLY HA2  H N N 134 
GLY HA3  H N N 135 
GLY HXT  H N N 136 
HCS N    N N N 137 
HCS CA   C N S 138 
HCS CB   C N N 139 
HCS CG   C N N 140 
HCS SD   S N N 141 
HCS C    C N N 142 
HCS OXT  O N N 143 
HCS O    O N N 144 
HCS H    H N N 145 
HCS H2   H N N 146 
HCS HA   H N N 147 
HCS HB2  H N N 148 
HCS HB3  H N N 149 
HCS HG2  H N N 150 
HCS HG3  H N N 151 
HCS HD   H N N 152 
HCS HXT  H N N 153 
HIS N    N N N 154 
HIS CA   C N S 155 
HIS C    C N N 156 
HIS O    O N N 157 
HIS CB   C N N 158 
HIS CG   C Y N 159 
HIS ND1  N Y N 160 
HIS CD2  C Y N 161 
HIS CE1  C Y N 162 
HIS NE2  N Y N 163 
HIS OXT  O N N 164 
HIS H    H N N 165 
HIS H2   H N N 166 
HIS HA   H N N 167 
HIS HB2  H N N 168 
HIS HB3  H N N 169 
HIS HD1  H N N 170 
HIS HD2  H N N 171 
HIS HE1  H N N 172 
HIS HE2  H N N 173 
HIS HXT  H N N 174 
HOH O    O N N 175 
HOH H1   H N N 176 
HOH H2   H N N 177 
ILE N    N N N 178 
ILE CA   C N S 179 
ILE C    C N N 180 
ILE O    O N N 181 
ILE CB   C N S 182 
ILE CG1  C N N 183 
ILE CG2  C N N 184 
ILE CD1  C N N 185 
ILE OXT  O N N 186 
ILE H    H N N 187 
ILE H2   H N N 188 
ILE HA   H N N 189 
ILE HB   H N N 190 
ILE HG12 H N N 191 
ILE HG13 H N N 192 
ILE HG21 H N N 193 
ILE HG22 H N N 194 
ILE HG23 H N N 195 
ILE HD11 H N N 196 
ILE HD12 H N N 197 
ILE HD13 H N N 198 
ILE HXT  H N N 199 
LEU N    N N N 200 
LEU CA   C N S 201 
LEU C    C N N 202 
LEU O    O N N 203 
LEU CB   C N N 204 
LEU CG   C N N 205 
LEU CD1  C N N 206 
LEU CD2  C N N 207 
LEU OXT  O N N 208 
LEU H    H N N 209 
LEU H2   H N N 210 
LEU HA   H N N 211 
LEU HB2  H N N 212 
LEU HB3  H N N 213 
LEU HG   H N N 214 
LEU HD11 H N N 215 
LEU HD12 H N N 216 
LEU HD13 H N N 217 
LEU HD21 H N N 218 
LEU HD22 H N N 219 
LEU HD23 H N N 220 
LEU HXT  H N N 221 
LYS N    N N N 222 
LYS CA   C N S 223 
LYS C    C N N 224 
LYS O    O N N 225 
LYS CB   C N N 226 
LYS CG   C N N 227 
LYS CD   C N N 228 
LYS CE   C N N 229 
LYS NZ   N N N 230 
LYS OXT  O N N 231 
LYS H    H N N 232 
LYS H2   H N N 233 
LYS HA   H N N 234 
LYS HB2  H N N 235 
LYS HB3  H N N 236 
LYS HG2  H N N 237 
LYS HG3  H N N 238 
LYS HD2  H N N 239 
LYS HD3  H N N 240 
LYS HE2  H N N 241 
LYS HE3  H N N 242 
LYS HZ1  H N N 243 
LYS HZ2  H N N 244 
LYS HZ3  H N N 245 
LYS HXT  H N N 246 
MET N    N N N 247 
MET CA   C N S 248 
MET C    C N N 249 
MET O    O N N 250 
MET CB   C N N 251 
MET CG   C N N 252 
MET SD   S N N 253 
MET CE   C N N 254 
MET OXT  O N N 255 
MET H    H N N 256 
MET H2   H N N 257 
MET HA   H N N 258 
MET HB2  H N N 259 
MET HB3  H N N 260 
MET HG2  H N N 261 
MET HG3  H N N 262 
MET HE1  H N N 263 
MET HE2  H N N 264 
MET HE3  H N N 265 
MET HXT  H N N 266 
PHE N    N N N 267 
PHE CA   C N S 268 
PHE C    C N N 269 
PHE O    O N N 270 
PHE CB   C N N 271 
PHE CG   C Y N 272 
PHE CD1  C Y N 273 
PHE CD2  C Y N 274 
PHE CE1  C Y N 275 
PHE CE2  C Y N 276 
PHE CZ   C Y N 277 
PHE OXT  O N N 278 
PHE H    H N N 279 
PHE H2   H N N 280 
PHE HA   H N N 281 
PHE HB2  H N N 282 
PHE HB3  H N N 283 
PHE HD1  H N N 284 
PHE HD2  H N N 285 
PHE HE1  H N N 286 
PHE HE2  H N N 287 
PHE HZ   H N N 288 
PHE HXT  H N N 289 
PRO N    N N N 290 
PRO CA   C N S 291 
PRO C    C N N 292 
PRO O    O N N 293 
PRO CB   C N N 294 
PRO CG   C N N 295 
PRO CD   C N N 296 
PRO OXT  O N N 297 
PRO H    H N N 298 
PRO HA   H N N 299 
PRO HB2  H N N 300 
PRO HB3  H N N 301 
PRO HG2  H N N 302 
PRO HG3  H N N 303 
PRO HD2  H N N 304 
PRO HD3  H N N 305 
PRO HXT  H N N 306 
SER N    N N N 307 
SER CA   C N S 308 
SER C    C N N 309 
SER O    O N N 310 
SER CB   C N N 311 
SER OG   O N N 312 
SER OXT  O N N 313 
SER H    H N N 314 
SER H2   H N N 315 
SER HA   H N N 316 
SER HB2  H N N 317 
SER HB3  H N N 318 
SER HG   H N N 319 
SER HXT  H N N 320 
THR N    N N N 321 
THR CA   C N S 322 
THR C    C N N 323 
THR O    O N N 324 
THR CB   C N R 325 
THR OG1  O N N 326 
THR CG2  C N N 327 
THR OXT  O N N 328 
THR H    H N N 329 
THR H2   H N N 330 
THR HA   H N N 331 
THR HB   H N N 332 
THR HG1  H N N 333 
THR HG21 H N N 334 
THR HG22 H N N 335 
THR HG23 H N N 336 
THR HXT  H N N 337 
TRP N    N N N 338 
TRP CA   C N S 339 
TRP C    C N N 340 
TRP O    O N N 341 
TRP CB   C N N 342 
TRP CG   C Y N 343 
TRP CD1  C Y N 344 
TRP CD2  C Y N 345 
TRP NE1  N Y N 346 
TRP CE2  C Y N 347 
TRP CE3  C Y N 348 
TRP CZ2  C Y N 349 
TRP CZ3  C Y N 350 
TRP CH2  C Y N 351 
TRP OXT  O N N 352 
TRP H    H N N 353 
TRP H2   H N N 354 
TRP HA   H N N 355 
TRP HB2  H N N 356 
TRP HB3  H N N 357 
TRP HD1  H N N 358 
TRP HE1  H N N 359 
TRP HE3  H N N 360 
TRP HZ2  H N N 361 
TRP HZ3  H N N 362 
TRP HH2  H N N 363 
TRP HXT  H N N 364 
TYR N    N N N 365 
TYR CA   C N S 366 
TYR C    C N N 367 
TYR O    O N N 368 
TYR CB   C N N 369 
TYR CG   C Y N 370 
TYR CD1  C Y N 371 
TYR CD2  C Y N 372 
TYR CE1  C Y N 373 
TYR CE2  C Y N 374 
TYR CZ   C Y N 375 
TYR OH   O N N 376 
TYR OXT  O N N 377 
TYR H    H N N 378 
TYR H2   H N N 379 
TYR HA   H N N 380 
TYR HB2  H N N 381 
TYR HB3  H N N 382 
TYR HD1  H N N 383 
TYR HD2  H N N 384 
TYR HE1  H N N 385 
TYR HE2  H N N 386 
TYR HH   H N N 387 
TYR HXT  H N N 388 
VAL N    N N N 389 
VAL CA   C N S 390 
VAL C    C N N 391 
VAL O    O N N 392 
VAL CB   C N N 393 
VAL CG1  C N N 394 
VAL CG2  C N N 395 
VAL OXT  O N N 396 
VAL H    H N N 397 
VAL H2   H N N 398 
VAL HA   H N N 399 
VAL HB   H N N 400 
VAL HG11 H N N 401 
VAL HG12 H N N 402 
VAL HG13 H N N 403 
VAL HG21 H N N 404 
VAL HG22 H N N 405 
VAL HG23 H N N 406 
VAL HXT  H N N 407 
# 
loop_
_chem_comp_bond.comp_id 
_chem_comp_bond.atom_id_1 
_chem_comp_bond.atom_id_2 
_chem_comp_bond.value_order 
_chem_comp_bond.pdbx_aromatic_flag 
_chem_comp_bond.pdbx_stereo_config 
_chem_comp_bond.pdbx_ordinal 
ALA N   CA   sing N N 1   
ALA N   H    sing N N 2   
ALA N   H2   sing N N 3   
ALA CA  C    sing N N 4   
ALA CA  CB   sing N N 5   
ALA CA  HA   sing N N 6   
ALA C   O    doub N N 7   
ALA C   OXT  sing N N 8   
ALA CB  HB1  sing N N 9   
ALA CB  HB2  sing N N 10  
ALA CB  HB3  sing N N 11  
ALA OXT HXT  sing N N 12  
ARG N   CA   sing N N 13  
ARG N   H    sing N N 14  
ARG N   H2   sing N N 15  
ARG CA  C    sing N N 16  
ARG CA  CB   sing N N 17  
ARG CA  HA   sing N N 18  
ARG C   O    doub N N 19  
ARG C   OXT  sing N N 20  
ARG CB  CG   sing N N 21  
ARG CB  HB2  sing N N 22  
ARG CB  HB3  sing N N 23  
ARG CG  CD   sing N N 24  
ARG CG  HG2  sing N N 25  
ARG CG  HG3  sing N N 26  
ARG CD  NE   sing N N 27  
ARG CD  HD2  sing N N 28  
ARG CD  HD3  sing N N 29  
ARG NE  CZ   sing N N 30  
ARG NE  HE   sing N N 31  
ARG CZ  NH1  sing N N 32  
ARG CZ  NH2  doub N N 33  
ARG NH1 HH11 sing N N 34  
ARG NH1 HH12 sing N N 35  
ARG NH2 HH21 sing N N 36  
ARG NH2 HH22 sing N N 37  
ARG OXT HXT  sing N N 38  
ASN N   CA   sing N N 39  
ASN N   H    sing N N 40  
ASN N   H2   sing N N 41  
ASN CA  C    sing N N 42  
ASN CA  CB   sing N N 43  
ASN CA  HA   sing N N 44  
ASN C   O    doub N N 45  
ASN C   OXT  sing N N 46  
ASN CB  CG   sing N N 47  
ASN CB  HB2  sing N N 48  
ASN CB  HB3  sing N N 49  
ASN CG  OD1  doub N N 50  
ASN CG  ND2  sing N N 51  
ASN ND2 HD21 sing N N 52  
ASN ND2 HD22 sing N N 53  
ASN OXT HXT  sing N N 54  
ASP N   CA   sing N N 55  
ASP N   H    sing N N 56  
ASP N   H2   sing N N 57  
ASP CA  C    sing N N 58  
ASP CA  CB   sing N N 59  
ASP CA  HA   sing N N 60  
ASP C   O    doub N N 61  
ASP C   OXT  sing N N 62  
ASP CB  CG   sing N N 63  
ASP CB  HB2  sing N N 64  
ASP CB  HB3  sing N N 65  
ASP CG  OD1  doub N N 66  
ASP CG  OD2  sing N N 67  
ASP OD2 HD2  sing N N 68  
ASP OXT HXT  sing N N 69  
CYS N   CA   sing N N 70  
CYS N   H    sing N N 71  
CYS N   H2   sing N N 72  
CYS CA  C    sing N N 73  
CYS CA  CB   sing N N 74  
CYS CA  HA   sing N N 75  
CYS C   O    doub N N 76  
CYS C   OXT  sing N N 77  
CYS CB  SG   sing N N 78  
CYS CB  HB2  sing N N 79  
CYS CB  HB3  sing N N 80  
CYS SG  HG   sing N N 81  
CYS OXT HXT  sing N N 82  
GLN N   CA   sing N N 83  
GLN N   H    sing N N 84  
GLN N   H2   sing N N 85  
GLN CA  C    sing N N 86  
GLN CA  CB   sing N N 87  
GLN CA  HA   sing N N 88  
GLN C   O    doub N N 89  
GLN C   OXT  sing N N 90  
GLN CB  CG   sing N N 91  
GLN CB  HB2  sing N N 92  
GLN CB  HB3  sing N N 93  
GLN CG  CD   sing N N 94  
GLN CG  HG2  sing N N 95  
GLN CG  HG3  sing N N 96  
GLN CD  OE1  doub N N 97  
GLN CD  NE2  sing N N 98  
GLN NE2 HE21 sing N N 99  
GLN NE2 HE22 sing N N 100 
GLN OXT HXT  sing N N 101 
GLU N   CA   sing N N 102 
GLU N   H    sing N N 103 
GLU N   H2   sing N N 104 
GLU CA  C    sing N N 105 
GLU CA  CB   sing N N 106 
GLU CA  HA   sing N N 107 
GLU C   O    doub N N 108 
GLU C   OXT  sing N N 109 
GLU CB  CG   sing N N 110 
GLU CB  HB2  sing N N 111 
GLU CB  HB3  sing N N 112 
GLU CG  CD   sing N N 113 
GLU CG  HG2  sing N N 114 
GLU CG  HG3  sing N N 115 
GLU CD  OE1  doub N N 116 
GLU CD  OE2  sing N N 117 
GLU OE2 HE2  sing N N 118 
GLU OXT HXT  sing N N 119 
GLY N   CA   sing N N 120 
GLY N   H    sing N N 121 
GLY N   H2   sing N N 122 
GLY CA  C    sing N N 123 
GLY CA  HA2  sing N N 124 
GLY CA  HA3  sing N N 125 
GLY C   O    doub N N 126 
GLY C   OXT  sing N N 127 
GLY OXT HXT  sing N N 128 
HCS N   CA   sing N N 129 
HCS N   H    sing N N 130 
HCS N   H2   sing N N 131 
HCS CA  CB   sing N N 132 
HCS CA  C    sing N N 133 
HCS CA  HA   sing N N 134 
HCS CB  CG   sing N N 135 
HCS CB  HB2  sing N N 136 
HCS CB  HB3  sing N N 137 
HCS CG  SD   sing N N 138 
HCS CG  HG2  sing N N 139 
HCS CG  HG3  sing N N 140 
HCS SD  HD   sing N N 141 
HCS C   OXT  sing N N 142 
HCS C   O    doub N N 143 
HCS OXT HXT  sing N N 144 
HIS N   CA   sing N N 145 
HIS N   H    sing N N 146 
HIS N   H2   sing N N 147 
HIS CA  C    sing N N 148 
HIS CA  CB   sing N N 149 
HIS CA  HA   sing N N 150 
HIS C   O    doub N N 151 
HIS C   OXT  sing N N 152 
HIS CB  CG   sing N N 153 
HIS CB  HB2  sing N N 154 
HIS CB  HB3  sing N N 155 
HIS CG  ND1  sing Y N 156 
HIS CG  CD2  doub Y N 157 
HIS ND1 CE1  doub Y N 158 
HIS ND1 HD1  sing N N 159 
HIS CD2 NE2  sing Y N 160 
HIS CD2 HD2  sing N N 161 
HIS CE1 NE2  sing Y N 162 
HIS CE1 HE1  sing N N 163 
HIS NE2 HE2  sing N N 164 
HIS OXT HXT  sing N N 165 
HOH O   H1   sing N N 166 
HOH O   H2   sing N N 167 
ILE N   CA   sing N N 168 
ILE N   H    sing N N 169 
ILE N   H2   sing N N 170 
ILE CA  C    sing N N 171 
ILE CA  CB   sing N N 172 
ILE CA  HA   sing N N 173 
ILE C   O    doub N N 174 
ILE C   OXT  sing N N 175 
ILE CB  CG1  sing N N 176 
ILE CB  CG2  sing N N 177 
ILE CB  HB   sing N N 178 
ILE CG1 CD1  sing N N 179 
ILE CG1 HG12 sing N N 180 
ILE CG1 HG13 sing N N 181 
ILE CG2 HG21 sing N N 182 
ILE CG2 HG22 sing N N 183 
ILE CG2 HG23 sing N N 184 
ILE CD1 HD11 sing N N 185 
ILE CD1 HD12 sing N N 186 
ILE CD1 HD13 sing N N 187 
ILE OXT HXT  sing N N 188 
LEU N   CA   sing N N 189 
LEU N   H    sing N N 190 
LEU N   H2   sing N N 191 
LEU CA  C    sing N N 192 
LEU CA  CB   sing N N 193 
LEU CA  HA   sing N N 194 
LEU C   O    doub N N 195 
LEU C   OXT  sing N N 196 
LEU CB  CG   sing N N 197 
LEU CB  HB2  sing N N 198 
LEU CB  HB3  sing N N 199 
LEU CG  CD1  sing N N 200 
LEU CG  CD2  sing N N 201 
LEU CG  HG   sing N N 202 
LEU CD1 HD11 sing N N 203 
LEU CD1 HD12 sing N N 204 
LEU CD1 HD13 sing N N 205 
LEU CD2 HD21 sing N N 206 
LEU CD2 HD22 sing N N 207 
LEU CD2 HD23 sing N N 208 
LEU OXT HXT  sing N N 209 
LYS N   CA   sing N N 210 
LYS N   H    sing N N 211 
LYS N   H2   sing N N 212 
LYS CA  C    sing N N 213 
LYS CA  CB   sing N N 214 
LYS CA  HA   sing N N 215 
LYS C   O    doub N N 216 
LYS C   OXT  sing N N 217 
LYS CB  CG   sing N N 218 
LYS CB  HB2  sing N N 219 
LYS CB  HB3  sing N N 220 
LYS CG  CD   sing N N 221 
LYS CG  HG2  sing N N 222 
LYS CG  HG3  sing N N 223 
LYS CD  CE   sing N N 224 
LYS CD  HD2  sing N N 225 
LYS CD  HD3  sing N N 226 
LYS CE  NZ   sing N N 227 
LYS CE  HE2  sing N N 228 
LYS CE  HE3  sing N N 229 
LYS NZ  HZ1  sing N N 230 
LYS NZ  HZ2  sing N N 231 
LYS NZ  HZ3  sing N N 232 
LYS OXT HXT  sing N N 233 
MET N   CA   sing N N 234 
MET N   H    sing N N 235 
MET N   H2   sing N N 236 
MET CA  C    sing N N 237 
MET CA  CB   sing N N 238 
MET CA  HA   sing N N 239 
MET C   O    doub N N 240 
MET C   OXT  sing N N 241 
MET CB  CG   sing N N 242 
MET CB  HB2  sing N N 243 
MET CB  HB3  sing N N 244 
MET CG  SD   sing N N 245 
MET CG  HG2  sing N N 246 
MET CG  HG3  sing N N 247 
MET SD  CE   sing N N 248 
MET CE  HE1  sing N N 249 
MET CE  HE2  sing N N 250 
MET CE  HE3  sing N N 251 
MET OXT HXT  sing N N 252 
PHE N   CA   sing N N 253 
PHE N   H    sing N N 254 
PHE N   H2   sing N N 255 
PHE CA  C    sing N N 256 
PHE CA  CB   sing N N 257 
PHE CA  HA   sing N N 258 
PHE C   O    doub N N 259 
PHE C   OXT  sing N N 260 
PHE CB  CG   sing N N 261 
PHE CB  HB2  sing N N 262 
PHE CB  HB3  sing N N 263 
PHE CG  CD1  doub Y N 264 
PHE CG  CD2  sing Y N 265 
PHE CD1 CE1  sing Y N 266 
PHE CD1 HD1  sing N N 267 
PHE CD2 CE2  doub Y N 268 
PHE CD2 HD2  sing N N 269 
PHE CE1 CZ   doub Y N 270 
PHE CE1 HE1  sing N N 271 
PHE CE2 CZ   sing Y N 272 
PHE CE2 HE2  sing N N 273 
PHE CZ  HZ   sing N N 274 
PHE OXT HXT  sing N N 275 
PRO N   CA   sing N N 276 
PRO N   CD   sing N N 277 
PRO N   H    sing N N 278 
PRO CA  C    sing N N 279 
PRO CA  CB   sing N N 280 
PRO CA  HA   sing N N 281 
PRO C   O    doub N N 282 
PRO C   OXT  sing N N 283 
PRO CB  CG   sing N N 284 
PRO CB  HB2  sing N N 285 
PRO CB  HB3  sing N N 286 
PRO CG  CD   sing N N 287 
PRO CG  HG2  sing N N 288 
PRO CG  HG3  sing N N 289 
PRO CD  HD2  sing N N 290 
PRO CD  HD3  sing N N 291 
PRO OXT HXT  sing N N 292 
SER N   CA   sing N N 293 
SER N   H    sing N N 294 
SER N   H2   sing N N 295 
SER CA  C    sing N N 296 
SER CA  CB   sing N N 297 
SER CA  HA   sing N N 298 
SER C   O    doub N N 299 
SER C   OXT  sing N N 300 
SER CB  OG   sing N N 301 
SER CB  HB2  sing N N 302 
SER CB  HB3  sing N N 303 
SER OG  HG   sing N N 304 
SER OXT HXT  sing N N 305 
THR N   CA   sing N N 306 
THR N   H    sing N N 307 
THR N   H2   sing N N 308 
THR CA  C    sing N N 309 
THR CA  CB   sing N N 310 
THR CA  HA   sing N N 311 
THR C   O    doub N N 312 
THR C   OXT  sing N N 313 
THR CB  OG1  sing N N 314 
THR CB  CG2  sing N N 315 
THR CB  HB   sing N N 316 
THR OG1 HG1  sing N N 317 
THR CG2 HG21 sing N N 318 
THR CG2 HG22 sing N N 319 
THR CG2 HG23 sing N N 320 
THR OXT HXT  sing N N 321 
TRP N   CA   sing N N 322 
TRP N   H    sing N N 323 
TRP N   H2   sing N N 324 
TRP CA  C    sing N N 325 
TRP CA  CB   sing N N 326 
TRP CA  HA   sing N N 327 
TRP C   O    doub N N 328 
TRP C   OXT  sing N N 329 
TRP CB  CG   sing N N 330 
TRP CB  HB2  sing N N 331 
TRP CB  HB3  sing N N 332 
TRP CG  CD1  doub Y N 333 
TRP CG  CD2  sing Y N 334 
TRP CD1 NE1  sing Y N 335 
TRP CD1 HD1  sing N N 336 
TRP CD2 CE2  doub Y N 337 
TRP CD2 CE3  sing Y N 338 
TRP NE1 CE2  sing Y N 339 
TRP NE1 HE1  sing N N 340 
TRP CE2 CZ2  sing Y N 341 
TRP CE3 CZ3  doub Y N 342 
TRP CE3 HE3  sing N N 343 
TRP CZ2 CH2  doub Y N 344 
TRP CZ2 HZ2  sing N N 345 
TRP CZ3 CH2  sing Y N 346 
TRP CZ3 HZ3  sing N N 347 
TRP CH2 HH2  sing N N 348 
TRP OXT HXT  sing N N 349 
TYR N   CA   sing N N 350 
TYR N   H    sing N N 351 
TYR N   H2   sing N N 352 
TYR CA  C    sing N N 353 
TYR CA  CB   sing N N 354 
TYR CA  HA   sing N N 355 
TYR C   O    doub N N 356 
TYR C   OXT  sing N N 357 
TYR CB  CG   sing N N 358 
TYR CB  HB2  sing N N 359 
TYR CB  HB3  sing N N 360 
TYR CG  CD1  doub Y N 361 
TYR CG  CD2  sing Y N 362 
TYR CD1 CE1  sing Y N 363 
TYR CD1 HD1  sing N N 364 
TYR CD2 CE2  doub Y N 365 
TYR CD2 HD2  sing N N 366 
TYR CE1 CZ   doub Y N 367 
TYR CE1 HE1  sing N N 368 
TYR CE2 CZ   sing Y N 369 
TYR CE2 HE2  sing N N 370 
TYR CZ  OH   sing N N 371 
TYR OH  HH   sing N N 372 
TYR OXT HXT  sing N N 373 
VAL N   CA   sing N N 374 
VAL N   H    sing N N 375 
VAL N   H2   sing N N 376 
VAL CA  C    sing N N 377 
VAL CA  CB   sing N N 378 
VAL CA  HA   sing N N 379 
VAL C   O    doub N N 380 
VAL C   OXT  sing N N 381 
VAL CB  CG1  sing N N 382 
VAL CB  CG2  sing N N 383 
VAL CB  HB   sing N N 384 
VAL CG1 HG11 sing N N 385 
VAL CG1 HG12 sing N N 386 
VAL CG1 HG13 sing N N 387 
VAL CG2 HG21 sing N N 388 
VAL CG2 HG22 sing N N 389 
VAL CG2 HG23 sing N N 390 
VAL OXT HXT  sing N N 391 
# 
_pdbx_initial_refinement_model.id               1 
_pdbx_initial_refinement_model.entity_id_list   ? 
_pdbx_initial_refinement_model.type             'experimental model' 
_pdbx_initial_refinement_model.source_name      PDB 
_pdbx_initial_refinement_model.accession_code   4ZGM 
_pdbx_initial_refinement_model.details          ? 
# 
_atom_sites.entry_id                    5OTT 
_atom_sites.fract_transf_matrix[1][1]   0.00386580 
_atom_sites.fract_transf_matrix[1][2]   0.01654113 
_atom_sites.fract_transf_matrix[1][3]   0.00925820 
_atom_sites.fract_transf_matrix[2][1]   -0.01362862 
_atom_sites.fract_transf_matrix[2][2]   -0.00133013 
_atom_sites.fract_transf_matrix[2][3]   0.00806716 
_atom_sites.fract_transf_matrix[3][1]   0.00399862 
_atom_sites.fract_transf_matrix[3][2]   -0.00431707 
_atom_sites.fract_transf_matrix[3][3]   0.00604344 
_atom_sites.fract_transf_vector[1]      -0.260010 
_atom_sites.fract_transf_vector[2]      -0.094084 
_atom_sites.fract_transf_vector[3]      -0.276690 
# 
loop_
_atom_type.symbol 
C  
N  
O  
S  
SE 
# 
loop_
_atom_site.group_PDB 
_atom_site.id 
_atom_site.type_symbol 
_atom_site.label_atom_id 
_atom_site.label_alt_id 
_atom_site.label_comp_id 
_atom_site.label_asym_id 
_atom_site.label_entity_id 
_atom_site.label_seq_id 
_atom_site.pdbx_PDB_ins_code 
_atom_site.Cartn_x 
_atom_site.Cartn_y 
_atom_site.Cartn_z 
_atom_site.occupancy 
_atom_site.B_iso_or_equiv 
_atom_site.pdbx_formal_charge 
_atom_site.auth_seq_id 
_atom_site.auth_comp_id 
_atom_site.auth_asym_id 
_atom_site.auth_atom_id 
_atom_site.pdbx_PDB_model_num 
ATOM   1    N N   . VAL A 1 7   ? -1.660  6.116   -18.853 1.00 56.75 ? 30  VAL A N   1 
ATOM   2    C CA  . VAL A 1 7   ? -2.505  5.600   -17.776 1.00 61.56 ? 30  VAL A CA  1 
ATOM   3    C C   . VAL A 1 7   ? -3.386  4.438   -18.264 1.00 68.42 ? 30  VAL A C   1 
ATOM   4    O O   . VAL A 1 7   ? -4.029  4.517   -19.318 1.00 78.47 ? 30  VAL A O   1 
ATOM   5    C CB  . VAL A 1 7   ? -3.373  6.743   -17.146 1.00 79.34 ? 30  VAL A CB  1 
ATOM   6    C CG1 . VAL A 1 7   ? -2.519  7.986   -16.883 1.00 61.30 ? 30  VAL A CG1 1 
ATOM   7    C CG2 . VAL A 1 7   ? -4.592  7.095   -18.018 1.00 66.61 ? 30  VAL A CG2 1 
ATOM   8    N N   . SER A 1 8   ? -3.407  3.342   -17.512 1.00 46.07 ? 31  SER A N   1 
ATOM   9    C CA  . SER A 1 8   ? -4.196  2.183   -17.912 1.00 44.75 ? 31  SER A CA  1 
ATOM   10   C C   . SER A 1 8   ? -4.544  1.397   -16.662 1.00 38.42 ? 31  SER A C   1 
ATOM   11   O O   . SER A 1 8   ? -3.650  1.065   -15.881 1.00 35.67 ? 31  SER A O   1 
ATOM   12   C CB  . SER A 1 8   ? -3.439  1.289   -18.903 1.00 52.26 ? 31  SER A CB  1 
ATOM   13   O OG  . SER A 1 8   ? -3.875  -0.064  -18.817 1.00 43.44 ? 31  SER A OG  1 
ATOM   14   N N   . LEU A 1 9   ? -5.831  1.114   -16.468 1.00 31.44 ? 32  LEU A N   1 
ATOM   15   C CA  . LEU A 1 9   ? -6.223  0.409   -15.259 1.00 32.45 ? 32  LEU A CA  1 
ATOM   16   C C   . LEU A 1 9   ? -5.683  -1.006  -15.268 1.00 31.53 ? 32  LEU A C   1 
ATOM   17   O O   . LEU A 1 9   ? -5.208  -1.496  -14.243 1.00 29.82 ? 32  LEU A O   1 
ATOM   18   C CB  . LEU A 1 9   ? -7.745  0.410   -15.101 1.00 34.41 ? 32  LEU A CB  1 
ATOM   19   C CG  . LEU A 1 9   ? -8.265  -0.474  -13.973 1.00 32.81 ? 32  LEU A CG  1 
ATOM   20   C CD1 . LEU A 1 9   ? -7.970  0.199   -12.633 1.00 26.22 ? 32  LEU A CD1 1 
ATOM   21   C CD2 . LEU A 1 9   ? -9.754  -0.784  -14.135 1.00 34.90 ? 32  LEU A CD2 1 
ATOM   22   N N   . TRP A 1 10  ? -5.707  -1.668  -16.432 1.00 30.00 ? 33  TRP A N   1 
ATOM   23   C CA  . TRP A 1 10  ? -5.232  -3.045  -16.495 1.00 34.63 ? 33  TRP A CA  1 
ATOM   24   C C   . TRP A 1 10  ? -3.748  -3.112  -16.183 1.00 33.72 ? 33  TRP A C   1 
ATOM   25   O O   . TRP A 1 10  ? -3.307  -3.969  -15.410 1.00 31.24 ? 33  TRP A O   1 
ATOM   26   C CB  . TRP A 1 10  ? -5.524  -3.656  -17.879 1.00 43.62 ? 33  TRP A CB  1 
ATOM   27   C CG  . TRP A 1 10  ? -4.744  -4.924  -18.172 1.00 44.92 ? 33  TRP A CG  1 
ATOM   28   C CD1 . TRP A 1 10  ? -3.519  -5.021  -18.792 1.00 46.26 ? 33  TRP A CD1 1 
ATOM   29   C CD2 . TRP A 1 10  ? -5.145  -6.267  -17.871 1.00 54.20 ? 33  TRP A CD2 1 
ATOM   30   N NE1 . TRP A 1 10  ? -3.133  -6.340  -18.872 1.00 62.85 ? 33  TRP A NE1 1 
ATOM   31   C CE2 . TRP A 1 10  ? -4.116  -7.124  -18.320 1.00 60.30 ? 33  TRP A CE2 1 
ATOM   32   C CE3 . TRP A 1 10  ? -6.274  -6.832  -17.258 1.00 70.41 ? 33  TRP A CE3 1 
ATOM   33   C CZ2 . TRP A 1 10  ? -4.185  -8.513  -18.173 1.00 61.47 ? 33  TRP A CZ2 1 
ATOM   34   C CZ3 . TRP A 1 10  ? -6.340  -8.219  -17.115 1.00 57.51 ? 33  TRP A CZ3 1 
ATOM   35   C CH2 . TRP A 1 10  ? -5.302  -9.037  -17.569 1.00 62.20 ? 33  TRP A CH2 1 
ATOM   36   N N   . GLU A 1 11  ? -2.971  -2.188  -16.756 1.00 33.88 ? 34  GLU A N   1 
ATOM   37   C CA  . GLU A 1 11  ? -1.543  -2.126  -16.482 1.00 34.44 ? 34  GLU A CA  1 
ATOM   38   C C   . GLU A 1 11  ? -1.253  -1.892  -14.995 1.00 31.36 ? 34  GLU A C   1 
ATOM   39   O O   . GLU A 1 11  ? -0.323  -2.490  -14.434 1.00 25.67 ? 34  GLU A O   1 
ATOM   40   C CB  . GLU A 1 11  ? -0.910  -1.026  -17.339 1.00 33.63 ? 34  GLU A CB  1 
ATOM   41   C CG  . GLU A 1 11  ? 0.354   -0.443  -16.730 1.00 57.32 ? 34  GLU A CG  1 
ATOM   42   C CD  . GLU A 1 11  ? 1.197   0.356   -17.719 1.00 67.53 ? 34  GLU A CD  1 
ATOM   43   O OE1 . GLU A 1 11  ? 1.080   0.107   -18.943 1.00 66.00 ? 34  GLU A OE1 1 
ATOM   44   O OE2 . GLU A 1 11  ? 1.983   1.221   -17.261 1.00 65.01 ? 34  GLU A OE2 1 
ATOM   45   N N   . THR A 1 12  ? -2.029  -1.023  -14.335 1.00 22.71 ? 35  THR A N   1 
ATOM   46   C CA  . THR A 1 12  ? -1.761  -0.764  -12.921 1.00 26.34 ? 35  THR A CA  1 
ATOM   47   C C   . THR A 1 12  ? -2.110  -1.979  -12.076 1.00 22.21 ? 35  THR A C   1 
ATOM   48   O O   . THR A 1 12  ? -1.363  -2.334  -11.159 1.00 21.12 ? 35  THR A O   1 
ATOM   49   C CB  . THR A 1 12  ? -2.536  0.469   -12.431 1.00 24.56 ? 35  THR A CB  1 
ATOM   50   O OG1 . THR A 1 12  ? -2.065  1.627   -13.133 1.00 30.07 ? 35  THR A OG1 1 
ATOM   51   C CG2 . THR A 1 12  ? -2.322  0.689   -10.944 1.00 22.32 ? 35  THR A CG2 1 
ATOM   52   N N   . VAL A 1 13  ? -3.209  -2.666  -12.405 1.00 22.35 ? 36  VAL A N   1 
ATOM   53   C CA  . VAL A 1 13  ? -3.575  -3.881  -11.671 1.00 21.03 ? 36  VAL A CA  1 
ATOM   54   C C   . VAL A 1 13  ? -2.503  -4.966  -11.832 1.00 16.97 ? 36  VAL A C   1 
ATOM   55   O O   . VAL A 1 13  ? -2.170  -5.670  -10.869 1.00 19.66 ? 36  VAL A O   1 
ATOM   56   C CB  . VAL A 1 13  ? -4.957  -4.378  -12.129 1.00 23.45 ? 36  VAL A CB  1 
ATOM   57   C CG1 . VAL A 1 13  ? -5.207  -5.826  -11.626 1.00 23.25 ? 36  VAL A CG1 1 
ATOM   58   C CG2 . VAL A 1 13  ? -6.043  -3.416  -11.630 1.00 22.67 ? 36  VAL A CG2 1 
ATOM   59   N N   . GLN A 1 14  ? -1.994  -5.157  -13.061 1.00 20.20 ? 37  GLN A N   1 
ATOM   60   C CA  . GLN A 1 14  ? -0.924  -6.123  -13.301 1.00 19.08 ? 37  GLN A CA  1 
ATOM   61   C C   . GLN A 1 14  ? 0.357   -5.767  -12.534 1.00 16.68 ? 37  GLN A C   1 
ATOM   62   O O   . GLN A 1 14  ? 1.024   -6.654  -11.974 1.00 16.85 ? 37  GLN A O   1 
ATOM   63   C CB  . GLN A 1 14  ? -0.626  -6.216  -14.807 1.00 32.04 ? 37  GLN A CB  1 
ATOM   64   C CG  . GLN A 1 14  ? -1.564  -7.149  -15.549 1.00 52.15 ? 37  GLN A CG  1 
ATOM   65   C CD  . GLN A 1 14  ? -1.782  -8.469  -14.800 1.00 45.08 ? 37  GLN A CD  1 
ATOM   66   O OE1 . GLN A 1 14  ? -0.820  -9.132  -14.381 1.00 37.49 ? 37  GLN A OE1 1 
ATOM   67   N NE2 . GLN A 1 14  ? -3.046  -8.827  -14.590 1.00 38.89 ? 37  GLN A NE2 1 
ATOM   68   N N   . LYS A 1 15  ? 0.727   -4.485  -12.505 1.00 19.26 ? 38  LYS A N   1 
ATOM   69   C CA  . LYS A 1 15  ? 1.902   -4.087  -11.712 1.00 20.06 ? 38  LYS A CA  1 
ATOM   70   C C   . LYS A 1 15  ? 1.663   -4.331  -10.242 1.00 15.83 ? 38  LYS A C   1 
ATOM   71   O O   . LYS A 1 15  ? 2.563   -4.789  -9.524  1.00 17.72 ? 38  LYS A O   1 
ATOM   72   C CB  . LYS A 1 15  ? 2.239   -2.607  -11.939 1.00 20.07 ? 38  LYS A CB  1 
ATOM   73   C CG  . LYS A 1 15  ? 2.865   -2.313  -13.266 1.00 23.41 ? 38  LYS A CG  1 
ATOM   74   C CD  . LYS A 1 15  ? 3.257   -0.799  -13.268 1.00 36.04 ? 38  LYS A CD  1 
ATOM   75   C CE  . LYS A 1 15  ? 4.461   -0.513  -14.140 1.00 53.11 ? 38  LYS A CE  1 
ATOM   76   N NZ  . LYS A 1 15  ? 4.101   -0.657  -15.562 1.00 59.61 ? 38  LYS A NZ  1 
ATOM   77   N N   . TRP A 1 16  ? 0.424   -4.061  -9.771  1.00 14.49 ? 39  TRP A N   1 
ATOM   78   C CA  . TRP A 1 16  ? 0.077   -4.403  -8.397  1.00 15.58 ? 39  TRP A CA  1 
ATOM   79   C C   . TRP A 1 16  ? 0.161   -5.897  -8.138  1.00 13.74 ? 39  TRP A C   1 
ATOM   80   O O   . TRP A 1 16  ? 0.683   -6.313  -7.090  1.00 14.64 ? 39  TRP A O   1 
ATOM   81   C CB  . TRP A 1 16  ? -1.312  -3.861  -8.044  1.00 16.52 ? 39  TRP A CB  1 
ATOM   82   C CG  . TRP A 1 16  ? -1.752  -4.293  -6.652  1.00 18.39 ? 39  TRP A CG  1 
ATOM   83   C CD1 . TRP A 1 16  ? -1.408  -3.717  -5.474  1.00 18.38 ? 39  TRP A CD1 1 
ATOM   84   C CD2 . TRP A 1 16  ? -2.606  -5.393  -6.331  1.00 14.91 ? 39  TRP A CD2 1 
ATOM   85   N NE1 . TRP A 1 16  ? -1.966  -4.390  -4.425  1.00 18.84 ? 39  TRP A NE1 1 
ATOM   86   C CE2 . TRP A 1 16  ? -2.720  -5.428  -4.917  1.00 16.23 ? 39  TRP A CE2 1 
ATOM   87   C CE3 . TRP A 1 16  ? -3.253  -6.382  -7.100  1.00 19.64 ? 39  TRP A CE3 1 
ATOM   88   C CZ2 . TRP A 1 16  ? -3.505  -6.371  -4.245  1.00 17.13 ? 39  TRP A CZ2 1 
ATOM   89   C CZ3 . TRP A 1 16  ? -4.047  -7.341  -6.433  1.00 24.15 ? 39  TRP A CZ3 1 
ATOM   90   C CH2 . TRP A 1 16  ? -4.157  -7.325  -5.012  1.00 20.27 ? 39  TRP A CH2 1 
ATOM   91   N N   . ARG A 1 17  ? -0.349  -6.742  -9.068  1.00 16.36 ? 40  ARG A N   1 
ATOM   92   C CA  . ARG A 1 17  ? -0.179  -8.185  -8.898  1.00 19.46 ? 40  ARG A CA  1 
ATOM   93   C C   . ARG A 1 17  ? 1.291   -8.578  -8.788  1.00 17.17 ? 40  ARG A C   1 
ATOM   94   O O   . ARG A 1 17  ? 1.652   -9.464  -7.991  1.00 15.43 ? 40  ARG A O   1 
ATOM   95   C CB  . ARG A 1 17  ? -0.861  -8.956  -10.055 1.00 16.15 ? 40  ARG A CB  1 
ATOM   96   C CG  . ARG A 1 17  ? -2.415  -8.830  -9.971  1.00 19.63 ? 40  ARG A CG  1 
ATOM   97   C CD  . ARG A 1 17  ? -3.043  -9.665  -11.085 1.00 27.27 ? 40  ARG A CD  1 
ATOM   98   N NE  . ARG A 1 17  ? -2.599  -11.035 -10.929 1.00 25.07 ? 40  ARG A NE  1 
ATOM   99   C CZ  . ARG A 1 17  ? -1.838  -11.719 -11.777 1.00 30.06 ? 40  ARG A CZ  1 
ATOM   100  N NH1 . ARG A 1 17  ? -1.418  -11.198 -12.938 1.00 24.74 ? 40  ARG A NH1 1 
ATOM   101  N NH2 . ARG A 1 17  ? -1.510  -12.960 -11.458 1.00 28.76 ? 40  ARG A NH2 1 
ATOM   102  N N   . GLU A 1 18  ? 2.148   -7.962  -9.610  1.00 15.14 ? 41  GLU A N   1 
ATOM   103  C CA  . GLU A 1 18  ? 3.575   -8.232  -9.562  1.00 20.94 ? 41  GLU A CA  1 
ATOM   104  C C   . GLU A 1 18  ? 4.185   -7.813  -8.231  1.00 17.08 ? 41  GLU A C   1 
ATOM   105  O O   . GLU A 1 18  ? 4.964   -8.577  -7.614  1.00 15.20 ? 41  GLU A O   1 
ATOM   106  C CB  . GLU A 1 18  ? 4.265   -7.529  -10.753 1.00 16.49 ? 41  GLU A CB  1 
ATOM   107  C CG  . GLU A 1 18  ? 4.118   -8.335  -12.043 1.00 29.00 ? 41  GLU A CG  1 
ATOM   108  C CD  . GLU A 1 18  ? 4.859   -9.675  -11.972 1.00 30.89 ? 41  GLU A CD  1 
ATOM   109  O OE1 . GLU A 1 18  ? 6.123   -9.719  -12.149 1.00 25.68 ? 41  GLU A OE1 1 
ATOM   110  O OE2 . GLU A 1 18  ? 4.186   -10.684 -11.709 1.00 26.27 ? 41  GLU A OE2 1 
ATOM   111  N N   . TYR A 1 19  ? 3.846   -6.602  -7.768  1.00 13.98 ? 42  TYR A N   1 
ATOM   112  C CA  . TYR A 1 19  ? 4.270   -6.138  -6.440  1.00 16.84 ? 42  TYR A CA  1 
ATOM   113  C C   . TYR A 1 19  ? 3.819   -7.081  -5.316  1.00 15.06 ? 42  TYR A C   1 
ATOM   114  O O   . TYR A 1 19  ? 4.615   -7.440  -4.429  1.00 13.16 ? 42  TYR A O   1 
ATOM   115  C CB  . TYR A 1 19  ? 3.705   -4.727  -6.198  1.00 13.69 ? 42  TYR A CB  1 
ATOM   116  C CG  . TYR A 1 19  ? 4.175   -4.105  -4.907  1.00 15.06 ? 42  TYR A CG  1 
ATOM   117  C CD1 . TYR A 1 19  ? 3.486   -4.339  -3.701  1.00 14.76 ? 42  TYR A CD1 1 
ATOM   118  C CD2 . TYR A 1 19  ? 5.320   -3.308  -4.888  1.00 13.18 ? 42  TYR A CD2 1 
ATOM   119  C CE1 . TYR A 1 19  ? 3.874   -3.754  -2.504  1.00 18.14 ? 42  TYR A CE1 1 
ATOM   120  C CE2 . TYR A 1 19  ? 5.766   -2.709  -3.647  1.00 18.67 ? 42  TYR A CE2 1 
ATOM   121  C CZ  . TYR A 1 19  ? 5.025   -2.925  -2.487  1.00 17.35 ? 42  TYR A CZ  1 
ATOM   122  O OH  . TYR A 1 19  ? 5.429   -2.395  -1.288  1.00 19.74 ? 42  TYR A OH  1 
ATOM   123  N N   . ARG A 1 20  ? 2.530   -7.440  -5.296  1.00 15.97 ? 43  ARG A N   1 
ATOM   124  C CA  . ARG A 1 20  ? 2.044   -8.485  -4.381  1.00 15.67 ? 43  ARG A CA  1 
ATOM   125  C C   . ARG A 1 20  ? 2.880   -9.767  -4.462  1.00 15.20 ? 43  ARG A C   1 
ATOM   126  O O   . ARG A 1 20  ? 3.284   -10.335 -3.436  1.00 15.76 ? 43  ARG A O   1 
ATOM   127  C CB  . ARG A 1 20  ? 0.593   -8.819  -4.696  1.00 16.10 ? 43  ARG A CB  1 
ATOM   128  C CG  . ARG A 1 20  ? 0.010   -9.838  -3.692  1.00 21.65 ? 43  ARG A CG  1 
ATOM   129  C CD  . ARG A 1 20  ? -1.502  -10.041 -3.915  1.00 21.30 ? 43  ARG A CD  1 
ATOM   130  N NE  . ARG A 1 20  ? -1.713  -10.636 -5.248  1.00 22.43 ? 43  ARG A NE  1 
ATOM   131  C CZ  . ARG A 1 20  ? -2.913  -10.963 -5.719  1.00 23.93 ? 43  ARG A CZ  1 
ATOM   132  N NH1 . ARG A 1 20  ? -4.002  -10.748 -4.980  1.00 18.39 ? 43  ARG A NH1 1 
ATOM   133  N NH2 . ARG A 1 20  ? -3.026  -11.502 -6.903  1.00 19.36 ? 43  ARG A NH2 1 
ATOM   134  N N   . ARG A 1 21  ? 3.128   -10.254 -5.675  1.00 15.67 ? 44  ARG A N   1 
ATOM   135  C CA  . ARG A 1 21  ? 3.943   -11.474 -5.840  1.00 17.27 ? 44  ARG A CA  1 
ATOM   136  C C   . ARG A 1 21  ? 5.346   -11.321 -5.231  1.00 15.29 ? 44  ARG A C   1 
ATOM   137  O O   . ARG A 1 21  ? 5.812   -12.198 -4.471  1.00 13.75 ? 44  ARG A O   1 
ATOM   138  C CB  . ARG A 1 21  ? 4.043   -11.852 -7.331  1.00 19.65 ? 44  ARG A CB  1 
ATOM   139  C CG  . ARG A 1 21  ? 4.728   -13.189 -7.572  1.00 19.50 ? 44  ARG A CG  1 
ATOM   140  C CD  . ARG A 1 21  ? 4.706   -13.578 -9.025  1.00 19.23 ? 44  ARG A CD  1 
ATOM   141  N NE  . ARG A 1 21  ? 5.484   -12.686 -9.888  1.00 15.95 ? 44  ARG A NE  1 
ATOM   142  C CZ  . ARG A 1 21  ? 6.812   -12.656 -9.971  1.00 18.02 ? 44  ARG A CZ  1 
ATOM   143  N NH1 . ARG A 1 21  ? 7.558   -13.454 -9.203  1.00 18.33 ? 44  ARG A NH1 1 
ATOM   144  N NH2 . ARG A 1 21  ? 7.394   -11.765 -10.790 1.00 17.43 ? 44  ARG A NH2 1 
ATOM   145  N N   . GLN A 1 22  ? 6.031   -10.202 -5.528  1.00 12.83 ? 45  GLN A N   1 
ATOM   146  C CA  . GLN A 1 22  ? 7.333   -9.947  -4.907  1.00 16.46 ? 45  GLN A CA  1 
ATOM   147  C C   . GLN A 1 22  ? 7.222   -9.876  -3.377  1.00 23.14 ? 45  GLN A C   1 
ATOM   148  O O   . GLN A 1 22  ? 8.093   -10.400 -2.651  1.00 17.65 ? 45  GLN A O   1 
ATOM   149  C CB  . GLN A 1 22  ? 7.960   -8.659  -5.472  1.00 16.89 ? 45  GLN A CB  1 
ATOM   150  C CG  . GLN A 1 22  ? 8.333   -8.712  -7.017  1.00 18.61 ? 45  GLN A CG  1 
ATOM   151  C CD  . GLN A 1 22  ? 9.386   -9.828  -7.312  1.00 19.02 ? 45  GLN A CD  1 
ATOM   152  O OE1 . GLN A 1 22  ? 10.116  -10.256 -6.423  1.00 22.97 ? 45  GLN A OE1 1 
ATOM   153  N NE2 . GLN A 1 22  ? 9.393   -10.333 -8.527  1.00 16.80 ? 45  GLN A NE2 1 
ATOM   154  N N   . CYS A 1 23  ? 6.160   -9.244  -2.855  1.00 16.97 ? 46  CYS A N   1 
ATOM   155  C CA  . CYS A 1 23  ? 5.954   -9.302  -1.409  1.00 17.21 ? 46  CYS A CA  1 
ATOM   156  C C   . CYS A 1 23  ? 5.796   -10.752 -0.927  1.00 18.59 ? 46  CYS A C   1 
ATOM   157  O O   . CYS A 1 23  ? 6.456   -11.176 0.031   1.00 19.39 ? 46  CYS A O   1 
ATOM   158  C CB  . CYS A 1 23  ? 4.731   -8.470  -0.987  1.00 20.46 ? 46  CYS A CB  1 
ATOM   159  S SG  . CYS A 1 23  ? 4.748   -8.352  0.832   1.00 26.31 ? 46  CYS A SG  1 
ATOM   160  N N   . GLN A 1 24  ? 4.949   -11.542 -1.591  1.00 15.77 ? 47  GLN A N   1 
ATOM   161  C CA  . GLN A 1 24  ? 4.801   -12.934 -1.140  1.00 19.52 ? 47  GLN A CA  1 
ATOM   162  C C   . GLN A 1 24  ? 6.139   -13.706 -1.181  1.00 19.52 ? 47  GLN A C   1 
ATOM   163  O O   . GLN A 1 24  ? 6.408   -14.547 -0.298  1.00 22.99 ? 47  GLN A O   1 
ATOM   164  C CB  . GLN A 1 24  ? 3.713   -13.621 -1.955  1.00 20.64 ? 47  GLN A CB  1 
ATOM   165  C CG  . GLN A 1 24  ? 2.322   -13.032 -1.703  1.00 34.52 ? 47  GLN A CG  1 
ATOM   166  C CD  . GLN A 1 24  ? 1.304   -13.440 -2.755  1.00 34.65 ? 47  GLN A CD  1 
ATOM   167  O OE1 . GLN A 1 24  ? 1.653   -14.073 -3.752  1.00 65.54 ? 47  GLN A OE1 1 
ATOM   168  N NE2 . GLN A 1 24  ? 0.021   -13.131 -2.507  1.00 51.97 ? 47  GLN A NE2 1 
ATOM   169  N N   . ARG A 1 25  ? 7.023   -13.392 -2.132  1.00 21.94 ? 48  ARG A N   1 
ATOM   170  C CA  . ARG A 1 25  ? 8.354   -14.005 -2.127  1.00 21.20 ? 48  ARG A CA  1 
ATOM   171  C C   . ARG A 1 25  ? 9.132   -13.642 -0.861  1.00 30.46 ? 48  ARG A C   1 
ATOM   172  O O   . ARG A 1 25  ? 9.724   -14.503 -0.198  1.00 24.36 ? 48  ARG A O   1 
ATOM   173  C CB  . ARG A 1 25  ? 9.152   -13.572 -3.374  1.00 20.48 ? 48  ARG A CB  1 
ATOM   174  C CG  . ARG A 1 25  ? 8.692   -14.231 -4.713  1.00 18.15 ? 48  ARG A CG  1 
ATOM   175  C CD  . ARG A 1 25  ? 9.631   -13.706 -5.827  1.00 20.73 ? 48  ARG A CD  1 
ATOM   176  N NE  . ARG A 1 25  ? 10.988  -14.247 -5.599  1.00 16.36 ? 48  ARG A NE  1 
ATOM   177  C CZ  . ARG A 1 25  ? 12.109  -13.531 -5.591  1.00 17.39 ? 48  ARG A CZ  1 
ATOM   178  N NH1 . ARG A 1 25  ? 12.103  -12.204 -5.831  1.00 19.06 ? 48  ARG A NH1 1 
ATOM   179  N NH2 . ARG A 1 25  ? 13.249  -14.149 -5.339  1.00 22.81 ? 48  ARG A NH2 1 
ATOM   180  N N   . SER A 1 26  ? 9.186   -12.356 -0.537  1.00 22.25 ? 49  SER A N   1 
ATOM   181  C CA  . SER A 1 26  ? 9.860   -11.923 0.683   1.00 24.33 ? 49  SER A CA  1 
ATOM   182  C C   . SER A 1 26  ? 9.229   -12.559 1.908   1.00 17.33 ? 49  SER A C   1 
ATOM   183  O O   . SER A 1 26  ? 9.932   -12.941 2.846   1.00 30.58 ? 49  SER A O   1 
ATOM   184  C CB  . SER A 1 26  ? 9.809   -10.390 0.807   1.00 24.24 ? 49  SER A CB  1 
ATOM   185  O OG  . SER A 1 26  ? 10.484  -9.748  -0.270  1.00 33.02 ? 49  SER A OG  1 
ATOM   186  N N   . LEU A 1 27  ? 7.893   -12.570 1.970   1.00 20.64 ? 50  LEU A N   1 
ATOM   187  C CA  . LEU A 1 27  ? 7.228   -13.012 3.193   1.00 24.14 ? 50  LEU A CA  1 
ATOM   188  C C   . LEU A 1 27  ? 7.616   -14.448 3.508   1.00 44.07 ? 50  LEU A C   1 
ATOM   189  O O   . LEU A 1 27  ? 7.861   -14.808 4.666   1.00 33.36 ? 50  LEU A O   1 
ATOM   190  C CB  . LEU A 1 27  ? 5.715   -12.914 3.039   1.00 28.08 ? 50  LEU A CB  1 
ATOM   191  C CG  . LEU A 1 27  ? 5.142   -11.493 2.984   1.00 25.55 ? 50  LEU A CG  1 
ATOM   192  C CD1 . LEU A 1 27  ? 3.663   -11.574 2.769   1.00 30.70 ? 50  LEU A CD1 1 
ATOM   193  C CD2 . LEU A 1 27  ? 5.498   -10.696 4.257   1.00 24.65 ? 50  LEU A CD2 1 
ATOM   194  N N   . THR A 1 28  ? 7.728   -15.267 2.465   1.00 30.70 ? 51  THR A N   1 
ATOM   195  C CA  . THR A 1 28  ? 8.018   -16.682 2.628   1.00 48.19 ? 51  THR A CA  1 
ATOM   196  C C   . THR A 1 28  ? 9.508   -16.944 2.766   1.00 43.19 ? 51  THR A C   1 
ATOM   197  O O   . THR A 1 28  ? 9.915   -17.820 3.540   1.00 47.36 ? 51  THR A O   1 
ATOM   198  C CB  . THR A 1 28  ? 7.448   -17.427 1.436   1.00 37.74 ? 51  THR A CB  1 
ATOM   199  O OG1 . THR A 1 28  ? 6.043   -17.589 1.640   1.00 50.13 ? 51  THR A OG1 1 
ATOM   200  C CG2 . THR A 1 28  ? 8.117   -18.760 1.258   1.00 56.59 ? 51  THR A CG2 1 
ATOM   201  N N   . GLU A 1 29  ? 10.327  -16.156 2.080   1.00 35.13 ? 52  GLU A N   1 
ATOM   202  C CA  . GLU A 1 29  ? 11.713  -16.520 1.892   1.00 42.85 ? 52  GLU A CA  1 
ATOM   203  C C   . GLU A 1 29  ? 12.671  -15.771 2.796   1.00 42.83 ? 52  GLU A C   1 
ATOM   204  O O   . GLU A 1 29  ? 13.731  -16.319 3.105   1.00 42.45 ? 52  GLU A O   1 
ATOM   205  C CB  . GLU A 1 29  ? 12.113  -16.337 0.415   1.00 37.24 ? 52  GLU A CB  1 
ATOM   206  C CG  . GLU A 1 29  ? 11.293  -17.228 -0.569  1.00 37.40 ? 52  GLU A CG  1 
ATOM   207  C CD  . GLU A 1 29  ? 11.700  -17.027 -2.048  1.00 40.43 ? 52  GLU A CD  1 
ATOM   208  O OE1 . GLU A 1 29  ? 10.953  -17.467 -2.949  1.00 44.76 ? 52  GLU A OE1 1 
ATOM   209  O OE2 . GLU A 1 29  ? 12.763  -16.419 -2.310  1.00 41.31 ? 52  GLU A OE2 1 
ATOM   210  N N   . ASP A 1 30  ? 12.349  -14.558 3.267   1.00 38.40 ? 53  ASP A N   1 
ATOM   211  C CA  . ASP A 1 30  ? 13.328  -13.858 4.094   1.00 42.28 ? 53  ASP A CA  1 
ATOM   212  C C   . ASP A 1 30  ? 13.543  -14.649 5.389   1.00 52.08 ? 53  ASP A C   1 
ATOM   213  O O   . ASP A 1 30  ? 12.610  -15.291 5.895   1.00 44.07 ? 53  ASP A O   1 
ATOM   214  C CB  . ASP A 1 30  ? 12.904  -12.414 4.437   1.00 40.79 ? 53  ASP A CB  1 
ATOM   215  C CG  . ASP A 1 30  ? 12.897  -11.460 3.223   1.00 46.69 ? 53  ASP A CG  1 
ATOM   216  O OD1 . ASP A 1 30  ? 13.570  -11.712 2.207   1.00 34.98 ? 53  ASP A OD1 1 
ATOM   217  O OD2 . ASP A 1 30  ? 12.175  -10.440 3.279   1.00 39.67 ? 53  ASP A OD2 1 
ATOM   218  N N   . PRO A 1 31  ? 14.767  -14.629 5.937   1.00 46.47 ? 54  PRO A N   1 
ATOM   219  C CA  . PRO A 1 31  ? 15.037  -15.389 7.158   1.00 47.57 ? 54  PRO A CA  1 
ATOM   220  C C   . PRO A 1 31  ? 14.296  -14.800 8.341   1.00 49.46 ? 54  PRO A C   1 
ATOM   221  O O   . PRO A 1 31  ? 14.032  -13.585 8.385   1.00 46.10 ? 54  PRO A O   1 
ATOM   222  C CB  . PRO A 1 31  ? 16.556  -15.234 7.337   1.00 45.97 ? 54  PRO A CB  1 
ATOM   223  C CG  . PRO A 1 31  ? 16.838  -13.880 6.738   1.00 46.22 ? 54  PRO A CG  1 
ATOM   224  C CD  . PRO A 1 31  ? 15.927  -13.806 5.535   1.00 51.41 ? 54  PRO A CD  1 
ATOM   225  N N   . PRO A 1 32  ? 13.989  -15.607 9.352   1.00 61.67 ? 55  PRO A N   1 
ATOM   226  C CA  . PRO A 1 32  ? 13.355  -15.075 10.576  1.00 53.45 ? 55  PRO A CA  1 
ATOM   227  C C   . PRO A 1 32  ? 14.262  -14.083 11.276  1.00 48.44 ? 55  PRO A C   1 
ATOM   228  O O   . PRO A 1 32  ? 15.490  -14.108 11.106  1.00 53.30 ? 55  PRO A O   1 
ATOM   229  C CB  . PRO A 1 32  ? 13.125  -16.327 11.437  1.00 58.80 ? 55  PRO A CB  1 
ATOM   230  C CG  . PRO A 1 32  ? 14.046  -17.354 10.863  1.00 69.22 ? 55  PRO A CG  1 
ATOM   231  C CD  . PRO A 1 32  ? 14.125  -17.070 9.392   1.00 45.84 ? 55  PRO A CD  1 
ATOM   232  N N   . PRO A 1 33  ? 13.692  -13.170 12.060  1.00 57.56 ? 56  PRO A N   1 
ATOM   233  C CA  . PRO A 1 33  ? 14.489  -12.176 12.785  1.00 54.16 ? 56  PRO A CA  1 
ATOM   234  C C   . PRO A 1 33  ? 15.390  -12.832 13.835  1.00 61.97 ? 56  PRO A C   1 
ATOM   235  O O   . PRO A 1 33  ? 15.012  -13.899 14.333  1.00 49.33 ? 56  PRO A O   1 
ATOM   236  C CB  . PRO A 1 33  ? 13.434  -11.289 13.446  1.00 48.82 ? 56  PRO A CB  1 
ATOM   237  C CG  . PRO A 1 33  ? 12.123  -11.619 12.736  1.00 50.60 ? 56  PRO A CG  1 
ATOM   238  C CD  . PRO A 1 33  ? 12.248  -13.038 12.312  1.00 50.74 ? 56  PRO A CD  1 
ATOM   239  N N   . THR A 1 35  ? 15.945  -11.591 17.056  1.00 71.56 ? 58  THR A N   1 
ATOM   240  C CA  . THR A 1 35  ? 15.307  -11.594 18.375  1.00 71.99 ? 58  THR A CA  1 
ATOM   241  C C   . THR A 1 35  ? 13.987  -12.359 18.412  1.00 67.98 ? 58  THR A C   1 
ATOM   242  O O   . THR A 1 35  ? 13.439  -12.742 17.377  1.00 69.02 ? 58  THR A O   1 
ATOM   243  C CB  . THR A 1 35  ? 15.024  -10.164 18.888  1.00 67.33 ? 58  THR A CB  1 
ATOM   244  O OG1 . THR A 1 35  ? 14.141  -10.231 20.021  1.00 77.41 ? 58  THR A OG1 1 
ATOM   245  C CG2 . THR A 1 35  ? 14.384  -9.307  17.799  1.00 67.20 ? 58  THR A CG2 1 
ATOM   246  N N   . ASP A 1 36  ? 13.481  -12.575 19.627  1.00 71.95 ? 59  ASP A N   1 
ATOM   247  C CA  . ASP A 1 36  ? 12.201  -13.248 19.813  1.00 71.30 ? 59  ASP A CA  1 
ATOM   248  C C   . ASP A 1 36  ? 11.015  -12.314 19.615  1.00 61.53 ? 59  ASP A C   1 
ATOM   249  O O   . ASP A 1 36  ? 9.904   -12.788 19.345  1.00 55.03 ? 59  ASP A O   1 
ATOM   250  C CB  . ASP A 1 36  ? 12.121  -13.857 21.220  1.00 79.00 ? 59  ASP A CB  1 
ATOM   251  C CG  . ASP A 1 36  ? 13.252  -14.840 21.506  1.00 91.35 ? 59  ASP A CG  1 
ATOM   252  O OD1 . ASP A 1 36  ? 14.152  -14.997 20.646  1.00 79.86 ? 59  ASP A OD1 1 
ATOM   253  O OD2 . ASP A 1 36  ? 13.236  -15.456 22.595  1.00 88.39 ? 59  ASP A OD2 1 
ATOM   254  N N   . LEU A 1 37  ? 11.223  -11.007 19.750  1.00 55.97 ? 60  LEU A N   1 
ATOM   255  C CA  . LEU A 1 37  ? 10.137  -10.036 19.766  1.00 47.12 ? 60  LEU A CA  1 
ATOM   256  C C   . LEU A 1 37  ? 10.313  -9.060  18.608  1.00 35.08 ? 60  LEU A C   1 
ATOM   257  O O   . LEU A 1 37  ? 11.345  -8.385  18.503  1.00 38.22 ? 60  LEU A O   1 
ATOM   258  C CB  . LEU A 1 37  ? 10.101  -9.301  21.105  1.00 46.27 ? 60  LEU A CB  1 
ATOM   259  C CG  . LEU A 1 37  ? 8.946   -8.343  21.405  1.00 44.34 ? 60  LEU A CG  1 
ATOM   260  C CD1 . LEU A 1 37  ? 7.657   -9.095  21.651  1.00 48.78 ? 60  LEU A CD1 1 
ATOM   261  C CD2 . LEU A 1 37  ? 9.303   -7.509  22.602  1.00 50.68 ? 60  LEU A CD2 1 
ATOM   262  N N   . PHE A 1 38  ? 9.294   -8.970  17.759  1.00 37.09 ? 61  PHE A N   1 
ATOM   263  C CA  . PHE A 1 38  ? 9.303   -8.110  16.583  1.00 33.89 ? 61  PHE A CA  1 
ATOM   264  C C   . PHE A 1 38  ? 7.874   -8.036  16.083  1.00 28.78 ? 61  PHE A C   1 
ATOM   265  O O   . PHE A 1 38  ? 7.068   -8.934  16.345  1.00 29.58 ? 61  PHE A O   1 
ATOM   266  C CB  . PHE A 1 38  ? 10.207  -8.667  15.485  1.00 33.76 ? 61  PHE A CB  1 
ATOM   267  C CG  . PHE A 1 38  ? 9.937   -10.112 15.205  1.00 38.81 ? 61  PHE A CG  1 
ATOM   268  C CD1 . PHE A 1 38  ? 8.897   -10.489 14.359  1.00 35.98 ? 61  PHE A CD1 1 
ATOM   269  C CD2 . PHE A 1 38  ? 10.669  -11.096 15.852  1.00 40.78 ? 61  PHE A CD2 1 
ATOM   270  C CE1 . PHE A 1 38  ? 8.615   -11.827 14.128  1.00 43.11 ? 61  PHE A CE1 1 
ATOM   271  C CE2 . PHE A 1 38  ? 10.397  -12.434 15.624  1.00 53.95 ? 61  PHE A CE2 1 
ATOM   272  C CZ  . PHE A 1 38  ? 9.367   -12.800 14.762  1.00 42.84 ? 61  PHE A CZ  1 
ATOM   273  N N   . CYS A 1 39  ? 7.566   -6.963  15.357  1.00 26.69 ? 62  CYS A N   1 
ATOM   274  C CA  . CYS A 1 39  ? 6.283   -6.876  14.660  1.00 25.62 ? 62  CYS A CA  1 
ATOM   275  C C   . CYS A 1 39  ? 6.367   -7.657  13.356  1.00 26.64 ? 62  CYS A C   1 
ATOM   276  O O   . CYS A 1 39  ? 7.336   -7.520  12.608  1.00 27.18 ? 62  CYS A O   1 
ATOM   277  C CB  . CYS A 1 39  ? 5.925   -5.415  14.362  1.00 28.13 ? 62  CYS A CB  1 
ATOM   278  S SG  . CYS A 1 39  ? 5.798   -4.398  15.849  1.00 27.79 ? 62  CYS A SG  1 
ATOM   279  N N   . ASN A 1 40  ? 5.309   -8.420  13.057  1.00 23.94 ? 63  ASN A N   1 
ATOM   280  C CA  . ASN A 1 40  ? 5.363   -9.435  12.004  1.00 27.38 ? 63  ASN A CA  1 
ATOM   281  C C   . ASN A 1 40  ? 5.258   -8.818  10.613  1.00 28.99 ? 63  ASN A C   1 
ATOM   282  O O   . ASN A 1 40  ? 4.379   -7.988  10.339  1.00 23.22 ? 63  ASN A O   1 
ATOM   283  C CB  . ASN A 1 40  ? 4.232   -10.466 12.175  1.00 27.26 ? 63  ASN A CB  1 
ATOM   284  C CG  . ASN A 1 40  ? 4.443   -11.383 13.376  1.00 39.98 ? 63  ASN A CG  1 
ATOM   285  O OD1 . ASN A 1 40  ? 5.563   -11.667 13.761  1.00 47.28 ? 63  ASN A OD1 1 
ATOM   286  N ND2 . ASN A 1 40  ? 3.352   -11.858 13.957  1.00 51.06 ? 63  ASN A ND2 1 
ATOM   287  N N   . ARG A 1 41  ? 6.127   -9.292  9.722   1.00 23.09 ? 64  ARG A N   1 
ATOM   288  C CA  . ARG A 1 41  ? 6.073   -8.931  8.316   1.00 18.11 ? 64  ARG A CA  1 
ATOM   289  C C   . ARG A 1 41  ? 4.670   -9.170  7.766   1.00 17.75 ? 64  ARG A C   1 
ATOM   290  O O   . ARG A 1 41  ? 3.943   -10.055 8.212   1.00 19.50 ? 64  ARG A O   1 
ATOM   291  C CB  . ARG A 1 41  ? 7.102   -9.793  7.554   1.00 17.85 ? 64  ARG A CB  1 
ATOM   292  C CG  . ARG A 1 41  ? 6.633   -11.332 7.599   1.00 27.49 ? 64  ARG A CG  1 
ATOM   293  C CD  . ARG A 1 41  ? 7.690   -12.315 7.024   1.00 24.81 ? 64  ARG A CD  1 
ATOM   294  N NE  . ARG A 1 41  ? 8.939   -12.266 7.760   1.00 21.42 ? 64  ARG A NE  1 
ATOM   295  C CZ  . ARG A 1 41  ? 10.054  -12.901 7.387   1.00 34.65 ? 64  ARG A CZ  1 
ATOM   296  N NH1 . ARG A 1 41  ? 10.071  -13.661 6.282   1.00 33.91 ? 64  ARG A NH1 1 
ATOM   297  N NH2 . ARG A 1 41  ? 11.158  -12.771 8.119   1.00 34.87 ? 64  ARG A NH2 1 
ATOM   298  N N   . THR A 1 42  ? 4.268   -8.392  6.767   1.00 20.18 ? 65  THR A N   1 
ATOM   299  C CA  . THR A 1 42  ? 2.921   -8.575  6.259   1.00 16.14 ? 65  THR A CA  1 
ATOM   300  C C   . THR A 1 42  ? 2.745   -7.794  4.957   1.00 18.06 ? 65  THR A C   1 
ATOM   301  O O   . THR A 1 42  ? 3.475   -6.846  4.682   1.00 24.44 ? 65  THR A O   1 
ATOM   302  C CB  . THR A 1 42  ? 1.866   -8.126  7.308   1.00 23.54 ? 65  THR A CB  1 
ATOM   303  O OG1 . THR A 1 42  ? 0.600   -8.441  6.811   1.00 22.50 ? 65  THR A OG1 1 
ATOM   304  C CG2 . THR A 1 42  ? 1.888   -6.627  7.513   1.00 24.06 ? 65  THR A CG2 1 
ATOM   305  N N   . PHE A 1 43  ? 1.784   -8.223  4.146   1.00 18.46 ? 66  PHE A N   1 
ATOM   306  C CA  . PHE A 1 43  ? 1.319   -7.454  2.987   1.00 24.23 ? 66  PHE A CA  1 
ATOM   307  C C   . PHE A 1 43  ? -0.045  -6.895  3.354   1.00 22.86 ? 66  PHE A C   1 
ATOM   308  O O   . PHE A 1 43  ? -0.965  -7.675  3.633   1.00 22.56 ? 66  PHE A O   1 
ATOM   309  C CB  . PHE A 1 43  ? 1.194   -8.338  1.750   1.00 22.03 ? 66  PHE A CB  1 
ATOM   310  C CG  . PHE A 1 43  ? 0.675   -7.625  0.500   1.00 17.94 ? 66  PHE A CG  1 
ATOM   311  C CD1 . PHE A 1 43  ? 1.327   -6.531  -0.017  1.00 25.66 ? 66  PHE A CD1 1 
ATOM   312  C CD2 . PHE A 1 43  ? -0.436  -8.079  -0.160  1.00 18.02 ? 66  PHE A CD2 1 
ATOM   313  C CE1 . PHE A 1 43  ? 0.868   -5.902  -1.165  1.00 20.26 ? 66  PHE A CE1 1 
ATOM   314  C CE2 . PHE A 1 43  ? -0.881  -7.464  -1.327  1.00 16.61 ? 66  PHE A CE2 1 
ATOM   315  C CZ  . PHE A 1 43  ? -0.220  -6.398  -1.843  1.00 18.92 ? 66  PHE A CZ  1 
ATOM   316  N N   . ASP A 1 44  ? -0.201  -5.566  3.335   1.00 20.85 ? 67  ASP A N   1 
ATOM   317  C CA  . ASP A 1 44  ? -1.472  -4.978  3.749   1.00 17.30 ? 67  ASP A CA  1 
ATOM   318  C C   . ASP A 1 44  ? -2.367  -4.583  2.560   1.00 17.16 ? 67  ASP A C   1 
ATOM   319  O O   . ASP A 1 44  ? -3.367  -3.876  2.751   1.00 16.59 ? 67  ASP A O   1 
ATOM   320  C CB  . ASP A 1 44  ? -1.229  -3.787  4.697   1.00 24.40 ? 67  ASP A CB  1 
ATOM   321  C CG  . ASP A 1 44  ? -0.623  -2.571  4.003   1.00 25.86 ? 67  ASP A CG  1 
ATOM   322  O OD1 . ASP A 1 44  ? -0.621  -2.521  2.744   1.00 20.20 ? 67  ASP A OD1 1 
ATOM   323  O OD2 . ASP A 1 44  ? -0.217  -1.616  4.728   1.00 21.78 ? 67  ASP A OD2 1 
ATOM   324  N N   . GLU A 1 45  ? -2.053  -5.085  1.359   1.00 16.66 ? 68  GLU A N   1 
ATOM   325  C CA  . GLU A 1 45  ? -2.697  -4.821  0.067   1.00 18.16 ? 68  GLU A CA  1 
ATOM   326  C C   . GLU A 1 45  ? -2.180  -3.549  -0.585  1.00 14.94 ? 68  GLU A C   1 
ATOM   327  O O   . GLU A 1 45  ? -2.313  -3.389  -1.798  1.00 16.03 ? 68  GLU A O   1 
ATOM   328  C CB  . GLU A 1 45  ? -4.235  -4.760  0.167   1.00 18.67 ? 68  GLU A CB  1 
ATOM   329  C CG  . GLU A 1 45  ? -4.931  -5.934  0.857   1.00 17.88 ? 68  GLU A CG  1 
ATOM   330  C CD  . GLU A 1 45  ? -4.581  -7.280  0.233   1.00 25.86 ? 68  GLU A CD  1 
ATOM   331  O OE1 . GLU A 1 45  ? -4.260  -7.329  -0.954  1.00 18.93 ? 68  GLU A OE1 1 
ATOM   332  O OE2 . GLU A 1 45  ? -4.606  -8.266  0.960   1.00 23.91 ? 68  GLU A OE2 1 
ATOM   333  N N   . TYR A 1 46  ? -1.565  -2.653  0.185   1.00 18.12 ? 69  TYR A N   1 
ATOM   334  C CA  . TYR A 1 46  ? -0.979  -1.446  -0.372  1.00 17.99 ? 69  TYR A CA  1 
ATOM   335  C C   . TYR A 1 46  ? 0.541   -1.500  -0.402  1.00 12.99 ? 69  TYR A C   1 
ATOM   336  O O   . TYR A 1 46  ? 1.152   -1.186  -1.407  1.00 14.56 ? 69  TYR A O   1 
ATOM   337  C CB  . TYR A 1 46  ? -1.444  -0.231  0.445   1.00 16.78 ? 69  TYR A CB  1 
ATOM   338  C CG  . TYR A 1 46  ? -0.812  1.081   0.014   1.00 16.73 ? 69  TYR A CG  1 
ATOM   339  C CD1 . TYR A 1 46  ? -1.301  1.768   -1.090  1.00 18.36 ? 69  TYR A CD1 1 
ATOM   340  C CD2 . TYR A 1 46  ? 0.271   1.626   0.707   1.00 16.70 ? 69  TYR A CD2 1 
ATOM   341  C CE1 . TYR A 1 46  ? -0.735  2.987   -1.496  1.00 16.63 ? 69  TYR A CE1 1 
ATOM   342  C CE2 . TYR A 1 46  ? 0.835   2.828   0.322   1.00 18.13 ? 69  TYR A CE2 1 
ATOM   343  C CZ  . TYR A 1 46  ? 0.336   3.494   -0.806  1.00 18.33 ? 69  TYR A CZ  1 
ATOM   344  O OH  . TYR A 1 46  ? 0.884   4.717   -1.214  1.00 23.26 ? 69  TYR A OH  1 
ATOM   345  N N   . ALA A 1 47  ? 1.159   -1.969  0.669   1.00 12.16 ? 70  ALA A N   1 
ATOM   346  C CA  . ALA A 1 47  ? 2.597   -1.989  0.771   1.00 17.80 ? 70  ALA A CA  1 
ATOM   347  C C   . ALA A 1 47  ? 3.029   -3.277  1.436   1.00 21.07 ? 70  ALA A C   1 
ATOM   348  O O   . ALA A 1 47  ? 2.299   -3.876  2.232   1.00 19.33 ? 70  ALA A O   1 
ATOM   349  C CB  . ALA A 1 47  ? 3.129   -0.794  1.605   1.00 14.06 ? 70  ALA A CB  1 
ATOM   350  N N   . CYS A 1 48  ? 4.283   -3.622  1.181   1.00 15.92 ? 71  CYS A N   1 
ATOM   351  C CA  . CYS A 1 48  ? 4.921   -4.809  1.731   1.00 15.75 ? 71  CYS A CA  1 
ATOM   352  C C   . CYS A 1 48  ? 5.747   -4.407  2.948   1.00 20.10 ? 71  CYS A C   1 
ATOM   353  O O   . CYS A 1 48  ? 6.607   -3.535  2.835   1.00 22.80 ? 71  CYS A O   1 
ATOM   354  C CB  . CYS A 1 48  ? 5.844   -5.427  0.657   1.00 20.73 ? 71  CYS A CB  1 
ATOM   355  S SG  . CYS A 1 48  ? 6.411   -7.070  1.187   1.00 35.02 ? 71  CYS A SG  1 
ATOM   356  N N   . TRP A 1 49  ? 5.477   -5.009  4.122   1.00 19.72 ? 72  TRP A N   1 
ATOM   357  C CA  . TRP A 1 49  ? 6.161   -4.603  5.375   1.00 13.74 ? 72  TRP A CA  1 
ATOM   358  C C   . TRP A 1 49  ? 7.063   -5.726  5.840   1.00 19.48 ? 72  TRP A C   1 
ATOM   359  O O   . TRP A 1 49  ? 6.608   -6.882  5.850   1.00 18.83 ? 72  TRP A O   1 
ATOM   360  C CB  . TRP A 1 49  ? 5.117   -4.267  6.514   1.00 16.70 ? 72  TRP A CB  1 
ATOM   361  C CG  . TRP A 1 49  ? 4.244   -3.120  6.097   1.00 16.76 ? 72  TRP A CG  1 
ATOM   362  C CD1 . TRP A 1 49  ? 3.036   -3.188  5.461   1.00 14.07 ? 72  TRP A CD1 1 
ATOM   363  C CD2 . TRP A 1 49  ? 4.599   -1.718  6.149   1.00 18.19 ? 72  TRP A CD2 1 
ATOM   364  N NE1 . TRP A 1 49  ? 2.591   -1.901  5.159   1.00 15.12 ? 72  TRP A NE1 1 
ATOM   365  C CE2 . TRP A 1 49  ? 3.536   -0.994  5.584   1.00 14.92 ? 72  TRP A CE2 1 
ATOM   366  C CE3 . TRP A 1 49  ? 5.712   -1.015  6.640   1.00 17.76 ? 72  TRP A CE3 1 
ATOM   367  C CZ2 . TRP A 1 49  ? 3.562   0.398   5.455   1.00 12.97 ? 72  TRP A CZ2 1 
ATOM   368  C CZ3 . TRP A 1 49  ? 5.746   0.368   6.515   1.00 14.36 ? 72  TRP A CZ3 1 
ATOM   369  C CH2 . TRP A 1 49  ? 4.673   1.065   5.950   1.00 12.91 ? 72  TRP A CH2 1 
ATOM   370  N N   . PRO A 1 50  ? 8.322   -5.452  6.186   1.00 20.47 ? 73  PRO A N   1 
ATOM   371  C CA  . PRO A 1 50  ? 9.176   -6.457  6.819   1.00 20.88 ? 73  PRO A CA  1 
ATOM   372  C C   . PRO A 1 50  ? 8.873   -6.577  8.313   1.00 33.44 ? 73  PRO A C   1 
ATOM   373  O O   . PRO A 1 50  ? 8.061   -5.834  8.891   1.00 20.79 ? 73  PRO A O   1 
ATOM   374  C CB  . PRO A 1 50  ? 10.561  -5.888  6.589   1.00 25.58 ? 73  PRO A CB  1 
ATOM   375  C CG  . PRO A 1 50  ? 10.329  -4.395  6.878   1.00 23.96 ? 73  PRO A CG  1 
ATOM   376  C CD  . PRO A 1 50  ? 8.952   -4.116  6.235   1.00 21.64 ? 73  PRO A CD  1 
ATOM   377  N N   . ASP A 1 51  ? 9.553   -7.524  8.952   1.00 26.78 ? 74  ASP A N   1 
ATOM   378  C CA  . ASP A 1 51  ? 9.487   -7.605  10.402  1.00 29.35 ? 74  ASP A CA  1 
ATOM   379  C C   . ASP A 1 51  ? 10.034  -6.321  11.008  1.00 28.90 ? 74  ASP A C   1 
ATOM   380  O O   . ASP A 1 51  ? 11.006  -5.755  10.515  1.00 25.70 ? 74  ASP A O   1 
ATOM   381  C CB  . ASP A 1 51  ? 10.267  -8.809  10.928  1.00 26.84 ? 74  ASP A CB  1 
ATOM   382  C CG  . ASP A 1 51  ? 9.883   -10.107 10.239  1.00 31.73 ? 74  ASP A CG  1 
ATOM   383  O OD1 . ASP A 1 51  ? 8.694   -10.452 10.177  1.00 30.39 ? 74  ASP A OD1 1 
ATOM   384  O OD2 . ASP A 1 51  ? 10.796  -10.804 9.758   1.00 43.19 ? 74  ASP A OD2 1 
ATOM   385  N N   . GLY A 1 52  ? 9.394   -5.837  12.071  1.00 24.12 ? 75  GLY A N   1 
ATOM   386  C CA  . GLY A 1 52  ? 9.734   -4.544  12.651  1.00 25.01 ? 75  GLY A CA  1 
ATOM   387  C C   . GLY A 1 52  ? 10.475  -4.678  13.972  1.00 22.03 ? 75  GLY A C   1 
ATOM   388  O O   . GLY A 1 52  ? 10.170  -5.554  14.781  1.00 29.37 ? 75  GLY A O   1 
ATOM   389  N N   . GLU A 1 53  ? 11.418  -3.806  14.179  1.00 25.57 ? 76  GLU A N   1 
ATOM   390  C CA  . GLU A 1 53  ? 12.136  -3.708  15.445  1.00 30.71 ? 76  GLU A CA  1 
ATOM   391  C C   . GLU A 1 53  ? 11.260  -3.033  16.498  1.00 25.03 ? 76  GLU A C   1 
ATOM   392  O O   . GLU A 1 53  ? 10.786  -1.919  16.269  1.00 23.80 ? 76  GLU A O   1 
ATOM   393  C CB  . GLU A 1 53  ? 13.409  -2.900  15.248  1.00 27.44 ? 76  GLU A CB  1 
ATOM   394  C CG  . GLU A 1 53  ? 14.068  -2.413  16.567  1.00 37.05 ? 76  GLU A CG  1 
ATOM   395  C CD  . GLU A 1 53  ? 15.429  -1.766  16.346  1.00 46.13 ? 76  GLU A CD  1 
ATOM   396  O OE1 . GLU A 1 53  ? 16.223  -2.277  15.518  1.00 63.71 ? 76  GLU A OE1 1 
ATOM   397  O OE2 . GLU A 1 53  ? 15.706  -0.741  16.999  1.00 56.41 ? 76  GLU A OE2 1 
ATOM   398  N N   . PRO A 1 54  ? 11.046  -3.656  17.658  1.00 29.06 ? 77  PRO A N   1 
ATOM   399  C CA  . PRO A 1 54  ? 10.189  -3.031  18.689  1.00 26.34 ? 77  PRO A CA  1 
ATOM   400  C C   . PRO A 1 54  ? 10.671  -1.649  19.094  1.00 29.20 ? 77  PRO A C   1 
ATOM   401  O O   . PRO A 1 54  ? 11.858  -1.425  19.370  1.00 27.39 ? 77  PRO A O   1 
ATOM   402  C CB  . PRO A 1 54  ? 10.258  -4.021  19.858  1.00 30.26 ? 77  PRO A CB  1 
ATOM   403  C CG  . PRO A 1 54  ? 10.547  -5.374  19.182  1.00 28.70 ? 77  PRO A CG  1 
ATOM   404  C CD  . PRO A 1 54  ? 11.443  -5.036  18.006  1.00 29.48 ? 77  PRO A CD  1 
ATOM   405  N N   . GLY A 1 55  ? 9.741   -0.696  19.094  1.00 27.10 ? 78  GLY A N   1 
ATOM   406  C CA  . GLY A 1 55  ? 10.082  0.652   19.486  1.00 25.74 ? 78  GLY A CA  1 
ATOM   407  C C   . GLY A 1 55  ? 10.616  1.553   18.397  1.00 27.60 ? 78  GLY A C   1 
ATOM   408  O O   . GLY A 1 55  ? 11.148  2.622   18.711  1.00 33.04 ? 78  GLY A O   1 
ATOM   409  N N   . SER A 1 56  ? 10.435  1.207   17.120  1.00 21.96 ? 79  SER A N   1 
ATOM   410  C CA  . SER A 1 56  ? 10.980  2.060   16.079  1.00 27.22 ? 79  SER A CA  1 
ATOM   411  C C   . SER A 1 56  ? 9.971   2.177   14.938  1.00 20.01 ? 79  SER A C   1 
ATOM   412  O O   . SER A 1 56  ? 9.082   1.342   14.774  1.00 19.24 ? 79  SER A O   1 
ATOM   413  C CB  . SER A 1 56  ? 12.357  1.525   15.581  1.00 31.43 ? 79  SER A CB  1 
ATOM   414  O OG  . SER A 1 56  ? 12.161  0.665   14.496  1.00 45.23 ? 79  SER A OG  1 
ATOM   415  N N   . PHE A 1 57  ? 10.098  3.272   14.191  1.00 20.30 ? 80  PHE A N   1 
ATOM   416  C CA  . PHE A 1 57  ? 9.386   3.427   12.939  1.00 25.97 ? 80  PHE A CA  1 
ATOM   417  C C   . PHE A 1 57  ? 9.971   2.458   11.929  1.00 26.26 ? 80  PHE A C   1 
ATOM   418  O O   . PHE A 1 57  ? 11.157  2.136   11.980  1.00 19.20 ? 80  PHE A O   1 
ATOM   419  C CB  . PHE A 1 57  ? 9.531   4.851   12.397  1.00 21.07 ? 80  PHE A CB  1 
ATOM   420  C CG  . PHE A 1 57  ? 8.685   5.844   13.107  1.00 22.75 ? 80  PHE A CG  1 
ATOM   421  C CD1 . PHE A 1 57  ? 7.307   5.903   12.881  1.00 21.75 ? 80  PHE A CD1 1 
ATOM   422  C CD2 . PHE A 1 57  ? 9.265   6.716   14.011  1.00 27.08 ? 80  PHE A CD2 1 
ATOM   423  C CE1 . PHE A 1 57  ? 6.492   6.837   13.603  1.00 16.46 ? 80  PHE A CE1 1 
ATOM   424  C CE2 . PHE A 1 57  ? 8.461   7.652   14.739  1.00 22.82 ? 80  PHE A CE2 1 
ATOM   425  C CZ  . PHE A 1 57  ? 7.122   7.715   14.522  1.00 20.02 ? 80  PHE A CZ  1 
ATOM   426  N N   . VAL A 1 58  ? 9.134   1.984   11.019  1.00 18.32 ? 81  VAL A N   1 
ATOM   427  C CA  . VAL A 1 58  ? 9.580   1.108   9.933   1.00 19.30 ? 81  VAL A CA  1 
ATOM   428  C C   . VAL A 1 58  ? 9.250   1.794   8.619   1.00 18.73 ? 81  VAL A C   1 
ATOM   429  O O   . VAL A 1 58  ? 8.115   2.255   8.443   1.00 18.86 ? 81  VAL A O   1 
ATOM   430  C CB  . VAL A 1 58  ? 8.920   -0.281  10.019  1.00 21.03 ? 81  VAL A CB  1 
ATOM   431  C CG1 . VAL A 1 58  ? 9.319   -1.135  8.765   1.00 17.56 ? 81  VAL A CG1 1 
ATOM   432  C CG2 . VAL A 1 58  ? 9.306   -0.992  11.320  1.00 20.57 ? 81  VAL A CG2 1 
ATOM   433  N N   . ASN A 1 59  ? 10.263  1.964   7.748   1.00 15.80 ? 82  ASN A N   1 
ATOM   434  C CA  . ASN A 1 59  ? 10.124  2.658   6.472   1.00 19.46 ? 82  ASN A CA  1 
ATOM   435  C C   . ASN A 1 59  ? 10.146  1.651   5.330   1.00 20.66 ? 82  ASN A C   1 
ATOM   436  O O   . ASN A 1 59  ? 10.975  0.753   5.325   1.00 19.22 ? 82  ASN A O   1 
ATOM   437  C CB  . ASN A 1 59  ? 11.296  3.621   6.152   1.00 25.12 ? 82  ASN A CB  1 
ATOM   438  C CG  . ASN A 1 59  ? 11.570  4.691   7.205   1.00 32.02 ? 82  ASN A CG  1 
ATOM   439  O OD1 . ASN A 1 59  ? 11.286  4.541   8.397   1.00 31.94 ? 82  ASN A OD1 1 
ATOM   440  N ND2 . ASN A 1 59  ? 12.221  5.780   6.752   1.00 29.55 ? 82  ASN A ND2 1 
ATOM   441  N N   . VAL A 1 60  ? 9.323   1.856   4.310   1.00 14.42 ? 83  VAL A N   1 
ATOM   442  C CA  . VAL A 1 60  ? 9.458   1.107   3.060   1.00 17.70 ? 83  VAL A CA  1 
ATOM   443  C C   . VAL A 1 60  ? 9.219   2.084   1.930   1.00 17.19 ? 83  VAL A C   1 
ATOM   444  O O   . VAL A 1 60  ? 8.540   3.100   2.110   1.00 16.57 ? 83  VAL A O   1 
ATOM   445  C CB  . VAL A 1 60  ? 8.494   -0.122  2.936   1.00 26.77 ? 83  VAL A CB  1 
ATOM   446  C CG1 . VAL A 1 60  ? 8.548   -1.007  4.172   1.00 22.68 ? 83  VAL A CG1 1 
ATOM   447  C CG2 . VAL A 1 60  ? 7.133   0.325   2.784   1.00 21.58 ? 83  VAL A CG2 1 
ATOM   448  N N   . SER A 1 61  ? 9.822   1.806   0.763   1.00 16.97 ? 84  SER A N   1 
ATOM   449  C CA  . SER A 1 61  ? 9.709   2.754   -0.355  1.00 17.85 ? 84  SER A CA  1 
ATOM   450  C C   . SER A 1 61  ? 8.273   2.812   -0.804  1.00 19.11 ? 84  SER A C   1 
ATOM   451  O O   . SER A 1 61  ? 7.546   1.814   -0.701  1.00 15.96 ? 84  SER A O   1 
ATOM   452  C CB  . SER A 1 61  ? 10.594  2.336   -1.564  1.00 17.85 ? 84  SER A CB  1 
ATOM   453  O OG  . SER A 1 61  ? 11.895  2.110   -1.099  1.00 26.96 ? 84  SER A OG  1 
ATOM   454  N N   . CYS A 1 62  ? 7.866   3.978   -1.339  1.00 19.36 ? 85  CYS A N   1 
ATOM   455  C CA  . CYS A 1 62  ? 6.536   4.057   -1.933  1.00 21.18 ? 85  CYS A CA  1 
ATOM   456  C C   . CYS A 1 62  ? 6.374   2.922   -2.961  1.00 19.21 ? 85  CYS A C   1 
ATOM   457  O O   . CYS A 1 62  ? 7.317   2.621   -3.715  1.00 18.57 ? 85  CYS A O   1 
ATOM   458  C CB  . CYS A 1 62  ? 6.302   5.435   -2.571  1.00 23.54 ? 85  CYS A CB  1 
ATOM   459  S SG  . CYS A 1 62  ? 6.080   6.786   -1.262  1.00 29.00 ? 85  CYS A SG  1 
ATOM   460  N N   . PRO A 1 63  ? 5.208   2.256   -3.006  1.00 15.74 ? 86  PRO A N   1 
ATOM   461  C CA  . PRO A 1 63  ? 5.079   1.051   -3.839  1.00 13.82 ? 86  PRO A CA  1 
ATOM   462  C C   . PRO A 1 63  ? 5.216   1.385   -5.297  1.00 18.05 ? 86  PRO A C   1 
ATOM   463  O O   . PRO A 1 63  ? 4.674   2.386   -5.784  1.00 20.99 ? 86  PRO A O   1 
ATOM   464  C CB  . PRO A 1 63  ? 3.667   0.536   -3.526  1.00 15.37 ? 86  PRO A CB  1 
ATOM   465  C CG  . PRO A 1 63  ? 3.288   1.130   -2.254  1.00 19.93 ? 86  PRO A CG  1 
ATOM   466  C CD  . PRO A 1 63  ? 4.036   2.462   -2.126  1.00 14.37 ? 86  PRO A CD  1 
ATOM   467  N N   . TRP A 1 64  ? 5.974   0.544   -5.999  1.00 19.97 ? 87  TRP A N   1 
ATOM   468  C CA  . TRP A 1 64  ? 6.405   0.944   -7.322  1.00 16.34 ? 87  TRP A CA  1 
ATOM   469  C C   . TRP A 1 64  ? 5.297   0.784   -8.367  1.00 21.65 ? 87  TRP A C   1 
ATOM   470  O O   . TRP A 1 64  ? 5.448   1.314   -9.474  1.00 19.82 ? 87  TRP A O   1 
ATOM   471  C CB  . TRP A 1 64  ? 7.662   0.168   -7.720  1.00 21.85 ? 87  TRP A CB  1 
ATOM   472  C CG  . TRP A 1 64  ? 7.632   -1.358  -7.546  1.00 20.44 ? 87  TRP A CG  1 
ATOM   473  C CD1 . TRP A 1 64  ? 8.248   -2.085  -6.559  1.00 16.54 ? 87  TRP A CD1 1 
ATOM   474  C CD2 . TRP A 1 64  ? 7.035   -2.316  -8.425  1.00 15.40 ? 87  TRP A CD2 1 
ATOM   475  N NE1 . TRP A 1 64  ? 8.083   -3.410  -6.776  1.00 20.22 ? 87  TRP A NE1 1 
ATOM   476  C CE2 . TRP A 1 64  ? 7.318   -3.588  -7.901  1.00 16.23 ? 87  TRP A CE2 1 
ATOM   477  C CE3 . TRP A 1 64  ? 6.298   -2.216  -9.617  1.00 16.85 ? 87  TRP A CE3 1 
ATOM   478  C CZ2 . TRP A 1 64  ? 6.876   -4.761  -8.494  1.00 16.98 ? 87  TRP A CZ2 1 
ATOM   479  C CZ3 . TRP A 1 64  ? 5.838   -3.388  -10.210 1.00 20.05 ? 87  TRP A CZ3 1 
ATOM   480  C CH2 . TRP A 1 64  ? 6.146   -4.655  -9.654  1.00 22.35 ? 87  TRP A CH2 1 
ATOM   481  N N   . TYR A 1 65  ? 4.163   0.120   -8.029  1.00 17.74 ? 88  TYR A N   1 
ATOM   482  C CA  . TYR A 1 65  ? 3.036   0.043   -8.964  1.00 21.78 ? 88  TYR A CA  1 
ATOM   483  C C   . TYR A 1 65  ? 2.233   1.337   -9.045  1.00 25.14 ? 88  TYR A C   1 
ATOM   484  O O   . TYR A 1 65  ? 1.355   1.422   -9.912  1.00 23.74 ? 88  TYR A O   1 
ATOM   485  C CB  . TYR A 1 65  ? 2.031   -1.109  -8.592  1.00 14.60 ? 88  TYR A CB  1 
ATOM   486  C CG  . TYR A 1 65  ? 1.366   -0.913  -7.206  1.00 16.38 ? 88  TYR A CG  1 
ATOM   487  C CD1 . TYR A 1 65  ? 0.252   -0.076  -7.031  1.00 16.69 ? 88  TYR A CD1 1 
ATOM   488  C CD2 . TYR A 1 65  ? 1.900   -1.517  -6.079  1.00 14.33 ? 88  TYR A CD2 1 
ATOM   489  C CE1 . TYR A 1 65  ? -0.273  0.144   -5.790  1.00 16.94 ? 88  TYR A CE1 1 
ATOM   490  C CE2 . TYR A 1 65  ? 1.346   -1.322  -4.828  1.00 14.29 ? 88  TYR A CE2 1 
ATOM   491  C CZ  . TYR A 1 65  ? 0.266   -0.507  -4.687  1.00 17.20 ? 88  TYR A CZ  1 
ATOM   492  O OH  . TYR A 1 65  ? -0.219  -0.295  -3.426  1.00 15.06 ? 88  TYR A OH  1 
ATOM   493  N N   . LEU A 1 66  ? 2.447   2.317   -8.149  1.00 19.43 ? 89  LEU A N   1 
ATOM   494  C CA  . LEU A 1 66  ? 1.684   3.558   -8.232  1.00 18.94 ? 89  LEU A CA  1 
ATOM   495  C C   . LEU A 1 66  ? 1.931   4.249   -9.579  1.00 24.01 ? 89  LEU A C   1 
ATOM   496  O O   . LEU A 1 66  ? 3.081   4.324   -10.042 1.00 21.20 ? 89  LEU A O   1 
ATOM   497  C CB  . LEU A 1 66  ? 2.050   4.506   -7.076  1.00 17.78 ? 89  LEU A CB  1 
ATOM   498  C CG  . LEU A 1 66  ? 1.746   4.015   -5.645  1.00 20.62 ? 89  LEU A CG  1 
ATOM   499  C CD1 . LEU A 1 66  ? 2.456   4.960   -4.643  1.00 21.55 ? 89  LEU A CD1 1 
ATOM   500  C CD2 . LEU A 1 66  ? 0.227   3.899   -5.312  1.00 16.38 ? 89  LEU A CD2 1 
ATOM   501  N N   . PRO A 1 67  ? 0.874   4.745   -10.253 1.00 23.57 ? 90  PRO A N   1 
ATOM   502  C CA  . PRO A 1 67  ? 1.087   5.385   -11.565 1.00 29.56 ? 90  PRO A CA  1 
ATOM   503  C C   . PRO A 1 67  ? 2.025   6.567   -11.484 1.00 27.68 ? 90  PRO A C   1 
ATOM   504  O O   . PRO A 1 67  ? 2.758   6.811   -12.432 1.00 29.97 ? 90  PRO A O   1 
ATOM   505  C CB  . PRO A 1 67  ? -0.334  5.800   -11.986 1.00 28.34 ? 90  PRO A CB  1 
ATOM   506  C CG  . PRO A 1 67  ? -1.223  4.811   -11.314 1.00 29.78 ? 90  PRO A CG  1 
ATOM   507  C CD  . PRO A 1 67  ? -0.569  4.573   -9.956  1.00 31.04 ? 90  PRO A CD  1 
ATOM   508  N N   . TRP A 1 68  ? 2.076   7.252   -10.339 1.00 27.57 ? 91  TRP A N   1 
ATOM   509  C CA  . TRP A 1 68  ? 2.908   8.436   -10.158 1.00 25.71 ? 91  TRP A CA  1 
ATOM   510  C C   . TRP A 1 68  ? 4.182   8.118   -9.381  1.00 30.38 ? 91  TRP A C   1 
ATOM   511  O O   . TRP A 1 68  ? 4.837   9.036   -8.872  1.00 29.90 ? 91  TRP A O   1 
ATOM   512  C CB  . TRP A 1 68  ? 2.089   9.535   -9.471  1.00 26.20 ? 91  TRP A CB  1 
ATOM   513  C CG  . TRP A 1 68  ? 1.443   9.044   -8.213  1.00 24.53 ? 91  TRP A CG  1 
ATOM   514  C CD1 . TRP A 1 68  ? 2.008   9.003   -6.995  1.00 22.10 ? 91  TRP A CD1 1 
ATOM   515  C CD2 . TRP A 1 68  ? 0.123   8.481   -8.070  1.00 33.65 ? 91  TRP A CD2 1 
ATOM   516  N NE1 . TRP A 1 68  ? 1.129   8.475   -6.070  1.00 23.98 ? 91  TRP A NE1 1 
ATOM   517  C CE2 . TRP A 1 68  ? -0.034  8.133   -6.715  1.00 25.37 ? 91  TRP A CE2 1 
ATOM   518  C CE3 . TRP A 1 68  ? -0.941  8.250   -8.956  1.00 26.65 ? 91  TRP A CE3 1 
ATOM   519  C CZ2 . TRP A 1 68  ? -1.199  7.549   -6.217  1.00 30.38 ? 91  TRP A CZ2 1 
ATOM   520  C CZ3 . TRP A 1 68  ? -2.090  7.667   -8.470  1.00 31.10 ? 91  TRP A CZ3 1 
ATOM   521  C CH2 . TRP A 1 68  ? -2.227  7.339   -7.096  1.00 27.81 ? 91  TRP A CH2 1 
ATOM   522  N N   . ALA A 1 69  ? 4.553   6.825   -9.314  1.00 25.83 ? 92  ALA A N   1 
ATOM   523  C CA  . ALA A 1 69  ? 5.726   6.401   -8.549  1.00 26.38 ? 92  ALA A CA  1 
ATOM   524  C C   . ALA A 1 69  ? 6.954   7.215   -8.923  1.00 32.23 ? 92  ALA A C   1 
ATOM   525  O O   . ALA A 1 69  ? 7.766   7.554   -8.057  1.00 24.00 ? 92  ALA A O   1 
ATOM   526  C CB  . ALA A 1 69  ? 6.012   4.915   -8.783  1.00 27.72 ? 92  ALA A CB  1 
ATOM   527  N N   . SER A 1 70  ? 7.113   7.540   -10.213 1.00 30.14 ? 93  SER A N   1 
ATOM   528  C CA  . SER A 1 70  ? 8.277   8.328   -10.625 1.00 29.54 ? 93  SER A CA  1 
ATOM   529  C C   . SER A 1 70  ? 8.200   9.800   -10.200 1.00 38.18 ? 93  SER A C   1 
ATOM   530  O O   . SER A 1 70  ? 9.235   10.475  -10.189 1.00 36.24 ? 93  SER A O   1 
ATOM   531  C CB  . SER A 1 70  ? 8.484   8.192   -12.153 1.00 36.41 ? 93  SER A CB  1 
ATOM   532  O OG  . SER A 1 70  ? 7.482   8.891   -12.875 1.00 43.64 ? 93  SER A OG  1 
ATOM   533  N N   . SER A 1 71  ? 7.028   10.317  -9.817  1.00 34.75 ? 94  SER A N   1 
ATOM   534  C CA  . SER A 1 71  ? 7.006   11.659  -9.233  1.00 39.53 ? 94  SER A CA  1 
ATOM   535  C C   . SER A 1 71  ? 7.359   11.667  -7.750  1.00 29.65 ? 94  SER A C   1 
ATOM   536  O O   . SER A 1 71  ? 7.618   12.747  -7.198  1.00 30.46 ? 94  SER A O   1 
ATOM   537  C CB  . SER A 1 71  ? 5.640   12.320  -9.412  1.00 37.49 ? 94  SER A CB  1 
ATOM   538  O OG  . SER A 1 71  ? 5.286   12.395  -10.774 1.00 40.63 ? 94  SER A OG  1 
ATOM   539  N N   . VAL A 1 72  ? 7.410   10.501  -7.100  1.00 30.17 ? 95  VAL A N   1 
ATOM   540  C CA  . VAL A 1 72  ? 7.726   10.463  -5.664  1.00 22.35 ? 95  VAL A CA  1 
ATOM   541  C C   . VAL A 1 72  ? 8.862   9.475   -5.445  1.00 27.49 ? 95  VAL A C   1 
ATOM   542  O O   . VAL A 1 72  ? 8.767   8.581   -4.573  1.00 25.96 ? 95  VAL A O   1 
ATOM   543  C CB  . VAL A 1 72  ? 6.471   10.136  -4.831  1.00 26.66 ? 95  VAL A CB  1 
ATOM   544  C CG1 . VAL A 1 72  ? 5.463   11.281  -4.993  1.00 29.95 ? 95  VAL A CG1 1 
ATOM   545  C CG2 . VAL A 1 72  ? 5.848   8.806   -5.270  1.00 23.31 ? 95  VAL A CG2 1 
ATOM   546  N N   . PRO A 1 73  ? 9.975   9.645   -6.177  1.00 28.05 ? 96  PRO A N   1 
ATOM   547  C CA  . PRO A 1 73  ? 11.007  8.608   -6.209  1.00 25.32 ? 96  PRO A CA  1 
ATOM   548  C C   . PRO A 1 73  ? 11.735  8.440   -4.895  1.00 25.10 ? 96  PRO A C   1 
ATOM   549  O O   . PRO A 1 73  ? 12.347  7.379   -4.686  1.00 21.75 ? 96  PRO A O   1 
ATOM   550  C CB  . PRO A 1 73  ? 11.963  9.108   -7.307  1.00 28.76 ? 96  PRO A CB  1 
ATOM   551  C CG  . PRO A 1 73  ? 11.870  10.619  -7.182  1.00 28.19 ? 96  PRO A CG  1 
ATOM   552  C CD  . PRO A 1 73  ? 10.405  10.874  -6.877  1.00 30.05 ? 96  PRO A CD  1 
ATOM   553  N N   . GLN A 1 74  ? 11.711  9.453   -4.021  1.00 19.61 ? 97  GLN A N   1 
ATOM   554  C CA  . GLN A 1 74  ? 12.353  9.386   -2.714  1.00 21.38 ? 97  GLN A CA  1 
ATOM   555  C C   . GLN A 1 74  ? 11.334  9.211   -1.583  1.00 21.84 ? 97  GLN A C   1 
ATOM   556  O O   . GLN A 1 74  ? 11.687  9.344   -0.396  1.00 21.55 ? 97  GLN A O   1 
ATOM   557  C CB  . GLN A 1 74  ? 13.177  10.653  -2.480  1.00 22.51 ? 97  GLN A CB  1 
ATOM   558  C CG  . GLN A 1 74  ? 14.403  10.799  -3.527  1.00 22.71 ? 97  GLN A CG  1 
ATOM   559  C CD  . GLN A 1 74  ? 15.455  9.738   -3.359  1.00 35.46 ? 97  GLN A CD  1 
ATOM   560  O OE1 . GLN A 1 74  ? 15.490  9.019   -2.358  1.00 39.20 ? 97  GLN A OE1 1 
ATOM   561  N NE2 . GLN A 1 74  ? 16.328  9.614   -4.362  1.00 56.60 ? 97  GLN A NE2 1 
ATOM   562  N N   . GLY A 1 75  ? 10.072  8.978   -1.916  1.00 19.94 ? 98  GLY A N   1 
ATOM   563  C CA  . GLY A 1 75  ? 9.023   8.841   -0.863  1.00 17.26 ? 98  GLY A CA  1 
ATOM   564  C C   . GLY A 1 75  ? 9.092   7.470   -0.192  1.00 20.63 ? 98  GLY A C   1 
ATOM   565  O O   . GLY A 1 75  ? 9.360   6.449   -0.837  1.00 16.59 ? 98  GLY A O   1 
ATOM   566  N N   . HIS A 1 76  ? 8.928   7.467   1.132   1.00 17.81 ? 99  HIS A N   1 
ATOM   567  C CA  . HIS A 1 76  ? 8.759   6.252   1.918   1.00 14.23 ? 99  HIS A CA  1 
ATOM   568  C C   . HIS A 1 76  ? 7.387   6.288   2.599   1.00 18.22 ? 99  HIS A C   1 
ATOM   569  O O   . HIS A 1 76  ? 6.844   7.353   2.911   1.00 16.03 ? 99  HIS A O   1 
ATOM   570  C CB  . HIS A 1 76  ? 9.811   6.105   3.038   1.00 15.16 ? 99  HIS A CB  1 
ATOM   571  C CG  . HIS A 1 76  ? 11.193  5.752   2.560   1.00 15.08 ? 99  HIS A CG  1 
ATOM   572  N ND1 . HIS A 1 76  ? 12.219  5.471   3.443   1.00 20.04 ? 99  HIS A ND1 1 
ATOM   573  C CD2 . HIS A 1 76  ? 11.725  5.659   1.322   1.00 16.55 ? 99  HIS A CD2 1 
ATOM   574  C CE1 . HIS A 1 76  ? 13.336  5.230   2.763   1.00 21.75 ? 99  HIS A CE1 1 
ATOM   575  N NE2 . HIS A 1 76  ? 13.066  5.338   1.470   1.00 17.57 ? 99  HIS A NE2 1 
ATOM   576  N N   . VAL A 1 77  ? 6.862   5.116   2.908   1.00 13.31 ? 100 VAL A N   1 
ATOM   577  C CA  . VAL A 1 77  ? 5.669   5.020   3.767   1.00 14.49 ? 100 VAL A CA  1 
ATOM   578  C C   . VAL A 1 77  ? 6.079   4.435   5.110   1.00 15.45 ? 100 VAL A C   1 
ATOM   579  O O   . VAL A 1 77  ? 7.100   3.758   5.203   1.00 18.33 ? 100 VAL A O   1 
ATOM   580  C CB  . VAL A 1 77  ? 4.562   4.199   3.058   1.00 18.75 ? 100 VAL A CB  1 
ATOM   581  C CG1 . VAL A 1 77  ? 5.098   2.981   2.480   1.00 20.26 ? 100 VAL A CG1 1 
ATOM   582  C CG2 . VAL A 1 77  ? 3.435   3.813   3.955   1.00 22.15 ? 100 VAL A CG2 1 
ATOM   583  N N   . TYR A 1 78  ? 5.321   4.755   6.191   1.00 14.50 ? 101 TYR A N   1 
ATOM   584  C CA  . TYR A 1 78  ? 5.794   4.396   7.522   1.00 13.11 ? 101 TYR A CA  1 
ATOM   585  C C   . TYR A 1 78  ? 4.734   3.640   8.310   1.00 14.73 ? 101 TYR A C   1 
ATOM   586  O O   . TYR A 1 78  ? 3.540   3.937   8.216   1.00 16.17 ? 101 TYR A O   1 
ATOM   587  C CB  . TYR A 1 78  ? 6.171   5.629   8.384   1.00 12.77 ? 101 TYR A CB  1 
ATOM   588  C CG  . TYR A 1 78  ? 7.084   6.612   7.684   1.00 15.49 ? 101 TYR A CG  1 
ATOM   589  C CD1 . TYR A 1 78  ? 6.568   7.584   6.848   1.00 17.02 ? 101 TYR A CD1 1 
ATOM   590  C CD2 . TYR A 1 78  ? 8.455   6.556   7.849   1.00 22.31 ? 101 TYR A CD2 1 
ATOM   591  C CE1 . TYR A 1 78  ? 7.424   8.521   6.228   1.00 19.27 ? 101 TYR A CE1 1 
ATOM   592  C CE2 . TYR A 1 78  ? 9.316   7.489   7.235   1.00 21.36 ? 101 TYR A CE2 1 
ATOM   593  C CZ  . TYR A 1 78  ? 8.779   8.441   6.408   1.00 18.92 ? 101 TYR A CZ  1 
ATOM   594  O OH  . TYR A 1 78  ? 9.603   9.363   5.787   1.00 21.24 ? 101 TYR A OH  1 
ATOM   595  N N   . ARG A 1 79  ? 5.218   2.751   9.167   1.00 14.34 ? 102 ARG A N   1 
ATOM   596  C CA  . ARG A 1 79  ? 4.471   2.160   10.269  1.00 16.22 ? 102 ARG A CA  1 
ATOM   597  C C   . ARG A 1 79  ? 5.318   2.378   11.513  1.00 17.61 ? 102 ARG A C   1 
ATOM   598  O O   . ARG A 1 79  ? 6.459   2.844   11.434  1.00 15.81 ? 102 ARG A O   1 
ATOM   599  C CB  . ARG A 1 79  ? 4.217   0.646   10.075  1.00 14.30 ? 102 ARG A CB  1 
ATOM   600  C CG  . ARG A 1 79  ? 2.998   0.270   9.228   1.00 17.89 ? 102 ARG A CG  1 
ATOM   601  C CD  . ARG A 1 79  ? 2.835   -1.234  9.220   1.00 15.05 ? 102 ARG A CD  1 
ATOM   602  N NE  . ARG A 1 79  ? 1.704   -1.704  8.433   1.00 17.09 ? 102 ARG A NE  1 
ATOM   603  C CZ  . ARG A 1 79  ? 1.045   -2.848  8.646   1.00 17.10 ? 102 ARG A CZ  1 
ATOM   604  N NH1 . ARG A 1 79  ? -0.001  -3.154  7.900   1.00 13.41 ? 102 ARG A NH1 1 
ATOM   605  N NH2 . ARG A 1 79  ? 1.438   -3.693  9.592   1.00 19.77 ? 102 ARG A NH2 1 
ATOM   606  N N   . PHE A 1 80  ? 4.745   2.082   12.674  1.00 18.75 ? 103 PHE A N   1 
ATOM   607  C CA  . PHE A 1 80  ? 5.495   2.121   13.917  1.00 18.68 ? 103 PHE A CA  1 
ATOM   608  C C   . PHE A 1 80  ? 5.300   0.800   14.645  1.00 18.19 ? 103 PHE A C   1 
ATOM   609  O O   . PHE A 1 80  ? 4.175   0.319   14.794  1.00 18.53 ? 103 PHE A O   1 
ATOM   610  C CB  . PHE A 1 80  ? 5.083   3.344   14.801  1.00 18.59 ? 103 PHE A CB  1 
ATOM   611  C CG  . PHE A 1 80  ? 5.814   3.388   16.134  1.00 19.04 ? 103 PHE A CG  1 
ATOM   612  C CD1 . PHE A 1 80  ? 7.146   3.778   16.200  1.00 17.41 ? 103 PHE A CD1 1 
ATOM   613  C CD2 . PHE A 1 80  ? 5.166   2.973   17.313  1.00 18.53 ? 103 PHE A CD2 1 
ATOM   614  C CE1 . PHE A 1 80  ? 7.828   3.817   17.433  1.00 21.08 ? 103 PHE A CE1 1 
ATOM   615  C CE2 . PHE A 1 80  ? 5.819   3.019   18.549  1.00 18.82 ? 103 PHE A CE2 1 
ATOM   616  C CZ  . PHE A 1 80  ? 7.185   3.416   18.598  1.00 21.75 ? 103 PHE A CZ  1 
ATOM   617  N N   . CYS A 1 81  ? 6.396   0.220   15.102  1.00 19.79 ? 104 CYS A N   1 
ATOM   618  C CA  . CYS A 1 81  ? 6.373   -1.082  15.767  1.00 18.68 ? 104 CYS A CA  1 
ATOM   619  C C   . CYS A 1 81  ? 6.530   -0.796  17.257  1.00 19.91 ? 104 CYS A C   1 
ATOM   620  O O   . CYS A 1 81  ? 7.574   -0.281  17.669  1.00 20.93 ? 104 CYS A O   1 
ATOM   621  C CB  . CYS A 1 81  ? 7.518   -1.962  15.234  1.00 22.93 ? 104 CYS A CB  1 
ATOM   622  S SG  . CYS A 1 81  ? 7.637   -3.586  16.051  1.00 28.01 ? 104 CYS A SG  1 
ATOM   623  N N   . THR A 1 82  ? 5.489   -1.064  18.062  1.00 21.80 ? 105 THR A N   1 
ATOM   624  C CA  . THR A 1 82  ? 5.604   -0.681  19.478  1.00 24.16 ? 105 THR A CA  1 
ATOM   625  C C   . THR A 1 82  ? 6.575   -1.600  20.213  1.00 33.29 ? 105 THR A C   1 
ATOM   626  O O   . THR A 1 82  ? 6.927   -2.687  19.738  1.00 27.01 ? 105 THR A O   1 
ATOM   627  C CB  . THR A 1 82  ? 4.273   -0.761  20.220  1.00 24.86 ? 105 THR A CB  1 
ATOM   628  O OG1 . THR A 1 82  ? 3.887   -2.140  20.363  1.00 28.80 ? 105 THR A OG1 1 
ATOM   629  C CG2 . THR A 1 82  ? 3.170   0.022   19.475  1.00 24.84 ? 105 THR A CG2 1 
ATOM   630  N N   . ALA A 1 83  ? 6.942   -1.176  21.433  1.00 28.36 ? 106 ALA A N   1 
ATOM   631  C CA  . ALA A 1 83  ? 7.827   -1.982  22.264  1.00 34.29 ? 106 ALA A CA  1 
ATOM   632  C C   . ALA A 1 83  ? 7.184   -3.316  22.642  1.00 29.45 ? 106 ALA A C   1 
ATOM   633  O O   . ALA A 1 83  ? 7.895   -4.253  23.012  1.00 41.21 ? 106 ALA A O   1 
ATOM   634  C CB  . ALA A 1 83  ? 8.264   -1.184  23.516  1.00 28.49 ? 106 ALA A CB  1 
ATOM   635  N N   . GLU A 1 84  ? 5.874   -3.452  22.509  1.00 30.02 ? 107 GLU A N   1 
ATOM   636  C CA  . GLU A 1 84  ? 5.249   -4.753  22.710  1.00 28.94 ? 107 GLU A CA  1 
ATOM   637  C C   . GLU A 1 84  ? 5.404   -5.673  21.513  1.00 31.18 ? 107 GLU A C   1 
ATOM   638  O O   . GLU A 1 84  ? 4.968   -6.820  21.584  1.00 33.13 ? 107 GLU A O   1 
ATOM   639  C CB  . GLU A 1 84  ? 3.758   -4.607  23.027  1.00 31.24 ? 107 GLU A CB  1 
ATOM   640  C CG  . GLU A 1 84  ? 3.511   -3.923  24.349  1.00 49.98 ? 107 GLU A CG  1 
ATOM   641  C CD  . GLU A 1 84  ? 2.045   -3.946  24.778  1.00 62.60 ? 107 GLU A CD  1 
ATOM   642  O OE1 . GLU A 1 84  ? 1.791   -3.840  25.999  1.00 79.11 ? 107 GLU A OE1 1 
ATOM   643  O OE2 . GLU A 1 84  ? 1.148   -4.067  23.909  1.00 55.26 ? 107 GLU A OE2 1 
ATOM   644  N N   . GLY A 1 85  ? 6.007   -5.220  20.419  1.00 31.55 ? 108 GLY A N   1 
ATOM   645  C CA  . GLY A 1 85  ? 6.074   -6.087  19.252  1.00 33.54 ? 108 GLY A CA  1 
ATOM   646  C C   . GLY A 1 85  ? 4.780   -6.181  18.490  1.00 32.61 ? 108 GLY A C   1 
ATOM   647  O O   . GLY A 1 85  ? 4.537   -7.183  17.796  1.00 35.42 ? 108 GLY A O   1 
ATOM   648  N N   . LEU A 1 86  ? 3.919   -5.172  18.617  1.00 26.29 ? 109 LEU A N   1 
ATOM   649  C CA  . LEU A 1 86  ? 2.667   -5.087  17.871  1.00 25.08 ? 109 LEU A CA  1 
ATOM   650  C C   . LEU A 1 86  ? 2.764   -3.837  17.014  1.00 21.84 ? 109 LEU A C   1 
ATOM   651  O O   . LEU A 1 86  ? 3.348   -2.840  17.443  1.00 20.23 ? 109 LEU A O   1 
ATOM   652  C CB  . LEU A 1 86  ? 1.438   -4.984  18.790  1.00 31.86 ? 109 LEU A CB  1 
ATOM   653  C CG  . LEU A 1 86  ? 1.236   -6.100  19.814  1.00 47.61 ? 109 LEU A CG  1 
ATOM   654  C CD1 . LEU A 1 86  ? 0.037   -5.790  20.729  1.00 42.45 ? 109 LEU A CD1 1 
ATOM   655  C CD2 . LEU A 1 86  ? 1.055   -7.428  19.089  1.00 33.38 ? 109 LEU A CD2 1 
ATOM   656  N N   . TRP A 1 87  ? 2.291   -3.922  15.773  1.00 21.26 ? 110 TRP A N   1 
ATOM   657  C CA  . TRP A 1 87  ? 2.178   -2.714  14.966  1.00 22.26 ? 110 TRP A CA  1 
ATOM   658  C C   . TRP A 1 87  ? 1.215   -1.740  15.655  1.00 22.00 ? 110 TRP A C   1 
ATOM   659  O O   . TRP A 1 87  ? 0.137   -2.137  16.110  1.00 18.60 ? 110 TRP A O   1 
ATOM   660  C CB  . TRP A 1 87  ? 1.659   -3.071  13.575  1.00 22.00 ? 110 TRP A CB  1 
ATOM   661  C CG  . TRP A 1 87  ? 2.618   -3.940  12.723  1.00 19.79 ? 110 TRP A CG  1 
ATOM   662  C CD1 . TRP A 1 87  ? 2.445   -5.263  12.353  1.00 17.21 ? 110 TRP A CD1 1 
ATOM   663  C CD2 . TRP A 1 87  ? 3.858   -3.526  12.165  1.00 16.06 ? 110 TRP A CD2 1 
ATOM   664  N NE1 . TRP A 1 87  ? 3.507   -5.678  11.574  1.00 18.60 ? 110 TRP A NE1 1 
ATOM   665  C CE2 . TRP A 1 87  ? 4.402   -4.635  11.457  1.00 20.84 ? 110 TRP A CE2 1 
ATOM   666  C CE3 . TRP A 1 87  ? 4.577   -2.329  12.196  1.00 15.72 ? 110 TRP A CE3 1 
ATOM   667  C CZ2 . TRP A 1 87  ? 5.625   -4.562  10.758  1.00 17.88 ? 110 TRP A CZ2 1 
ATOM   668  C CZ3 . TRP A 1 87  ? 5.823   -2.263  11.513  1.00 20.15 ? 110 TRP A CZ3 1 
ATOM   669  C CH2 . TRP A 1 87  ? 6.326   -3.384  10.807  1.00 19.65 ? 110 TRP A CH2 1 
ATOM   670  N N   . LEU A 1 88  ? 1.579   -0.462  15.672  1.00 20.32 ? 111 LEU A N   1 
ATOM   671  C CA  . LEU A 1 88  ? 0.728   0.575   16.278  1.00 19.19 ? 111 LEU A CA  1 
ATOM   672  C C   . LEU A 1 88  ? -0.610  0.644   15.554  1.00 19.78 ? 111 LEU A C   1 
ATOM   673  O O   . LEU A 1 88  ? -0.651  0.673   14.316  1.00 16.13 ? 111 LEU A O   1 
ATOM   674  C CB  . LEU A 1 88  ? 1.454   1.918   16.194  1.00 17.45 ? 111 LEU A CB  1 
ATOM   675  C CG  . LEU A 1 88  ? 0.663   3.071   16.806  1.00 17.47 ? 111 LEU A CG  1 
ATOM   676  C CD1 . LEU A 1 88  ? 0.665   2.907   18.332  1.00 21.48 ? 111 LEU A CD1 1 
ATOM   677  C CD2 . LEU A 1 88  ? 1.304   4.361   16.343  1.00 16.86 ? 111 LEU A CD2 1 
ATOM   678  N N   . GLN A 1 89  ? -1.725  0.652   16.317  1.00 15.36 ? 112 GLN A N   1 
ATOM   679  C CA  . GLN A 1 89  ? -3.032  0.542   15.700  1.00 17.56 ? 112 GLN A CA  1 
ATOM   680  C C   . GLN A 1 89  ? -4.072  1.026   16.690  1.00 19.16 ? 112 GLN A C   1 
ATOM   681  O O   . GLN A 1 89  ? -4.087  0.535   17.810  1.00 15.68 ? 112 GLN A O   1 
ATOM   682  C CB  . GLN A 1 89  ? -3.342  -0.929  15.356  1.00 18.16 ? 112 GLN A CB  1 
ATOM   683  C CG  . GLN A 1 89  ? -4.707  -1.140  14.692  1.00 17.36 ? 112 GLN A CG  1 
ATOM   684  C CD  . GLN A 1 89  ? -4.874  -2.554  14.038  1.00 28.90 ? 112 GLN A CD  1 
ATOM   685  O OE1 . GLN A 1 89  ? -3.947  -3.360  14.030  1.00 26.02 ? 112 GLN A OE1 1 
ATOM   686  N NE2 . GLN A 1 89  ? -6.069  -2.838  13.519  1.00 23.90 ? 112 GLN A NE2 1 
ATOM   687  N N   . LYS A 1 90  ? -4.952  1.925   16.265  1.00 19.85 ? 113 LYS A N   1 
ATOM   688  C CA  . LYS A 1 90  ? -6.061  2.399   17.091  1.00 23.43 ? 113 LYS A CA  1 
ATOM   689  C C   . LYS A 1 90  ? -7.091  1.297   17.286  1.00 25.06 ? 113 LYS A C   1 
ATOM   690  O O   . LYS A 1 90  ? -7.326  0.505   16.390  1.00 24.88 ? 113 LYS A O   1 
ATOM   691  C CB  . LYS A 1 90  ? -6.733  3.597   16.417  1.00 24.14 ? 113 LYS A CB  1 
ATOM   692  C CG  . LYS A 1 90  ? -5.847  4.886   16.347  1.00 21.12 ? 113 LYS A CG  1 
ATOM   693  C CD  . LYS A 1 90  ? -6.744  6.149   16.362  1.00 38.87 ? 113 LYS A CD  1 
ATOM   694  C CE  . LYS A 1 90  ? -7.064  6.528   14.929  1.00 39.32 ? 113 LYS A CE  1 
ATOM   695  N NZ  . LYS A 1 90  ? -8.236  7.431   14.767  1.00 30.24 ? 113 LYS A NZ  1 
ATOM   696  N N   . ASP A 1 91  ? -7.732  1.256   18.468  1.00 23.43 ? 114 ASP A N   1 
ATOM   697  C CA  . ASP A 1 91  ? -8.682  0.171   18.756  1.00 30.07 ? 114 ASP A CA  1 
ATOM   698  C C   . ASP A 1 91  ? -9.839  0.143   17.767  1.00 23.99 ? 114 ASP A C   1 
ATOM   699  O O   . ASP A 1 91  ? -10.314 -0.933  17.420  1.00 24.23 ? 114 ASP A O   1 
ATOM   700  C CB  . ASP A 1 91  ? -9.260  0.283   20.178  1.00 29.21 ? 114 ASP A CB  1 
ATOM   701  C CG  . ASP A 1 91  ? -8.256  -0.068  21.244  1.00 38.30 ? 114 ASP A CG  1 
ATOM   702  O OD1 . ASP A 1 91  ? -7.314  -0.822  20.942  1.00 36.22 ? 114 ASP A OD1 1 
ATOM   703  O OD2 . ASP A 1 91  ? -8.394  0.417   22.386  1.00 49.14 ? 114 ASP A OD2 1 
ATOM   704  N N   . ASN A 1 92  ? -10.265 1.298   17.260  1.00 28.00 ? 115 ASN A N   1 
ATOM   705  C CA  . ASN A 1 92  ? -11.373 1.353   16.309  1.00 25.36 ? 115 ASN A CA  1 
ATOM   706  C C   . ASN A 1 92  ? -10.924 1.286   14.858  1.00 34.72 ? 115 ASN A C   1 
ATOM   707  O O   . ASN A 1 92  ? -11.743 1.478   13.953  1.00 32.04 ? 115 ASN A O   1 
ATOM   708  C CB  . ASN A 1 92  ? -12.205 2.637   16.503  1.00 26.89 ? 115 ASN A CB  1 
ATOM   709  C CG  . ASN A 1 92  ? -11.420 3.899   16.136  1.00 30.19 ? 115 ASN A CG  1 
ATOM   710  O OD1 . ASN A 1 92  ? -10.250 4.011   16.474  1.00 28.54 ? 115 ASN A OD1 1 
ATOM   711  N ND2 . ASN A 1 92  ? -12.057 4.839   15.429  1.00 24.63 ? 115 ASN A ND2 1 
ATOM   712  N N   . SER A 1 93  ? -9.661  1.007   14.588  1.00 26.50 ? 116 SER A N   1 
ATOM   713  C CA  . SER A 1 93  ? -9.249  0.871   13.202  1.00 27.17 ? 116 SER A CA  1 
ATOM   714  C C   . SER A 1 93  ? -9.005  -0.584  12.861  1.00 25.84 ? 116 SER A C   1 
ATOM   715  O O   . SER A 1 93  ? -8.376  -1.313  13.637  1.00 29.86 ? 116 SER A O   1 
ATOM   716  C CB  . SER A 1 93  ? -7.978  1.675   12.924  1.00 25.41 ? 116 SER A CB  1 
ATOM   717  O OG  . SER A 1 93  ? -7.568  1.281   11.643  1.00 32.00 ? 116 SER A OG  1 
ATOM   718  N N   . SER A 1 94  ? -9.483  -1.008  11.686  1.00 23.84 ? 117 SER A N   1 
ATOM   719  C CA  . SER A 1 94  ? -9.142  -2.352  11.254  1.00 38.56 ? 117 SER A CA  1 
ATOM   720  C C   . SER A 1 94  ? -7.746  -2.432  10.641  1.00 31.72 ? 117 SER A C   1 
ATOM   721  O O   . SER A 1 94  ? -7.227  -3.530  10.500  1.00 28.86 ? 117 SER A O   1 
ATOM   722  C CB  . SER A 1 94  ? -10.181 -2.882  10.254  1.00 44.90 ? 117 SER A CB  1 
ATOM   723  O OG  . SER A 1 94  ? -10.316 -1.985  9.167   1.00 57.70 ? 117 SER A OG  1 
ATOM   724  N N   . LEU A 1 95  ? -7.106  -1.302  10.338  1.00 30.82 ? 118 LEU A N   1 
ATOM   725  C CA  . LEU A 1 95  ? -5.748  -1.282  9.807   1.00 30.95 ? 118 LEU A CA  1 
ATOM   726  C C   . LEU A 1 95  ? -4.781  -0.630  10.791  1.00 26.23 ? 118 LEU A C   1 
ATOM   727  O O   . LEU A 1 95  ? -5.141  0.347   11.455  1.00 21.71 ? 118 LEU A O   1 
ATOM   728  C CB  . LEU A 1 95  ? -5.706  -0.510  8.477   1.00 35.33 ? 118 LEU A CB  1 
ATOM   729  C CG  . LEU A 1 95  ? -6.715  -1.027  7.431   1.00 56.48 ? 118 LEU A CG  1 
ATOM   730  C CD1 . LEU A 1 95  ? -7.159  0.051   6.407   1.00 43.78 ? 118 LEU A CD1 1 
ATOM   731  C CD2 . LEU A 1 95  ? -6.158  -2.261  6.714   1.00 43.26 ? 118 LEU A CD2 1 
ATOM   732  N N   . PRO A 1 96  ? -3.556  -1.144  10.899  1.00 25.55 ? 119 PRO A N   1 
ATOM   733  C CA  . PRO A 1 96  ? -2.521  -0.473  11.703  1.00 22.26 ? 119 PRO A CA  1 
ATOM   734  C C   . PRO A 1 96  ? -2.279  0.947   11.210  1.00 18.88 ? 119 PRO A C   1 
ATOM   735  O O   . PRO A 1 96  ? -2.633  1.317   10.085  1.00 18.14 ? 119 PRO A O   1 
ATOM   736  C CB  . PRO A 1 96  ? -1.276  -1.359  11.485  1.00 19.14 ? 119 PRO A CB  1 
ATOM   737  C CG  . PRO A 1 96  ? -1.876  -2.760  11.133  1.00 18.91 ? 119 PRO A CG  1 
ATOM   738  C CD  . PRO A 1 96  ? -3.085  -2.416  10.300  1.00 24.84 ? 119 PRO A CD  1 
ATOM   739  N N   . TRP A 1 97  ? -1.708  1.764   12.095  1.00 12.67 ? 120 TRP A N   1 
ATOM   740  C CA  . TRP A 1 97  ? -1.314  3.099   11.724  1.00 16.50 ? 120 TRP A CA  1 
ATOM   741  C C   . TRP A 1 97  ? -0.285  3.043   10.602  1.00 18.36 ? 120 TRP A C   1 
ATOM   742  O O   . TRP A 1 97  ? 0.682   2.279   10.677  1.00 19.41 ? 120 TRP A O   1 
ATOM   743  C CB  . TRP A 1 97  ? -0.681  3.817   12.911  1.00 18.42 ? 120 TRP A CB  1 
ATOM   744  C CG  . TRP A 1 97  ? -0.179  5.155   12.476  1.00 26.52 ? 120 TRP A CG  1 
ATOM   745  C CD1 . TRP A 1 97  ? -0.942  6.280   12.271  1.00 35.64 ? 120 TRP A CD1 1 
ATOM   746  C CD2 . TRP A 1 97  ? 1.170   5.519   12.141  1.00 22.32 ? 120 TRP A CD2 1 
ATOM   747  N NE1 . TRP A 1 97  ? -0.145  7.325   11.840  1.00 36.91 ? 120 TRP A NE1 1 
ATOM   748  C CE2 . TRP A 1 97  ? 1.150   6.887   11.753  1.00 29.57 ? 120 TRP A CE2 1 
ATOM   749  C CE3 . TRP A 1 97  ? 2.384   4.812   12.073  1.00 18.36 ? 120 TRP A CE3 1 
ATOM   750  C CZ2 . TRP A 1 97  ? 2.310   7.583   11.373  1.00 22.68 ? 120 TRP A CZ2 1 
ATOM   751  C CZ3 . TRP A 1 97  ? 3.530   5.502   11.642  1.00 18.24 ? 120 TRP A CZ3 1 
ATOM   752  C CH2 . TRP A 1 97  ? 3.484   6.881   11.345  1.00 24.66 ? 120 TRP A CH2 1 
ATOM   753  N N   . ARG A 1 98  ? -0.484  3.883   9.595   1.00 18.06 ? 121 ARG A N   1 
ATOM   754  C CA  . ARG A 1 98  ? 0.399   4.028   8.447   1.00 24.74 ? 121 ARG A CA  1 
ATOM   755  C C   . ARG A 1 98  ? 0.403   5.494   8.016   1.00 24.63 ? 121 ARG A C   1 
ATOM   756  O O   . ARG A 1 98  ? -0.645  6.148   8.009   1.00 22.02 ? 121 ARG A O   1 
ATOM   757  C CB  . ARG A 1 98  ? -0.084  3.107   7.324   1.00 23.35 ? 121 ARG A CB  1 
ATOM   758  C CG  . ARG A 1 98  ? 0.631   3.214   6.048   1.00 26.72 ? 121 ARG A CG  1 
ATOM   759  C CD  . ARG A 1 98  ? 0.013   2.191   5.079   1.00 27.45 ? 121 ARG A CD  1 
ATOM   760  N NE  . ARG A 1 98  ? -1.392  2.569   4.851   1.00 30.94 ? 121 ARG A NE  1 
ATOM   761  C CZ  . ARG A 1 98  ? -2.311  1.765   4.330   1.00 36.43 ? 121 ARG A CZ  1 
ATOM   762  N NH1 . ARG A 1 98  ? -1.966  0.505   3.966   1.00 21.56 ? 121 ARG A NH1 1 
ATOM   763  N NH2 . ARG A 1 98  ? -3.563  2.231   4.143   1.00 26.78 ? 121 ARG A NH2 1 
ATOM   764  N N   . ASP A 1 99  ? 1.582   6.038   7.745   1.00 18.64 ? 122 ASP A N   1 
ATOM   765  C CA  . ASP A 1 99  ? 1.704   7.359   7.134   1.00 20.61 ? 122 ASP A CA  1 
ATOM   766  C C   . ASP A 1 99  ? 2.109   7.150   5.684   1.00 18.70 ? 122 ASP A C   1 
ATOM   767  O O   . ASP A 1 99  ? 3.265   6.809   5.394   1.00 16.38 ? 122 ASP A O   1 
ATOM   768  C CB  . ASP A 1 99  ? 2.738   8.190   7.897   1.00 18.65 ? 122 ASP A CB  1 
ATOM   769  C CG  . ASP A 1 99  ? 2.980   9.583   7.312   1.00 28.90 ? 122 ASP A CG  1 
ATOM   770  O OD1 . ASP A 1 99  ? 2.611   9.908   6.156   1.00 22.97 ? 122 ASP A OD1 1 
ATOM   771  O OD2 . ASP A 1 99  ? 3.598   10.370  8.061   1.00 29.61 ? 122 ASP A OD2 1 
ATOM   772  N N   . LEU A 1 100 ? 1.202   7.408   4.757   1.00 17.59 ? 123 LEU A N   1 
ATOM   773  C CA  . LEU A 1 100 ? 1.601   7.337   3.354   1.00 19.97 ? 123 LEU A CA  1 
ATOM   774  C C   . LEU A 1 100 ? 1.578   8.692   2.634   1.00 17.35 ? 123 LEU A C   1 
ATOM   775  O O   . LEU A 1 100 ? 1.519   8.720   1.397   1.00 18.81 ? 123 LEU A O   1 
ATOM   776  C CB  . LEU A 1 100 ? 0.747   6.320   2.601   1.00 23.62 ? 123 LEU A CB  1 
ATOM   777  C CG  . LEU A 1 100 ? -0.743  6.262   2.841   1.00 27.22 ? 123 LEU A CG  1 
ATOM   778  C CD1 . LEU A 1 100 ? -1.377  7.445   2.099   1.00 29.37 ? 123 LEU A CD1 1 
ATOM   779  C CD2 . LEU A 1 100 ? -1.313  4.928   2.366   1.00 22.51 ? 123 LEU A CD2 1 
ATOM   780  N N   . SER A 1 101 ? 1.725   9.793   3.372   1.00 16.95 ? 124 SER A N   1 
ATOM   781  C CA  . SER A 1 101 ? 1.679   11.145  2.802   1.00 21.17 ? 124 SER A CA  1 
ATOM   782  C C   . SER A 1 101 ? 2.796   11.388  1.783   1.00 24.15 ? 124 SER A C   1 
ATOM   783  O O   . SER A 1 101 ? 2.577   12.056  0.772   1.00 24.39 ? 124 SER A O   1 
ATOM   784  C CB  . SER A 1 101 ? 1.767   12.180  3.939   1.00 21.47 ? 124 SER A CB  1 
ATOM   785  O OG  . SER A 1 101 ? 3.004   12.052  4.663   1.00 21.03 ? 124 SER A OG  1 
ATOM   786  N N   . GLU A 1 102 ? 3.960   10.769  1.970   1.00 16.04 ? 125 GLU A N   1 
ATOM   787  C CA  . GLU A 1 102 ? 5.022   10.934  0.977   1.00 13.73 ? 125 GLU A CA  1 
ATOM   788  C C   . GLU A 1 102 ? 4.715   10.223  -0.359  1.00 22.69 ? 125 GLU A C   1 
ATOM   789  O O   . GLU A 1 102 ? 5.378   10.505  -1.367  1.00 20.94 ? 125 GLU A O   1 
ATOM   790  C CB  . GLU A 1 102 ? 6.364   10.429  1.572   1.00 17.51 ? 125 GLU A CB  1 
ATOM   791  C CG  . GLU A 1 102 ? 6.809   11.204  2.870   1.00 16.16 ? 125 GLU A CG  1 
ATOM   792  C CD  . GLU A 1 102 ? 8.160   10.769  3.333   1.00 17.19 ? 125 GLU A CD  1 
ATOM   793  O OE1 . GLU A 1 102 ? 8.841   10.088  2.519   1.00 18.12 ? 125 GLU A OE1 1 
ATOM   794  O OE2 . GLU A 1 102 ? 8.586   11.114  4.482   1.00 17.52 ? 125 GLU A OE2 1 
ATOM   795  N N   . CYS A 1 103 ? 3.724   9.322   -0.419  1.00 16.92 ? 126 CYS A N   1 
ATOM   796  C CA  . CYS A 1 103 ? 3.408   8.647   -1.674  1.00 19.55 ? 126 CYS A CA  1 
ATOM   797  C C   . CYS A 1 103 ? 2.199   9.199   -2.386  1.00 28.96 ? 126 CYS A C   1 
ATOM   798  O O   . CYS A 1 103 ? 1.706   8.546   -3.303  1.00 27.80 ? 126 CYS A O   1 
ATOM   799  C CB  . CYS A 1 103 ? 3.164   7.147   -1.440  1.00 22.70 ? 126 CYS A CB  1 
ATOM   800  S SG  . CYS A 1 103 ? 4.400   6.498   -0.291  1.00 33.71 ? 126 CYS A SG  1 
ATOM   801  N N   . GLU A 1 104 ? 1.667   10.330  -1.961  1.00 26.93 ? 127 GLU A N   1 
ATOM   802  C CA  . GLU A 1 104 ? 0.412   10.792  -2.519  1.00 30.39 ? 127 GLU A CA  1 
ATOM   803  C C   . GLU A 1 104 ? 0.607   11.440  -3.876  1.00 35.27 ? 127 GLU A C   1 
ATOM   804  O O   . GLU A 1 104 ? 1.647   12.043  -4.171  1.00 29.78 ? 127 GLU A O   1 
ATOM   805  C CB  . GLU A 1 104 ? -0.283  11.773  -1.570  1.00 34.65 ? 127 GLU A CB  1 
ATOM   806  C CG  . GLU A 1 104 ? -0.662  11.114  -0.256  1.00 41.43 ? 127 GLU A CG  1 
ATOM   807  C CD  . GLU A 1 104 ? -2.119  10.689  -0.184  1.00 66.68 ? 127 GLU A CD  1 
ATOM   808  O OE1 . GLU A 1 104 ? -2.735  10.467  -1.255  1.00 71.07 ? 127 GLU A OE1 1 
ATOM   809  O OE2 . GLU A 1 104 ? -2.646  10.568  0.948   1.00 57.71 ? 127 GLU A OE2 1 
ATOM   810  N N   . GLU A 1 105 ? -0.418  11.316  -4.705  1.00 34.20 ? 128 GLU A N   1 
ATOM   811  C CA  . GLU A 1 105 ? -0.454  12.051  -5.948  1.00 45.97 ? 128 GLU A CA  1 
ATOM   812  C C   . GLU A 1 105 ? -0.657  13.559  -5.706  1.00 43.38 ? 128 GLU A C   1 
ATOM   813  O O   . GLU A 1 105 ? 0.239   14.369  -5.996  1.00 55.56 ? 128 GLU A O   1 
ATOM   814  C CB  . GLU A 1 105 ? -1.556  11.491  -6.830  1.00 35.10 ? 128 GLU A CB  1 
ATOM   815  C CG  . GLU A 1 105 ? -1.319  11.744  -8.297  1.00 44.01 ? 128 GLU A CG  1 
ATOM   816  C CD  . GLU A 1 105 ? -2.564  11.490  -9.113  1.00 58.29 ? 128 GLU A CD  1 
ATOM   817  O OE1 . GLU A 1 105 ? -2.457  11.474  -10.355 1.00 51.71 ? 128 GLU A OE1 1 
ATOM   818  O OE2 . GLU A 1 105 ? -3.648  11.295  -8.505  1.00 60.91 ? 128 GLU A OE2 1 
HETATM 819  N N   . HCS B 2 2   ? -21.631 17.459  -15.115 1.00 75.86 ? 2   HCS B N   1 
HETATM 820  C CA  . HCS B 2 2   ? -20.728 16.842  -16.060 1.00 73.55 ? 2   HCS B CA  1 
HETATM 821  C CB  . HCS B 2 2   ? -21.081 15.395  -16.449 1.00 68.87 ? 2   HCS B CB  1 
HETATM 822  C CG  . HCS B 2 2   ? -20.082 14.463  -15.823 1.00 76.91 ? 2   HCS B CG  1 
HETATM 823  S SD  . HCS B 2 2   ? -19.446 13.506  -17.162 1.00 73.63 ? 2   HCS B SD  1 
HETATM 824  C C   . HCS B 2 2   ? -20.706 17.660  -17.338 1.00 73.87 ? 2   HCS B C   1 
HETATM 825  O O   . HCS B 2 2   ? -20.501 17.208  -18.466 1.00 71.71 ? 2   HCS B O   1 
ATOM   826  N N   . GLU B 2 3   ? -20.939 18.950  -17.157 1.00 71.40 ? 3   GLU B N   1 
ATOM   827  C CA  . GLU B 2 3   ? -21.131 19.800  -18.319 1.00 72.79 ? 3   GLU B CA  1 
ATOM   828  C C   . GLU B 2 3   ? -19.803 20.139  -18.948 1.00 68.64 ? 3   GLU B C   1 
ATOM   829  O O   . GLU B 2 3   ? -18.899 20.614  -18.275 1.00 75.69 ? 3   GLU B O   1 
ATOM   830  C CB  . GLU B 2 3   ? -21.906 21.060  -17.951 1.00 70.46 ? 3   GLU B CB  1 
ATOM   831  C CG  . GLU B 2 3   ? -23.413 20.810  -17.928 1.00 83.83 ? 3   GLU B CG  1 
ATOM   832  C CD  . GLU B 2 3   ? -24.220 22.092  -17.862 1.00 92.78 ? 3   GLU B CD  1 
ATOM   833  O OE1 . GLU B 2 3   ? -25.113 22.194  -16.991 1.00 85.23 ? 3   GLU B OE1 1 
ATOM   834  O OE2 . GLU B 2 3   ? -23.956 23.000  -18.681 1.00 91.06 ? 3   GLU B OE2 1 
ATOM   835  N N   . GLY B 2 4   ? -19.701 19.874  -20.248 1.00 70.75 ? 4   GLY B N   1 
ATOM   836  C CA  . GLY B 2 4   ? -18.453 20.015  -20.968 1.00 63.55 ? 4   GLY B CA  1 
ATOM   837  C C   . GLY B 2 4   ? -17.582 18.781  -20.832 1.00 70.75 ? 4   GLY B C   1 
ATOM   838  O O   . GLY B 2 4   ? -16.372 18.850  -21.052 1.00 79.01 ? 4   GLY B O   1 
HETATM 839  N N   . HCS B 2 5   ? -18.197 17.651  -20.483 1.00 67.31 ? 5   HCS B N   1 
HETATM 840  C CA  . HCS B 2 5   ? -17.455 16.430  -20.229 1.00 67.34 ? 5   HCS B CA  1 
HETATM 841  C CB  . HCS B 2 5   ? -18.156 15.416  -19.287 1.00 61.93 ? 5   HCS B CB  1 
HETATM 842  C CG  . HCS B 2 5   ? -19.385 14.780  -19.895 1.00 76.18 ? 5   HCS B CG  1 
HETATM 843  S SD  . HCS B 2 5   ? -19.724 13.206  -19.131 1.00 77.79 ? 5   HCS B SD  1 
HETATM 844  C C   . HCS B 2 5   ? -17.116 15.636  -21.487 1.00 71.98 ? 5   HCS B C   1 
HETATM 845  O O   . HCS B 2 5   ? -16.118 14.926  -21.576 1.00 80.22 ? 5   HCS B O   1 
ATOM   846  N N   . PHE B 2 6   ? -17.961 15.732  -22.507 1.00 71.08 ? 6   PHE B N   1 
ATOM   847  C CA  . PHE B 2 6   ? -17.745 14.880  -23.671 1.00 69.47 ? 6   PHE B CA  1 
ATOM   848  C C   . PHE B 2 6   ? -16.653 15.460  -24.546 1.00 76.69 ? 6   PHE B C   1 
ATOM   849  O O   . PHE B 2 6   ? -16.891 16.204  -25.496 1.00 78.45 ? 6   PHE B O   1 
ATOM   850  C CB  . PHE B 2 6   ? -19.041 14.670  -24.436 1.00 67.34 ? 6   PHE B CB  1 
ATOM   851  C CG  . PHE B 2 6   ? -20.013 13.803  -23.700 1.00 69.15 ? 6   PHE B CG  1 
ATOM   852  C CD1 . PHE B 2 6   ? -19.714 12.474  -23.438 1.00 69.28 ? 6   PHE B CD1 1 
ATOM   853  C CD2 . PHE B 2 6   ? -21.207 14.319  -23.234 1.00 60.31 ? 6   PHE B CD2 1 
ATOM   854  C CE1 . PHE B 2 6   ? -20.602 11.668  -22.745 1.00 65.47 ? 6   PHE B CE1 1 
ATOM   855  C CE2 . PHE B 2 6   ? -22.105 13.508  -22.546 1.00 60.16 ? 6   PHE B CE2 1 
ATOM   856  C CZ  . PHE B 2 6   ? -21.799 12.187  -22.298 1.00 55.11 ? 6   PHE B CZ  1 
ATOM   857  N N   . THR B 2 7   ? -15.433 15.096  -24.170 1.00 86.58 ? 7   THR B N   1 
ATOM   858  C CA  . THR B 2 7   ? -14.196 15.502  -24.811 1.00 82.59 ? 7   THR B CA  1 
ATOM   859  C C   . THR B 2 7   ? -13.531 14.237  -25.350 1.00 80.17 ? 7   THR B C   1 
ATOM   860  O O   . THR B 2 7   ? -13.870 13.123  -24.940 1.00 73.67 ? 7   THR B O   1 
ATOM   861  C CB  . THR B 2 7   ? -13.323 16.270  -23.783 1.00 68.55 ? 7   THR B CB  1 
ATOM   862  O OG1 . THR B 2 7   ? -13.838 17.594  -23.628 1.00 75.56 ? 7   THR B OG1 1 
ATOM   863  C CG2 . THR B 2 7   ? -11.894 16.398  -24.195 1.00 77.67 ? 7   THR B CG2 1 
ATOM   864  N N   . SER B 2 8   ? -12.629 14.381  -26.324 1.00 85.98 ? 8   SER B N   1 
ATOM   865  C CA  . SER B 2 8   ? -11.783 13.240  -26.662 1.00 85.66 ? 8   SER B CA  1 
ATOM   866  C C   . SER B 2 8   ? -11.062 12.735  -25.421 1.00 85.05 ? 8   SER B C   1 
ATOM   867  O O   . SER B 2 8   ? -10.880 11.534  -25.238 1.00 85.17 ? 8   SER B O   1 
ATOM   868  C CB  . SER B 2 8   ? -10.772 13.632  -27.738 1.00 82.51 ? 8   SER B CB  1 
ATOM   869  O OG  . SER B 2 8   ? -9.782  14.517  -27.219 1.00 77.80 ? 8   SER B OG  1 
ATOM   870  N N   . ASP B 2 9   ? -10.665 13.645  -24.543 1.00 77.65 ? 9   ASP B N   1 
ATOM   871  C CA  . ASP B 2 9   ? -9.999  13.287  -23.295 1.00 79.14 ? 9   ASP B CA  1 
ATOM   872  C C   . ASP B 2 9   ? -10.887 12.524  -22.306 1.00 79.16 ? 9   ASP B C   1 
ATOM   873  O O   . ASP B 2 9   ? -10.368 12.028  -21.302 1.00 71.45 ? 9   ASP B O   1 
ATOM   874  C CB  . ASP B 2 9   ? -9.400  14.524  -22.620 1.00 75.63 ? 9   ASP B CB  1 
ATOM   875  C CG  . ASP B 2 9   ? -8.187  15.068  -23.384 1.00 88.20 ? 9   ASP B CG  1 
ATOM   876  O OD1 . ASP B 2 9   ? -7.716  16.197  -23.106 1.00 93.16 ? 9   ASP B OD1 1 
ATOM   877  O OD2 . ASP B 2 9   ? -7.672  14.324  -24.257 1.00 84.22 ? 9   ASP B OD2 1 
ATOM   878  N N   . LEU B 2 10  ? -12.193 12.408  -22.572 1.00 75.95 ? 10  LEU B N   1 
ATOM   879  C CA  . LEU B 2 10  ? -13.110 11.793  -21.614 1.00 72.85 ? 10  LEU B CA  1 
ATOM   880  C C   . LEU B 2 10  ? -12.673 10.381  -21.254 1.00 65.58 ? 10  LEU B C   1 
ATOM   881  O O   . LEU B 2 10  ? -12.506 10.062  -20.074 1.00 61.11 ? 10  LEU B O   1 
ATOM   882  C CB  . LEU B 2 10  ? -14.540 11.803  -22.185 1.00 65.74 ? 10  LEU B CB  1 
ATOM   883  C CG  . LEU B 2 10  ? -15.729 11.444  -21.293 1.00 67.41 ? 10  LEU B CG  1 
ATOM   884  C CD1 . LEU B 2 10  ? -15.904 9.943   -21.217 1.00 65.51 ? 10  LEU B CD1 1 
ATOM   885  C CD2 . LEU B 2 10  ? -15.553 12.048  -19.901 1.00 56.56 ? 10  LEU B CD2 1 
ATOM   886  N N   . SER B 2 11  ? -12.493 9.515   -22.258 1.00 73.16 ? 11  SER B N   1 
ATOM   887  C CA  . SER B 2 11  ? -12.205 8.106   -21.978 1.00 73.00 ? 11  SER B CA  1 
ATOM   888  C C   . SER B 2 11  ? -10.950 7.939   -21.123 1.00 71.14 ? 11  SER B C   1 
ATOM   889  O O   . SER B 2 11  ? -10.892 7.051   -20.258 1.00 64.69 ? 11  SER B O   1 
ATOM   890  C CB  . SER B 2 11  ? -12.061 7.330   -23.287 1.00 71.17 ? 11  SER B CB  1 
ATOM   891  O OG  . SER B 2 11  ? -12.471 5.981   -23.134 1.00 76.93 ? 11  SER B OG  1 
ATOM   892  N N   . LYS B 2 12  ? -9.952  8.795   -21.325 1.00 63.24 ? 12  LYS B N   1 
ATOM   893  C CA  . LYS B 2 12  ? -8.742  8.699   -20.527 1.00 59.44 ? 12  LYS B CA  1 
ATOM   894  C C   . LYS B 2 12  ? -8.950  9.288   -19.136 1.00 58.40 ? 12  LYS B C   1 
ATOM   895  O O   . LYS B 2 12  ? -8.568  8.670   -18.142 1.00 53.10 ? 12  LYS B O   1 
ATOM   896  C CB  . LYS B 2 12  ? -7.566  9.363   -21.247 1.00 56.10 ? 12  LYS B CB  1 
ATOM   897  C CG  . LYS B 2 12  ? -7.281  8.771   -22.648 1.00 80.02 ? 12  LYS B CG  1 
ATOM   898  C CD  . LYS B 2 12  ? -6.744  9.860   -23.574 1.00 79.07 ? 12  LYS B CD  1 
ATOM   899  C CE  . LYS B 2 12  ? -7.730  10.925  -23.700 1.00 85.97 ? 12  LYS B CE  1 
ATOM   900  N NZ  . LYS B 2 12  ? -9.080  10.236  -23.869 1.00 73.66 ? 12  LYS B NZ  1 
ATOM   901  N N   . GLN B 2 13  ? -9.581  10.462  -19.049 1.00 60.51 ? 13  GLN B N   1 
ATOM   902  C CA  . GLN B 2 13  ? -9.886  11.062  -17.750 1.00 60.17 ? 13  GLN B CA  1 
ATOM   903  C C   . GLN B 2 13  ? -10.629 10.084  -16.853 1.00 52.00 ? 13  GLN B C   1 
ATOM   904  O O   . GLN B 2 13  ? -10.509 10.133  -15.624 1.00 51.98 ? 13  GLN B O   1 
ATOM   905  C CB  . GLN B 2 13  ? -10.719 12.339  -17.939 1.00 64.91 ? 13  GLN B CB  1 
ATOM   906  C CG  . GLN B 2 13  ? -10.051 13.450  -18.762 1.00 72.70 ? 13  GLN B CG  1 
ATOM   907  C CD  . GLN B 2 13  ? -8.860  14.086  -18.069 1.00 85.06 ? 13  GLN B CD  1 
ATOM   908  O OE1 . GLN B 2 13  ? -7.722  14.004  -18.551 1.00 87.44 ? 13  GLN B OE1 1 
ATOM   909  N NE2 . GLN B 2 13  ? -9.114  14.729  -16.933 1.00 83.98 ? 13  GLN B NE2 1 
ATOM   910  N N   . MET B 2 14  ? -11.382 9.182   -17.458 1.00 47.64 ? 14  MET B N   1 
ATOM   911  C CA  . MET B 2 14  ? -12.232 8.229   -16.781 1.00 52.00 ? 14  MET B CA  1 
ATOM   912  C C   . MET B 2 14  ? -11.459 6.996   -16.311 1.00 57.00 ? 14  MET B C   1 
ATOM   913  O O   . MET B 2 14  ? -11.642 6.540   -15.174 1.00 44.79 ? 14  MET B O   1 
ATOM   914  C CB  . MET B 2 14  ? -13.356 7.872   -17.745 1.00 60.83 ? 14  MET B CB  1 
ATOM   915  C CG  . MET B 2 14  ? -14.253 6.755   -17.372 1.00 70.02 ? 14  MET B CG  1 
ATOM   916  S SD  . MET B 2 14  ? -15.631 6.906   -18.521 1.00 80.91 ? 14  MET B SD  1 
ATOM   917  C CE  . MET B 2 14  ? -16.298 8.480   -18.012 1.00 63.26 ? 14  MET B CE  1 
ATOM   918  N N   . GLU B 2 15  ? -10.590 6.456   -17.169 1.00 45.54 ? 15  GLU B N   1 
ATOM   919  C CA  . GLU B 2 15  ? -9.644  5.432   -16.727 1.00 51.50 ? 15  GLU B CA  1 
ATOM   920  C C   . GLU B 2 15  ? -8.772  5.940   -15.571 1.00 45.56 ? 15  GLU B C   1 
ATOM   921  O O   . GLU B 2 15  ? -8.495  5.204   -14.611 1.00 36.83 ? 15  GLU B O   1 
ATOM   922  C CB  . GLU B 2 15  ? -8.777  4.994   -17.908 1.00 48.66 ? 15  GLU B CB  1 
ATOM   923  C CG  . GLU B 2 15  ? -7.911  3.789   -17.599 1.00 60.71 ? 15  GLU B CG  1 
ATOM   924  C CD  . GLU B 2 15  ? -7.955  2.745   -18.689 1.00 56.81 ? 15  GLU B CD  1 
ATOM   925  O OE1 . GLU B 2 15  ? -7.153  2.854   -19.635 1.00 56.64 ? 15  GLU B OE1 1 
ATOM   926  O OE2 . GLU B 2 15  ? -8.790  1.827   -18.599 1.00 60.72 ? 15  GLU B OE2 1 
ATOM   927  N N   . GLU B 2 16  ? -8.367  7.209   -15.626 1.00 41.63 ? 16  GLU B N   1 
ATOM   928  C CA  . GLU B 2 16  ? -7.536  7.771   -14.569 1.00 43.48 ? 16  GLU B CA  1 
ATOM   929  C C   . GLU B 2 16  ? -8.266  7.782   -13.230 1.00 48.72 ? 16  GLU B C   1 
ATOM   930  O O   . GLU B 2 16  ? -7.667  7.513   -12.180 1.00 33.74 ? 16  GLU B O   1 
ATOM   931  C CB  . GLU B 2 16  ? -7.101  9.174   -14.964 1.00 46.85 ? 16  GLU B CB  1 
ATOM   932  C CG  . GLU B 2 16  ? -6.059  9.789   -14.067 1.00 57.48 ? 16  GLU B CG  1 
ATOM   933  C CD  . GLU B 2 16  ? -5.468  11.054  -14.673 1.00 68.00 ? 16  GLU B CD  1 
ATOM   934  O OE1 . GLU B 2 16  ? -5.575  12.124  -14.035 1.00 83.54 ? 16  GLU B OE1 1 
ATOM   935  O OE2 . GLU B 2 16  ? -4.910  10.979  -15.790 1.00 75.68 ? 16  GLU B OE2 1 
ATOM   936  N N   . GLU B 2 17  ? -9.559  8.107   -13.232 1.00 45.70 ? 17  GLU B N   1 
ATOM   937  C CA  . GLU B 2 17  ? -10.296 8.075   -11.973 1.00 40.00 ? 17  GLU B CA  1 
ATOM   938  C C   . GLU B 2 17  ? -10.486 6.635   -11.495 1.00 32.20 ? 17  GLU B C   1 
ATOM   939  O O   . GLU B 2 17  ? -10.494 6.370   -10.289 1.00 36.31 ? 17  GLU B O   1 
ATOM   940  C CB  . GLU B 2 17  ? -11.644 8.788   -12.133 1.00 50.32 ? 17  GLU B CB  1 
ATOM   941  C CG  . GLU B 2 17  ? -12.601 8.628   -10.955 1.00 45.29 ? 17  GLU B CG  1 
ATOM   942  C CD  . GLU B 2 17  ? -12.161 9.443   -9.746  1.00 54.92 ? 17  GLU B CD  1 
ATOM   943  O OE1 . GLU B 2 17  ? -11.107 10.114  -9.840  1.00 56.38 ? 17  GLU B OE1 1 
ATOM   944  O OE2 . GLU B 2 17  ? -12.854 9.407   -8.701  1.00 54.49 ? 17  GLU B OE2 1 
ATOM   945  N N   . ALA B 2 18  ? -10.653 5.695   -12.428 1.00 34.52 ? 18  ALA B N   1 
ATOM   946  C CA  . ALA B 2 18  ? -10.752 4.285   -12.056 1.00 39.85 ? 18  ALA B CA  1 
ATOM   947  C C   . ALA B 2 18  ? -9.474  3.804   -11.375 1.00 31.29 ? 18  ALA B C   1 
ATOM   948  O O   . ALA B 2 18  ? -9.541  3.085   -10.365 1.00 29.75 ? 18  ALA B O   1 
ATOM   949  C CB  . ALA B 2 18  ? -11.054 3.418   -13.283 1.00 31.88 ? 18  ALA B CB  1 
ATOM   950  N N   . VAL B 2 19  ? -8.305  4.200   -11.903 1.00 33.24 ? 19  VAL B N   1 
ATOM   951  C CA  . VAL B 2 19  ? -7.045  3.817   -11.257 1.00 31.74 ? 19  VAL B CA  1 
ATOM   952  C C   . VAL B 2 19  ? -6.932  4.469   -9.889  1.00 25.61 ? 19  VAL B C   1 
ATOM   953  O O   . VAL B 2 19  ? -6.568  3.813   -8.909  1.00 27.87 ? 19  VAL B O   1 
ATOM   954  C CB  . VAL B 2 19  ? -5.813  4.104   -12.157 1.00 39.09 ? 19  VAL B CB  1 
ATOM   955  C CG1 . VAL B 2 19  ? -6.034  3.618   -13.573 1.00 34.24 ? 19  VAL B CG1 1 
ATOM   956  C CG2 . VAL B 2 19  ? -5.409  5.543   -12.162 1.00 53.90 ? 19  VAL B CG2 1 
ATOM   957  N N   . ARG B 2 20  ? -7.318  5.746   -9.773  1.00 28.29 ? 20  ARG B N   1 
ATOM   958  C CA  . ARG B 2 20  ? -7.316  6.408   -8.469  1.00 27.45 ? 20  ARG B CA  1 
ATOM   959  C C   . ARG B 2 20  ? -8.174  5.667   -7.452  1.00 25.97 ? 20  ARG B C   1 
ATOM   960  O O   . ARG B 2 20  ? -7.769  5.494   -6.283  1.00 24.93 ? 20  ARG B O   1 
ATOM   961  C CB  . ARG B 2 20  ? -7.797  7.864   -8.636  1.00 35.75 ? 20  ARG B CB  1 
ATOM   962  C CG  . ARG B 2 20  ? -7.530  8.767   -7.458  1.00 45.84 ? 20  ARG B CG  1 
ATOM   963  C CD  . ARG B 2 20  ? -8.338  10.083  -7.552  1.00 64.15 ? 20  ARG B CD  1 
ATOM   964  N NE  . ARG B 2 20  ? -9.775  9.867   -7.359  1.00 51.83 ? 20  ARG B NE  1 
ATOM   965  C CZ  . ARG B 2 20  ? -10.379 9.816   -6.175  1.00 56.92 ? 20  ARG B CZ  1 
ATOM   966  N NH1 . ARG B 2 20  ? -9.670  9.999   -5.062  1.00 48.42 ? 20  ARG B NH1 1 
ATOM   967  N NH2 . ARG B 2 20  ? -11.691 9.584   -6.102  1.00 48.68 ? 20  ARG B NH2 1 
ATOM   968  N N   . LEU B 2 21  ? -9.384  5.247   -7.860  1.00 27.12 ? 21  LEU B N   1 
ATOM   969  C CA  . LEU B 2 21  ? -10.262 4.506   -6.960  1.00 31.61 ? 21  LEU B CA  1 
ATOM   970  C C   . LEU B 2 21  ? -9.678  3.151   -6.579  1.00 19.83 ? 21  LEU B C   1 
ATOM   971  O O   . LEU B 2 21  ? -9.850  2.703   -5.430  1.00 22.44 ? 21  LEU B O   1 
ATOM   972  C CB  . LEU B 2 21  ? -11.634 4.301   -7.602  1.00 38.19 ? 21  LEU B CB  1 
ATOM   973  C CG  . LEU B 2 21  ? -12.455 5.584   -7.587  1.00 34.98 ? 21  LEU B CG  1 
ATOM   974  C CD1 . LEU B 2 21  ? -13.760 5.334   -8.334  1.00 52.32 ? 21  LEU B CD1 1 
ATOM   975  C CD2 . LEU B 2 21  ? -12.677 6.073   -6.155  1.00 33.54 ? 21  LEU B CD2 1 
ATOM   976  N N   . PHE B 2 22  ? -9.068  2.459   -7.545  1.00 22.09 ? 22  PHE B N   1 
ATOM   977  C CA  . PHE B 2 22  ? -8.385  1.205   -7.248  1.00 23.80 ? 22  PHE B CA  1 
ATOM   978  C C   . PHE B 2 22  ? -7.341  1.413   -6.148  1.00 19.12 ? 22  PHE B C   1 
ATOM   979  O O   . PHE B 2 22  ? -7.293  0.662   -5.175  1.00 22.59 ? 22  PHE B O   1 
ATOM   980  C CB  . PHE B 2 22  ? -7.742  0.646   -8.523  1.00 24.85 ? 22  PHE B CB  1 
ATOM   981  C CG  . PHE B 2 22  ? -6.864  -0.578  -8.311  1.00 24.26 ? 22  PHE B CG  1 
ATOM   982  C CD1 . PHE B 2 22  ? -7.384  -1.790  -7.886  1.00 25.60 ? 22  PHE B CD1 1 
ATOM   983  C CD2 . PHE B 2 22  ? -5.507  -0.496  -8.542  1.00 20.69 ? 22  PHE B CD2 1 
ATOM   984  C CE1 . PHE B 2 22  ? -6.549  -2.899  -7.700  1.00 27.73 ? 22  PHE B CE1 1 
ATOM   985  C CE2 . PHE B 2 22  ? -4.664  -1.621  -8.398  1.00 23.24 ? 22  PHE B CE2 1 
ATOM   986  C CZ  . PHE B 2 22  ? -5.150  -2.785  -7.952  1.00 21.35 ? 22  PHE B CZ  1 
ATOM   987  N N   . ILE B 2 23  ? -6.520  2.455   -6.272  1.00 27.92 ? 23  ILE B N   1 
ATOM   988  C CA  . ILE B 2 23  ? -5.499  2.719   -5.251  1.00 21.22 ? 23  ILE B CA  1 
ATOM   989  C C   . ILE B 2 23  ? -6.135  3.025   -3.908  1.00 19.57 ? 23  ILE B C   1 
ATOM   990  O O   . ILE B 2 23  ? -5.680  2.539   -2.861  1.00 19.91 ? 23  ILE B O   1 
ATOM   991  C CB  . ILE B 2 23  ? -4.558  3.853   -5.712  1.00 22.31 ? 23  ILE B CB  1 
ATOM   992  C CG1 . ILE B 2 23  ? -3.906  3.553   -7.076  1.00 27.35 ? 23  ILE B CG1 1 
ATOM   993  C CG2 . ILE B 2 23  ? -3.519  4.172   -4.631  1.00 22.47 ? 23  ILE B CG2 1 
ATOM   994  C CD1 . ILE B 2 23  ? -3.140  2.282   -7.174  1.00 31.61 ? 23  ILE B CD1 1 
ATOM   995  N N   . GLU B 2 24  ? -7.204  3.826   -3.900  1.00 20.42 ? 24  GLU B N   1 
ATOM   996  C CA  . GLU B 2 24  ? -7.928  4.083   -2.647  1.00 22.14 ? 24  GLU B CA  1 
ATOM   997  C C   . GLU B 2 24  ? -8.433  2.786   -2.001  1.00 22.00 ? 24  GLU B C   1 
ATOM   998  O O   . GLU B 2 24  ? -8.388  2.618   -0.768  1.00 22.06 ? 24  GLU B O   1 
ATOM   999  C CB  . GLU B 2 24  ? -9.110  5.020   -2.909  1.00 27.14 ? 24  GLU B CB  1 
ATOM   1000 C CG  . GLU B 2 24  ? -8.767  6.478   -3.109  1.00 29.46 ? 24  GLU B CG  1 
ATOM   1001 C CD  . GLU B 2 24  ? -7.841  6.995   -2.029  1.00 39.49 ? 24  GLU B CD  1 
ATOM   1002 O OE1 . GLU B 2 24  ? -8.240  6.966   -0.846  1.00 39.25 ? 24  GLU B OE1 1 
ATOM   1003 O OE2 . GLU B 2 24  ? -6.700  7.407   -2.364  1.00 46.99 ? 24  GLU B OE2 1 
ATOM   1004 N N   . TRP B 2 25  ? -8.986  1.899   -2.816  1.00 22.45 ? 25  TRP B N   1 
ATOM   1005 C CA  . TRP B 2 25  ? -9.454  0.592   -2.344  1.00 23.59 ? 25  TRP B CA  1 
ATOM   1006 C C   . TRP B 2 25  ? -8.322  -0.196  -1.693  1.00 18.74 ? 25  TRP B C   1 
ATOM   1007 O O   . TRP B 2 25  ? -8.492  -0.770  -0.607  1.00 17.67 ? 25  TRP B O   1 
ATOM   1008 C CB  . TRP B 2 25  ? -10.014 -0.155  -3.558  1.00 18.50 ? 25  TRP B CB  1 
ATOM   1009 C CG  . TRP B 2 25  ? -10.711 -1.482  -3.328  1.00 26.55 ? 25  TRP B CG  1 
ATOM   1010 C CD1 . TRP B 2 25  ? -11.820 -1.727  -2.549  1.00 34.25 ? 25  TRP B CD1 1 
ATOM   1011 C CD2 . TRP B 2 25  ? -10.390 -2.697  -3.967  1.00 24.25 ? 25  TRP B CD2 1 
ATOM   1012 N NE1 . TRP B 2 25  ? -12.177 -3.046  -2.653  1.00 27.83 ? 25  TRP B NE1 1 
ATOM   1013 C CE2 . TRP B 2 25  ? -11.305 -3.668  -3.512  1.00 32.70 ? 25  TRP B CE2 1 
ATOM   1014 C CE3 . TRP B 2 25  ? -9.384  -3.076  -4.865  1.00 26.63 ? 25  TRP B CE3 1 
ATOM   1015 C CZ2 . TRP B 2 25  ? -11.257 -4.998  -3.939  1.00 29.43 ? 25  TRP B CZ2 1 
ATOM   1016 C CZ3 . TRP B 2 25  ? -9.343  -4.403  -5.284  1.00 30.83 ? 25  TRP B CZ3 1 
ATOM   1017 C CH2 . TRP B 2 25  ? -10.269 -5.341  -4.804  1.00 32.60 ? 25  TRP B CH2 1 
ATOM   1018 N N   . LEU B 2 26  ? -7.143  -0.243  -2.368  1.00 17.57 ? 26  LEU B N   1 
ATOM   1019 C CA  . LEU B 2 26  ? -5.951  -0.877  -1.790  1.00 20.06 ? 26  LEU B CA  1 
ATOM   1020 C C   . LEU B 2 26  ? -5.578  -0.284  -0.446  1.00 22.22 ? 26  LEU B C   1 
ATOM   1021 O O   . LEU B 2 26  ? -5.246  -1.016  0.503   1.00 20.37 ? 26  LEU B O   1 
ATOM   1022 C CB  . LEU B 2 26  ? -4.754  -0.731  -2.740  1.00 14.00 ? 26  LEU B CB  1 
ATOM   1023 C CG  . LEU B 2 26  ? -4.880  -1.369  -4.106  1.00 14.50 ? 26  LEU B CG  1 
ATOM   1024 C CD1 . LEU B 2 26  ? -3.541  -1.136  -4.902  1.00 15.83 ? 26  LEU B CD1 1 
ATOM   1025 C CD2 . LEU B 2 26  ? -5.187  -2.881  -3.945  1.00 15.91 ? 26  LEU B CD2 1 
ATOM   1026 N N   . LYS B 2 27  ? -5.636  1.049   -0.330  1.00 16.25 ? 27  LYS B N   1 
ATOM   1027 C CA  . LYS B 2 27  ? -5.276  1.667   0.936   1.00 20.93 ? 27  LYS B CA  1 
ATOM   1028 C C   . LYS B 2 27  ? -6.234  1.274   2.040   1.00 24.66 ? 27  LYS B C   1 
ATOM   1029 O O   . LYS B 2 27  ? -5.859  1.248   3.227   1.00 22.63 ? 27  LYS B O   1 
ATOM   1030 C CB  . LYS B 2 27  ? -5.230  3.193   0.780   1.00 25.07 ? 27  LYS B CB  1 
ATOM   1031 C CG  . LYS B 2 27  ? -3.977  3.660   0.060   1.00 27.62 ? 27  LYS B CG  1 
ATOM   1032 C CD  . LYS B 2 27  ? -4.238  4.916   -0.775  1.00 39.05 ? 27  LYS B CD  1 
ATOM   1033 C CE  . LYS B 2 27  ? -4.527  6.131   0.051   1.00 46.70 ? 27  LYS B CE  1 
ATOM   1034 N NZ  . LYS B 2 27  ? -4.335  7.369   -0.782  1.00 46.19 ? 27  LYS B NZ  1 
ATOM   1035 N N   . ASN B 2 28  ? -7.470  0.980   1.674   1.00 23.81 ? 28  ASN B N   1 
ATOM   1036 C CA  . ASN B 2 28  ? -8.465  0.461   2.592   1.00 26.99 ? 28  ASN B CA  1 
ATOM   1037 C C   . ASN B 2 28  ? -8.364  -1.053  2.823   1.00 31.11 ? 28  ASN B C   1 
ATOM   1038 O O   . ASN B 2 28  ? -9.252  -1.607  3.477   1.00 27.77 ? 28  ASN B O   1 
ATOM   1039 C CB  . ASN B 2 28  ? -9.862  0.789   2.052   1.00 33.93 ? 28  ASN B CB  1 
ATOM   1040 C CG  . ASN B 2 28  ? -10.159 2.301   2.051   1.00 42.30 ? 28  ASN B CG  1 
ATOM   1041 O OD1 . ASN B 2 28  ? -9.600  3.052   2.841   1.00 37.78 ? 28  ASN B OD1 1 
ATOM   1042 N ND2 . ASN B 2 28  ? -11.053 2.736   1.160   1.00 49.06 ? 28  ASN B ND2 1 
ATOM   1043 N N   . GLY B 2 29  ? -7.343  -1.736  2.289   1.00 25.19 ? 29  GLY B N   1 
ATOM   1044 C CA  . GLY B 2 29  ? -7.254  -3.176  2.462   1.00 23.68 ? 29  GLY B CA  1 
ATOM   1045 C C   . GLY B 2 29  ? -8.272  -3.950  1.646   1.00 19.69 ? 29  GLY B C   1 
ATOM   1046 O O   . GLY B 2 29  ? -8.515  -5.123  1.921   1.00 24.62 ? 29  GLY B O   1 
ATOM   1047 N N   . GLY B 2 30  ? -8.801  -3.331  0.600   1.00 19.37 ? 30  GLY B N   1 
ATOM   1048 C CA  . GLY B 2 30  ? -9.937  -3.829  -0.133  1.00 24.18 ? 30  GLY B CA  1 
ATOM   1049 C C   . GLY B 2 30  ? -9.860  -5.255  -0.616  1.00 25.85 ? 30  GLY B C   1 
ATOM   1050 O O   . GLY B 2 30  ? -10.804 -6.031  -0.399  1.00 25.24 ? 30  GLY B O   1 
ATOM   1051 N N   . PRO B 2 31  ? -8.782  -5.640  -1.320  1.00 24.44 ? 31  PRO B N   1 
ATOM   1052 C CA  . PRO B 2 31  ? -8.753  -7.013  -1.865  1.00 20.90 ? 31  PRO B CA  1 
ATOM   1053 C C   . PRO B 2 31  ? -9.012  -8.114  -0.850  1.00 25.71 ? 31  PRO B C   1 
ATOM   1054 O O   . PRO B 2 31  ? -9.545  -9.159  -1.240  1.00 26.09 ? 31  PRO B O   1 
ATOM   1055 C CB  . PRO B 2 31  ? -7.337  -7.131  -2.455  1.00 22.02 ? 31  PRO B CB  1 
ATOM   1056 C CG  . PRO B 2 31  ? -6.998  -5.738  -2.852  1.00 21.46 ? 31  PRO B CG  1 
ATOM   1057 C CD  . PRO B 2 31  ? -7.589  -4.859  -1.741  1.00 19.77 ? 31  PRO B CD  1 
ATOM   1058 N N   . SER B 2 32  ? -8.644  -7.951  0.429   1.00 22.15 ? 32  SER B N   1 
ATOM   1059 C CA  . SER B 2 32  ? -8.853  -9.023  1.387   0.73 23.13 ? 32  SER B CA  1 
ATOM   1060 C C   . SER B 2 32  ? -9.869  -8.664  2.476   1.00 25.43 ? 32  SER B C   1 
ATOM   1061 O O   . SER B 2 32  ? -10.082 -9.449  3.403   1.00 22.32 ? 32  SER B O   1 
ATOM   1062 C CB  . SER B 2 32  ? -7.501  -9.439  2.003   1.00 21.53 ? 32  SER B CB  1 
ATOM   1063 O OG  . SER B 2 32  ? -6.856  -8.326  2.599   0.75 23.87 ? 32  SER B OG  1 
ATOM   1064 N N   . SER B 2 33  ? -10.519 -7.521  2.374   1.00 22.59 ? 33  SER B N   1 
ATOM   1065 C CA  . SER B 2 33  ? -11.361 -7.059  3.459   1.00 25.31 ? 33  SER B CA  1 
ATOM   1066 C C   . SER B 2 33  ? -12.687 -7.839  3.483   1.00 25.65 ? 33  SER B C   1 
ATOM   1067 O O   . SER B 2 33  ? -13.344 -7.985  2.440   1.00 24.99 ? 33  SER B O   1 
ATOM   1068 C CB  . SER B 2 33  ? -11.660 -5.578  3.304   1.00 22.35 ? 33  SER B CB  1 
ATOM   1069 O OG  . SER B 2 33  ? -12.668 -5.276  4.261   1.00 22.63 ? 33  SER B OG  1 
ATOM   1070 N N   . GLY B 2 34  ? -13.103 -8.282  4.669   1.00 26.45 ? 34  GLY B N   1 
ATOM   1071 C CA  . GLY B 2 34  ? -14.467 -8.811  4.807   1.00 27.27 ? 34  GLY B CA  1 
ATOM   1072 C C   . GLY B 2 34  ? -15.464 -7.810  5.384   1.00 36.57 ? 34  GLY B C   1 
ATOM   1073 O O   . GLY B 2 34  ? -16.564 -8.193  5.822   1.00 22.21 ? 34  GLY B O   1 
ATOM   1074 N N   . ALA B 2 35  ? -15.118 -6.520  5.380   1.00 30.93 ? 35  ALA B N   1 
ATOM   1075 C CA  . ALA B 2 35  ? -15.952 -5.521  6.063   1.00 30.69 ? 35  ALA B CA  1 
ATOM   1076 C C   . ALA B 2 35  ? -17.308 -5.376  5.375   1.00 29.69 ? 35  ALA B C   1 
ATOM   1077 O O   . ALA B 2 35  ? -17.418 -5.553  4.157   1.00 27.07 ? 35  ALA B O   1 
ATOM   1078 C CB  . ALA B 2 35  ? -15.252 -4.146  6.110   1.00 25.64 ? 35  ALA B CB  1 
ATOM   1079 N N   . PRO B 2 36  ? -18.363 -5.070  6.135   1.00 28.20 ? 36  PRO B N   1 
ATOM   1080 C CA  . PRO B 2 36  ? -19.660 -4.827  5.504   1.00 28.77 ? 36  PRO B CA  1 
ATOM   1081 C C   . PRO B 2 36  ? -19.561 -3.683  4.517   1.00 31.44 ? 36  PRO B C   1 
ATOM   1082 O O   . PRO B 2 36  ? -18.791 -2.727  4.726   1.00 34.85 ? 36  PRO B O   1 
ATOM   1083 C CB  . PRO B 2 36  ? -20.577 -4.471  6.687   1.00 34.89 ? 36  PRO B CB  1 
ATOM   1084 C CG  . PRO B 2 36  ? -19.863 -4.923  7.971   1.00 20.36 ? 36  PRO B CG  1 
ATOM   1085 C CD  . PRO B 2 36  ? -18.364 -4.864  7.598   1.00 26.44 ? 36  PRO B CD  1 
ATOM   1086 N N   . PRO B 2 37  ? -20.351 -3.716  3.430   1.00 39.92 ? 37  PRO B N   1 
ATOM   1087 C CA  . PRO B 2 37  ? -20.300 -2.632  2.439   1.00 47.97 ? 37  PRO B CA  1 
ATOM   1088 C C   . PRO B 2 37  ? -20.962 -1.358  2.960   1.00 56.17 ? 37  PRO B C   1 
ATOM   1089 O O   . PRO B 2 37  ? -21.824 -1.485  3.839   1.00 52.03 ? 37  PRO B O   1 
ATOM   1090 C CB  . PRO B 2 37  ? -21.068 -3.217  1.244   1.00 42.00 ? 37  PRO B CB  1 
ATOM   1091 C CG  . PRO B 2 37  ? -22.089 -4.135  1.882   1.00 61.51 ? 37  PRO B CG  1 
ATOM   1092 C CD  . PRO B 2 37  ? -21.476 -4.646  3.183   1.00 56.75 ? 37  PRO B CD  1 
HETATM 1093 O O   . HOH C 3 .   ? 1.126   -9.105  -14.180 1.00 42.00 ? 201 HOH A O   1 
HETATM 1094 O O   . HOH C 3 .   ? 1.348   -13.672 -5.879  1.00 28.11 ? 202 HOH A O   1 
HETATM 1095 O O   . HOH C 3 .   ? 13.218  -10.561 0.277   1.00 41.51 ? 203 HOH A O   1 
HETATM 1096 O O   . HOH C 3 .   ? 12.748  5.590   9.908   1.00 49.23 ? 204 HOH A O   1 
HETATM 1097 O O   . HOH C 3 .   ? 13.626  -14.269 -1.782  1.00 42.99 ? 205 HOH A O   1 
HETATM 1098 O O   . HOH C 3 .   ? -1.725  10.830  3.191   1.00 47.47 ? 206 HOH A O   1 
HETATM 1099 O O   . HOH C 3 .   ? 7.455   -0.853  -1.357  1.00 20.12 ? 207 HOH A O   1 
HETATM 1100 O O   . HOH C 3 .   ? -2.655  10.407  -3.805  1.00 39.36 ? 208 HOH A O   1 
HETATM 1101 O O   . HOH C 3 .   ? 1.824   0.912   12.537  1.00 18.02 ? 209 HOH A O   1 
HETATM 1102 O O   . HOH C 3 .   ? -0.376  6.445   -2.661  1.00 19.94 ? 210 HOH A O   1 
HETATM 1103 O O   . HOH C 3 .   ? 7.396   12.819  6.082   1.00 24.19 ? 211 HOH A O   1 
HETATM 1104 O O   . HOH C 3 .   ? -1.669  -4.089  15.113  1.00 33.09 ? 212 HOH A O   1 
HETATM 1105 O O   . HOH C 3 .   ? -0.653  -0.475  7.067   1.00 39.98 ? 213 HOH A O   1 
HETATM 1106 O O   . HOH C 3 .   ? 9.619   -7.319  -0.951  1.00 36.76 ? 214 HOH A O   1 
HETATM 1107 O O   . HOH C 3 .   ? 9.099   -4.018  1.997   1.00 29.85 ? 215 HOH A O   1 
HETATM 1108 O O   . HOH C 3 .   ? 9.303   3.981   -4.883  1.00 34.25 ? 216 HOH A O   1 
HETATM 1109 O O   . HOH C 3 .   ? -3.938  -1.254  3.006   1.00 21.41 ? 217 HOH A O   1 
HETATM 1110 O O   . HOH C 3 .   ? 13.331  4.229   -1.958  1.00 50.55 ? 218 HOH A O   1 
HETATM 1111 O O   . HOH C 3 .   ? 4.767   14.097  4.557   1.00 40.00 ? 219 HOH A O   1 
HETATM 1112 O O   . HOH C 3 .   ? 11.195  -17.026 -5.607  1.00 22.08 ? 220 HOH A O   1 
HETATM 1113 O O   . HOH C 3 .   ? 0.678   1.922   -12.489 1.00 26.40 ? 221 HOH A O   1 
HETATM 1114 O O   . HOH C 3 .   ? 4.477   -9.847  17.261  1.00 43.92 ? 222 HOH A O   1 
HETATM 1115 O O   . HOH C 3 .   ? 4.607   8.700   3.678   1.00 17.18 ? 223 HOH A O   1 
HETATM 1116 O O   . HOH C 3 .   ? -2.801  0.785   7.415   1.00 33.50 ? 224 HOH A O   1 
HETATM 1117 O O   . HOH C 3 .   ? 10.404  11.860  -4.112  1.00 36.68 ? 225 HOH A O   1 
HETATM 1118 O O   . HOH C 3 .   ? 11.302  5.634   -2.598  1.00 29.13 ? 226 HOH A O   1 
HETATM 1119 O O   . HOH C 3 .   ? -3.627  -8.363  3.577   1.00 37.65 ? 227 HOH A O   1 
HETATM 1120 O O   . HOH C 3 .   ? 2.663   10.980  10.575  1.00 31.65 ? 228 HOH A O   1 
HETATM 1121 O O   . HOH C 3 .   ? -10.432 2.077   23.216  1.00 31.91 ? 229 HOH A O   1 
HETATM 1122 O O   . HOH C 3 .   ? 13.179  0.320   11.507  1.00 44.05 ? 230 HOH A O   1 
HETATM 1123 O O   . HOH C 3 .   ? 5.925   -11.433 16.593  1.00 44.96 ? 231 HOH A O   1 
HETATM 1124 O O   . HOH C 3 .   ? 6.429   -12.400 11.239  1.00 50.33 ? 232 HOH A O   1 
HETATM 1125 O O   . HOH C 3 .   ? 4.771   3.007   -11.812 1.00 33.59 ? 233 HOH A O   1 
HETATM 1126 O O   . HOH C 3 .   ? -7.663  3.561   20.026  1.00 35.03 ? 234 HOH A O   1 
HETATM 1127 O O   . HOH C 3 .   ? 12.225  -1.733  5.241   1.00 38.29 ? 235 HOH A O   1 
HETATM 1128 O O   . HOH C 3 .   ? 14.025  -3.029  20.076  1.00 46.57 ? 236 HOH A O   1 
HETATM 1129 O O   . HOH C 3 .   ? 0.059   -11.634 -7.156  1.00 20.28 ? 237 HOH A O   1 
HETATM 1130 O O   . HOH C 3 .   ? 5.540   6.495   -12.528 1.00 34.46 ? 238 HOH A O   1 
HETATM 1131 O O   . HOH C 3 .   ? -2.177  3.742   -14.985 1.00 45.53 ? 239 HOH A O   1 
HETATM 1132 O O   . HOH C 3 .   ? -1.180  8.735   5.481   1.00 29.03 ? 240 HOH A O   1 
HETATM 1133 O O   . HOH C 3 .   ? 11.322  -0.601  0.635   1.00 31.17 ? 241 HOH A O   1 
HETATM 1134 O O   . HOH C 3 .   ? 11.121  -9.224  7.305   1.00 30.87 ? 242 HOH A O   1 
HETATM 1135 O O   . HOH C 3 .   ? 8.940   -5.409  -4.945  1.00 30.98 ? 243 HOH A O   1 
HETATM 1136 O O   . HOH C 3 .   ? 12.468  4.770   14.719  1.00 30.05 ? 244 HOH A O   1 
HETATM 1137 O O   . HOH C 3 .   ? 14.531  -17.033 -4.467  1.00 41.62 ? 245 HOH A O   1 
HETATM 1138 O O   . HOH C 3 .   ? 1.315   -1.837  21.566  1.00 45.76 ? 246 HOH A O   1 
HETATM 1139 O O   . HOH C 3 .   ? -14.606 3.975   14.456  1.00 30.85 ? 247 HOH A O   1 
HETATM 1140 O O   . HOH C 3 .   ? -1.563  -5.546  8.113   1.00 26.82 ? 248 HOH A O   1 
HETATM 1141 O O   . HOH C 3 .   ? 9.886   -10.333 5.001   1.00 25.74 ? 249 HOH A O   1 
HETATM 1142 O O   . HOH C 3 .   ? 10.813  -10.014 -3.485  1.00 22.75 ? 250 HOH A O   1 
HETATM 1143 O O   . HOH C 3 .   ? 7.328   -7.313  -13.164 1.00 31.01 ? 251 HOH A O   1 
HETATM 1144 O O   . HOH C 3 .   ? 8.499   -8.530  -11.033 1.00 41.92 ? 252 HOH A O   1 
HETATM 1145 O O   . HOH C 3 .   ? 8.280   -8.323  3.966   1.00 30.68 ? 253 HOH A O   1 
HETATM 1146 O O   . HOH C 3 .   ? -4.801  8.926   1.994   1.00 52.21 ? 254 HOH A O   1 
HETATM 1147 O O   . HOH C 3 .   ? 8.491   -0.031  -3.936  1.00 21.83 ? 255 HOH A O   1 
HETATM 1148 O O   . HOH C 3 .   ? 3.222   -8.736  15.065  1.00 33.03 ? 256 HOH A O   1 
HETATM 1149 O O   . HOH C 3 .   ? 10.769  -3.947  23.483  1.00 48.93 ? 257 HOH A O   1 
HETATM 1150 O O   . HOH C 3 .   ? -0.433  -5.875  10.172  1.00 24.82 ? 258 HOH A O   1 
HETATM 1151 O O   . HOH C 3 .   ? -4.757  2.542   13.362  1.00 26.67 ? 259 HOH A O   1 
HETATM 1152 O O   . HOH C 3 .   ? 0.619   -6.273  15.237  1.00 27.62 ? 260 HOH A O   1 
HETATM 1153 O O   . HOH C 3 .   ? 0.486   -10.837 4.470   1.00 30.14 ? 261 HOH A O   1 
HETATM 1154 O O   . HOH C 3 .   ? -2.723  5.060   5.669   1.00 32.20 ? 262 HOH A O   1 
HETATM 1155 O O   . HOH C 3 .   ? 14.446  -10.410 -5.761  1.00 47.66 ? 263 HOH A O   1 
HETATM 1156 O O   . HOH C 3 .   ? -3.218  -10.883 1.187   1.00 45.87 ? 264 HOH A O   1 
HETATM 1157 O O   . HOH C 3 .   ? 13.974  0.781   18.937  1.00 49.37 ? 265 HOH A O   1 
HETATM 1158 O O   . HOH C 3 .   ? 3.668   14.626  -0.396  1.00 47.63 ? 266 HOH A O   1 
HETATM 1159 O O   . HOH C 3 .   ? 12.954  0.788   8.507   1.00 29.88 ? 267 HOH A O   1 
HETATM 1160 O O   . HOH C 3 .   ? 11.735  -1.483  22.413  1.00 39.64 ? 268 HOH A O   1 
HETATM 1161 O O   . HOH C 3 .   ? -9.522  -3.352  19.106  1.00 47.55 ? 269 HOH A O   1 
HETATM 1162 O O   . HOH C 3 .   ? -5.053  -5.406  4.790   1.00 28.81 ? 270 HOH A O   1 
HETATM 1163 O O   . HOH C 3 .   ? 14.468  6.112   -1.140  1.00 43.81 ? 271 HOH A O   1 
HETATM 1164 O O   . HOH C 3 .   ? 7.004   -5.962  -3.180  1.00 31.59 ? 272 HOH A O   1 
HETATM 1165 O O   . HOH C 3 .   ? 10.233  4.462   21.010  1.00 37.85 ? 273 HOH A O   1 
HETATM 1166 O O   . HOH C 3 .   ? 11.614  8.746   -11.151 1.00 44.70 ? 274 HOH A O   1 
HETATM 1167 O O   . HOH C 3 .   ? 12.744  -2.135  11.929  1.00 37.18 ? 275 HOH A O   1 
HETATM 1168 O O   . HOH C 3 .   ? 0.303   8.370   -19.689 1.00 57.83 ? 276 HOH A O   1 
HETATM 1169 O O   . HOH C 3 .   ? 8.264   -13.478 10.800  1.00 51.29 ? 277 HOH A O   1 
HETATM 1170 O O   . HOH C 3 .   ? 1.321   -8.368  10.967  1.00 31.87 ? 278 HOH A O   1 
HETATM 1171 O O   . HOH C 3 .   ? -3.317  5.271   9.645   1.00 30.86 ? 279 HOH A O   1 
HETATM 1172 O O   . HOH C 3 .   ? 12.882  -3.267  9.986   1.00 51.08 ? 280 HOH A O   1 
HETATM 1173 O O   . HOH C 3 .   ? 1.827   -3.803  -16.477 1.00 43.48 ? 281 HOH A O   1 
HETATM 1174 O O   . HOH C 3 .   ? 6.074   1.857   22.230  0.50 11.92 ? 282 HOH A O   1 
HETATM 1175 O O   . HOH C 3 .   ? -6.657  3.187   22.942  1.00 43.36 ? 283 HOH A O   1 
HETATM 1176 O O   . HOH C 3 .   ? -1.022  -0.932  19.173  1.00 37.37 ? 284 HOH A O   1 
HETATM 1177 O O   . HOH C 3 .   ? 2.702   2.525   -14.241 1.00 42.18 ? 285 HOH A O   1 
HETATM 1178 O O   . HOH C 3 .   ? -0.397  10.247  10.143  1.00 44.37 ? 286 HOH A O   1 
HETATM 1179 O O   . HOH C 3 .   ? 12.980  -11.507 -2.468  1.00 44.24 ? 287 HOH A O   1 
HETATM 1180 O O   . HOH C 3 .   ? 4.380   -0.198  23.803  1.00 30.76 ? 288 HOH A O   1 
HETATM 1181 O O   . HOH C 3 .   ? -0.572  11.295  7.293   1.00 45.44 ? 289 HOH A O   1 
HETATM 1182 O O   . HOH C 3 .   ? 12.776  1.022   -4.487  1.00 48.96 ? 290 HOH A O   1 
HETATM 1183 O O   . HOH C 3 .   ? -9.148  -4.551  6.782   1.00 54.91 ? 291 HOH A O   1 
HETATM 1184 O O   . HOH C 3 .   ? 4.544   -1.098  26.276  1.00 34.60 ? 292 HOH A O   1 
HETATM 1185 O O   . HOH C 3 .   ? 3.415   -5.645  -15.228 1.00 37.74 ? 293 HOH A O   1 
HETATM 1186 O O   . HOH C 3 .   ? 10.088  -6.535  2.614   1.00 41.45 ? 294 HOH A O   1 
HETATM 1187 O O   . HOH C 3 .   ? 9.477   -2.579  -0.441  1.00 43.85 ? 295 HOH A O   1 
HETATM 1188 O O   . HOH C 3 .   ? -3.612  7.773   5.572   1.00 44.73 ? 296 HOH A O   1 
HETATM 1189 O O   . HOH C 3 .   ? 11.348  -0.534  -4.426  1.00 48.51 ? 297 HOH A O   1 
HETATM 1190 O O   . HOH C 3 .   ? 9.418   3.036   -8.502  1.00 47.57 ? 298 HOH A O   1 
HETATM 1191 O O   . HOH C 3 .   ? -0.753  -6.255  12.972  1.00 39.88 ? 299 HOH A O   1 
HETATM 1192 O O   . HOH C 3 .   ? -6.539  -9.189  -10.026 1.00 43.47 ? 300 HOH A O   1 
HETATM 1193 O O   . HOH C 3 .   ? 15.596  4.608   9.545   1.00 44.87 ? 301 HOH A O   1 
HETATM 1194 O O   . HOH C 3 .   ? 10.291  7.007   18.625  1.00 50.19 ? 302 HOH A O   1 
HETATM 1195 O O   . HOH C 3 .   ? -4.856  5.084   12.134  1.00 34.33 ? 303 HOH A O   1 
HETATM 1196 O O   . HOH C 3 .   ? 11.013  2.049   -6.512  1.00 60.98 ? 304 HOH A O   1 
HETATM 1197 O O   . HOH C 3 .   ? 13.705  -5.444  21.901  1.00 55.41 ? 305 HOH A O   1 
HETATM 1198 O O   . HOH D 3 .   ? -21.907 17.438  -13.186 1.00 66.83 ? 101 HOH B O   1 
HETATM 1199 O O   . HOH D 3 .   ? -2.607  7.974   -2.421  1.00 40.86 ? 102 HOH B O   1 
HETATM 1200 O O   . HOH D 3 .   ? -19.928 17.346  -23.440 1.00 61.53 ? 103 HOH B O   1 
HETATM 1201 O O   . HOH D 3 .   ? -12.905 -7.708  -0.781  1.00 34.50 ? 104 HOH B O   1 
HETATM 1202 O O   . HOH D 3 .   ? -11.740 -3.312  5.953   1.00 40.13 ? 105 HOH B O   1 
HETATM 1203 O O   . HOH D 3 .   ? -5.676  7.189   -5.006  1.00 37.95 ? 106 HOH B O   1 
HETATM 1204 O O   . HOH D 3 .   ? -7.642  -6.168  4.650   1.00 41.69 ? 107 HOH B O   1 
HETATM 1205 O O   . HOH D 3 .   ? -11.464 -7.484  7.170   1.00 41.73 ? 108 HOH B O   1 
HETATM 1206 O O   . HOH D 3 .   ? -13.541 0.330   2.756   1.00 58.66 ? 109 HOH B O   1 
HETATM 1207 O O   . HOH D 3 .   ? -13.960 0.102   0.227   1.00 50.21 ? 110 HOH B O   1 
HETATM 1208 O O   . HOH D 3 .   ? -9.361  -9.152  -5.661  0.50 38.19 ? 111 HOH B O   1 
HETATM 1209 O O   . HOH D 3 .   ? -8.793  -6.977  6.906   1.00 56.16 ? 112 HOH B O   1 
HETATM 1210 O O   . HOH D 3 .   ? -12.521 -8.758  -5.859  1.00 43.46 ? 113 HOH B O   1 
# 
